data_4X28
#
_entry.id   4X28
#
_cell.length_a   185.745
_cell.length_b   108.095
_cell.length_c   82.019
_cell.angle_alpha   90.00
_cell.angle_beta   93.04
_cell.angle_gamma   90.00
#
_symmetry.space_group_name_H-M   'C 1 2 1'
#
loop_
_entity.id
_entity.type
_entity.pdbx_description
1 polymer 'Acyl-CoA dehydrogenase'
2 polymer 'Acyl-CoA dehydrogenase'
3 non-polymer 'DIHYDROFLAVINE-ADENINE DINUCLEOTIDE'
4 water water
#
loop_
_entity_poly.entity_id
_entity_poly.type
_entity_poly.pdbx_seq_one_letter_code
_entity_poly.pdbx_strand_id
1 'polypeptide(L)'
;(MSE)RISYTPQQEELRRELRSYFATL(MSE)TPERREALSSVQGEYGVGNVYRETIAQ(MSE)GRDGWLALGWPKEYGG
QGRSA(MSE)DQLIFTDEAAIAGAPVPFLTINSVAPTI(MSE)AYGTDEQKRFFLPRIAAGDLHFSIGYSEPGAGTDLAN
LRTTAVRDGDDYVVNGQK(MSE)WTSLIQYADYVWLAVRTNPESSGAKKHRGISVLIVPTTAEGFSWTPVHT(MSE)AGP
DTSATYYSDVRVPVANRVGEENAGWKLVTNQLNHERVALVSPAPIFGCLREVREWAQNTKDAGGTRLIDSEWVQLNLARV
HAKAEVLKLINWELASSQSGPKDAGPSPADASAAKVFGTELATEAYRLL(MSE)EVLGTAATLRQNSPGALLRGRVER
(MSE)HRACLILTFGGGTNEVQRDIIG(MSE)VALGLPRANR
;
A,B
2 'polypeptide(L)'
;(MSE)DFTTTEAAQDLGGLVDTIVDAVCTPEHQRELDKLEQRFDRELWRKLIDAGILSSAAPESLGGDGFGVLEQVAVLV
ALGHQLAAVPYLESVVLAAGALARFGSPELQQGWGVSAVSGDRILTVALDGE(MSE)GEGPVQAAGTGHGYRLTGTRTQV
GYGPVADAFLVPAETDSGAAVFLVAAGDPGVAVTALATTGLGSVGHLELNGAKVDAARRVGGTDVAVWLGTLSTLSRTAF
QLGVLERGLQ(MSE)TAEYARTREQFDRPIGSFQAVGQRLADGYIDVKGLRLTLTQAAWRVAEDSLASRECPQPADIDVA
TAGFWAAEAGHRVAHTIVHVHGGVGVDTDHPVHRYFLAAKQTEFALGGATGQLRRIGRELAETPA
;
D,C
#
# COMPACT_ATOMS: atom_id res chain seq x y z
N ARG A 2 -17.63 26.57 -5.28
CA ARG A 2 -18.70 25.90 -4.53
C ARG A 2 -18.46 24.37 -4.57
N ILE A 3 -18.22 23.76 -3.41
CA ILE A 3 -18.01 22.32 -3.29
C ILE A 3 -19.20 21.67 -2.60
N SER A 4 -20.37 21.80 -3.25
CA SER A 4 -21.64 21.15 -2.82
C SER A 4 -22.68 21.29 -3.96
N TYR A 5 -23.75 20.51 -3.84
CA TYR A 5 -24.85 20.53 -4.76
C TYR A 5 -25.58 21.85 -4.59
N THR A 6 -26.07 22.40 -5.70
CA THR A 6 -27.02 23.52 -5.67
C THR A 6 -28.43 23.04 -5.25
N PRO A 7 -29.28 23.96 -4.78
CA PRO A 7 -30.64 23.50 -4.48
C PRO A 7 -31.29 22.72 -5.59
N GLN A 8 -31.12 23.14 -6.82
CA GLN A 8 -31.75 22.43 -7.91
C GLN A 8 -31.19 21.00 -8.03
N GLN A 9 -29.89 20.84 -7.80
CA GLN A 9 -29.28 19.53 -7.88
C GLN A 9 -29.79 18.65 -6.76
N GLU A 10 -29.92 19.21 -5.58
CA GLU A 10 -30.55 18.49 -4.48
C GLU A 10 -31.97 18.02 -4.80
N GLU A 11 -32.72 18.85 -5.46
CA GLU A 11 -34.07 18.44 -5.84
C GLU A 11 -34.02 17.29 -6.85
N LEU A 12 -33.14 17.37 -7.82
CA LEU A 12 -32.92 16.25 -8.74
C LEU A 12 -32.55 14.93 -8.00
N ARG A 13 -31.69 15.02 -7.01
CA ARG A 13 -31.33 13.87 -6.21
C ARG A 13 -32.55 13.29 -5.54
N ARG A 14 -33.33 14.13 -4.91
CA ARG A 14 -34.55 13.65 -4.24
C ARG A 14 -35.49 13.04 -5.24
N GLU A 15 -35.64 13.66 -6.40
CA GLU A 15 -36.54 13.17 -7.40
C GLU A 15 -36.13 11.80 -7.93
N LEU A 16 -34.84 11.64 -8.19
CA LEU A 16 -34.29 10.36 -8.66
C LEU A 16 -34.29 9.31 -7.57
N ARG A 17 -34.03 9.67 -6.34
CA ARG A 17 -34.04 8.71 -5.26
C ARG A 17 -35.41 8.04 -5.17
N SER A 18 -36.44 8.85 -5.19
CA SER A 18 -37.79 8.37 -5.16
C SER A 18 -38.17 7.58 -6.42
N TYR A 19 -37.80 8.11 -7.56
CA TYR A 19 -38.10 7.46 -8.84
C TYR A 19 -37.52 6.07 -8.89
N PHE A 20 -36.24 5.94 -8.58
CA PHE A 20 -35.60 4.64 -8.66
C PHE A 20 -36.08 3.64 -7.60
N ALA A 21 -36.47 4.14 -6.44
CA ALA A 21 -37.05 3.31 -5.38
C ALA A 21 -38.39 2.67 -5.84
N THR A 22 -39.14 3.41 -6.64
CA THR A 22 -40.39 2.84 -7.23
C THR A 22 -40.06 1.98 -8.43
N LEU A 23 -39.02 2.30 -9.15
CA LEU A 23 -38.70 1.43 -10.27
C LEU A 23 -37.99 0.12 -9.88
N THR A 25 -37.82 -2.21 -7.50
CA THR A 25 -38.32 -2.96 -6.35
C THR A 25 -37.60 -4.28 -6.21
N PRO A 26 -37.80 -4.95 -5.05
CA PRO A 26 -37.19 -6.26 -4.90
C PRO A 26 -37.59 -7.23 -5.96
N GLU A 27 -38.84 -7.17 -6.39
CA GLU A 27 -39.30 -8.05 -7.44
C GLU A 27 -38.57 -7.82 -8.76
N ARG A 28 -38.43 -6.55 -9.10
CA ARG A 28 -37.77 -6.22 -10.36
C ARG A 28 -36.30 -6.57 -10.30
N ARG A 29 -35.65 -6.30 -9.18
CA ARG A 29 -34.25 -6.73 -9.01
C ARG A 29 -34.03 -8.23 -9.07
N GLU A 30 -34.90 -8.97 -8.39
CA GLU A 30 -34.84 -10.43 -8.39
C GLU A 30 -34.82 -10.87 -9.80
N ALA A 31 -35.78 -10.37 -10.57
CA ALA A 31 -35.86 -10.75 -11.95
C ALA A 31 -34.64 -10.37 -12.77
N LEU A 32 -34.06 -9.20 -12.55
CA LEU A 32 -32.92 -8.80 -13.38
C LEU A 32 -31.69 -9.56 -12.98
N SER A 33 -31.54 -9.88 -11.71
CA SER A 33 -30.33 -10.55 -11.27
C SER A 33 -30.48 -12.08 -11.30
N SER A 34 -31.15 -12.62 -12.30
CA SER A 34 -31.21 -14.07 -12.39
C SER A 34 -31.17 -14.54 -13.81
N VAL A 35 -30.99 -15.84 -14.02
CA VAL A 35 -30.91 -16.35 -15.41
C VAL A 35 -32.28 -16.26 -16.10
N ASN A 43 -39.46 -9.18 -21.64
CA ASN A 43 -39.85 -9.12 -20.23
C ASN A 43 -38.98 -8.05 -19.55
N VAL A 44 -38.43 -8.32 -18.38
CA VAL A 44 -38.14 -7.28 -17.41
C VAL A 44 -37.10 -6.25 -17.85
N TYR A 45 -36.02 -6.74 -18.45
CA TYR A 45 -34.94 -5.82 -18.80
C TYR A 45 -35.50 -4.83 -19.81
N ARG A 46 -36.20 -5.31 -20.84
CA ARG A 46 -36.68 -4.41 -21.89
C ARG A 46 -37.78 -3.49 -21.38
N GLU A 47 -38.61 -3.96 -20.46
CA GLU A 47 -39.65 -3.16 -19.91
C GLU A 47 -39.07 -2.07 -19.05
N THR A 48 -38.00 -2.39 -18.35
CA THR A 48 -37.43 -1.47 -17.40
C THR A 48 -36.84 -0.29 -18.18
N ILE A 49 -36.14 -0.60 -19.25
CA ILE A 49 -35.50 0.43 -20.03
C ILE A 49 -36.58 1.28 -20.76
N ALA A 50 -37.64 0.63 -21.23
CA ALA A 50 -38.67 1.36 -21.94
C ALA A 50 -39.38 2.29 -20.97
N GLN A 51 -39.52 1.85 -19.71
CA GLN A 51 -40.12 2.72 -18.74
C GLN A 51 -39.27 4.00 -18.52
N GLY A 53 -37.19 5.25 -20.54
CA GLY A 53 -37.30 6.03 -21.78
C GLY A 53 -38.59 6.87 -21.77
N ARG A 54 -39.72 6.25 -21.42
CA ARG A 54 -41.01 6.98 -21.47
C ARG A 54 -40.95 8.10 -20.47
N ASP A 55 -40.26 7.88 -19.35
CA ASP A 55 -40.15 8.89 -18.33
C ASP A 55 -39.14 10.00 -18.63
N GLY A 56 -38.43 9.88 -19.74
CA GLY A 56 -37.52 10.89 -20.20
C GLY A 56 -36.09 10.83 -19.69
N TRP A 57 -35.70 9.78 -18.97
CA TRP A 57 -34.39 9.76 -18.32
C TRP A 57 -33.23 9.35 -19.28
N LEU A 58 -33.51 8.64 -20.33
CA LEU A 58 -32.48 8.18 -21.25
C LEU A 58 -31.86 9.33 -22.02
N ALA A 59 -32.66 10.39 -22.27
CA ALA A 59 -32.20 11.53 -23.07
C ALA A 59 -31.95 12.78 -22.22
N LEU A 60 -31.87 12.58 -20.92
CA LEU A 60 -31.70 13.67 -19.97
C LEU A 60 -30.57 14.60 -20.37
N GLY A 61 -29.48 14.00 -20.80
CA GLY A 61 -28.29 14.72 -21.12
C GLY A 61 -28.11 15.09 -22.56
N TRP A 62 -29.02 14.70 -23.42
CA TRP A 62 -28.88 15.04 -24.83
C TRP A 62 -29.25 16.50 -25.10
N PRO A 63 -28.65 17.12 -26.11
CA PRO A 63 -29.14 18.45 -26.51
C PRO A 63 -30.66 18.48 -26.80
N LYS A 64 -31.30 19.60 -26.54
CA LYS A 64 -32.70 19.76 -26.91
C LYS A 64 -32.99 19.54 -28.40
N GLU A 65 -32.08 20.00 -29.26
CA GLU A 65 -32.12 19.77 -30.71
C GLU A 65 -32.38 18.32 -31.04
N TYR A 66 -31.99 17.38 -30.18
CA TYR A 66 -32.13 15.94 -30.52
C TYR A 66 -33.07 15.25 -29.63
N GLY A 67 -33.95 16.04 -29.02
CA GLY A 67 -35.01 15.47 -28.19
C GLY A 67 -34.69 15.34 -26.72
N GLY A 68 -33.58 15.92 -26.29
CA GLY A 68 -33.16 15.74 -24.92
C GLY A 68 -33.60 16.87 -24.06
N GLN A 69 -33.23 16.80 -22.79
CA GLN A 69 -33.57 17.84 -21.88
C GLN A 69 -32.45 18.83 -21.77
N GLY A 70 -31.30 18.53 -22.37
CA GLY A 70 -30.23 19.51 -22.36
C GLY A 70 -29.57 19.66 -21.00
N ARG A 71 -29.62 18.69 -20.11
CA ARG A 71 -29.07 18.93 -18.74
C ARG A 71 -27.54 18.81 -18.62
N SER A 72 -26.99 19.31 -17.54
CA SER A 72 -25.52 19.40 -17.40
C SER A 72 -24.85 18.06 -17.09
N ALA A 73 -23.53 18.06 -17.18
CA ALA A 73 -22.72 16.91 -16.85
C ALA A 73 -22.89 16.59 -15.34
N ASP A 75 -25.72 17.02 -13.66
CA ASP A 75 -26.99 16.33 -13.57
C ASP A 75 -26.84 14.86 -14.00
N GLN A 76 -26.08 14.62 -15.04
CA GLN A 76 -25.74 13.28 -15.48
C GLN A 76 -24.99 12.49 -14.42
N LEU A 77 -24.09 13.14 -13.72
CA LEU A 77 -23.36 12.50 -12.64
C LEU A 77 -24.32 12.06 -11.54
N ILE A 78 -25.27 12.93 -11.20
CA ILE A 78 -26.28 12.64 -10.21
C ILE A 78 -27.10 11.45 -10.61
N PHE A 79 -27.54 11.48 -11.85
CA PHE A 79 -28.26 10.37 -12.44
C PHE A 79 -27.50 9.02 -12.37
N THR A 80 -26.23 9.01 -12.77
CA THR A 80 -25.33 7.85 -12.62
C THR A 80 -25.24 7.37 -11.18
N ASP A 81 -25.04 8.28 -10.25
CA ASP A 81 -24.97 7.93 -8.85
C ASP A 81 -26.26 7.32 -8.32
N GLU A 82 -27.40 7.89 -8.69
CA GLU A 82 -28.68 7.41 -8.16
C GLU A 82 -29.07 6.09 -8.83
N ALA A 83 -28.79 5.95 -10.11
CA ALA A 83 -28.90 4.67 -10.69
C ALA A 83 -28.04 3.59 -9.94
N ALA A 84 -26.80 3.94 -9.62
CA ALA A 84 -25.87 3.02 -8.93
C ALA A 84 -26.43 2.69 -7.58
N ILE A 85 -27.03 3.66 -6.90
CA ILE A 85 -27.63 3.44 -5.61
C ILE A 85 -28.75 2.41 -5.69
N ALA A 86 -29.54 2.48 -6.74
CA ALA A 86 -30.70 1.64 -6.89
C ALA A 86 -30.42 0.32 -7.59
N GLY A 87 -29.24 0.16 -8.17
CA GLY A 87 -28.96 -0.99 -9.02
C GLY A 87 -29.68 -0.93 -10.35
N ALA A 88 -30.01 0.27 -10.86
CA ALA A 88 -30.78 0.34 -12.10
C ALA A 88 -29.87 0.07 -13.32
N PRO A 89 -30.28 -0.80 -14.26
CA PRO A 89 -29.46 -1.25 -15.43
C PRO A 89 -29.53 -0.31 -16.61
N VAL A 90 -29.22 0.95 -16.34
CA VAL A 90 -29.20 1.98 -17.36
C VAL A 90 -28.22 1.62 -18.47
N PRO A 91 -28.63 1.70 -19.72
CA PRO A 91 -27.67 1.32 -20.78
C PRO A 91 -26.74 2.48 -21.15
N PHE A 92 -25.79 2.74 -20.28
CA PHE A 92 -25.02 3.93 -20.35
C PHE A 92 -24.27 4.09 -21.63
N LEU A 93 -23.69 3.02 -22.14
CA LEU A 93 -22.90 3.10 -23.34
C LEU A 93 -23.78 3.50 -24.52
N THR A 94 -25.01 3.01 -24.55
CA THR A 94 -25.90 3.34 -25.66
C THR A 94 -26.25 4.81 -25.60
N ILE A 95 -26.61 5.30 -24.43
CA ILE A 95 -27.07 6.68 -24.31
C ILE A 95 -25.99 7.74 -24.16
N ASN A 96 -24.81 7.35 -23.65
CA ASN A 96 -23.74 8.28 -23.43
C ASN A 96 -22.67 8.20 -24.52
N SER A 97 -22.63 7.12 -25.29
CA SER A 97 -21.61 6.97 -26.34
C SER A 97 -22.21 6.75 -27.75
N VAL A 98 -23.05 5.74 -27.88
CA VAL A 98 -23.63 5.46 -29.20
C VAL A 98 -24.43 6.65 -29.72
N ALA A 99 -25.37 7.13 -28.90
CA ALA A 99 -26.26 8.18 -29.33
C ALA A 99 -25.50 9.49 -29.61
N PRO A 100 -24.61 9.96 -28.69
CA PRO A 100 -23.88 11.21 -29.04
C PRO A 100 -22.89 11.08 -30.20
N THR A 101 -22.42 9.87 -30.49
CA THR A 101 -21.57 9.63 -31.63
C THR A 101 -22.43 9.78 -32.89
N ILE A 102 -23.67 9.29 -32.84
CA ILE A 102 -24.60 9.45 -34.00
C ILE A 102 -24.90 10.93 -34.18
N ALA A 104 -22.99 13.43 -33.46
CA ALA A 104 -21.80 14.17 -33.89
C ALA A 104 -21.27 13.79 -35.25
N TYR A 105 -21.47 12.55 -35.67
CA TYR A 105 -20.83 12.06 -36.87
C TYR A 105 -21.77 11.29 -37.77
N GLY A 106 -23.04 11.18 -37.41
CA GLY A 106 -23.95 10.33 -38.16
C GLY A 106 -24.59 11.08 -39.33
N THR A 107 -25.17 10.29 -40.25
CA THR A 107 -25.96 10.84 -41.33
C THR A 107 -27.30 11.28 -40.81
N ASP A 108 -28.00 12.08 -41.61
CA ASP A 108 -29.32 12.55 -41.25
C ASP A 108 -30.32 11.42 -41.06
N GLU A 109 -30.22 10.37 -41.87
CA GLU A 109 -31.14 9.24 -41.80
C GLU A 109 -30.87 8.43 -40.50
N GLN A 110 -29.60 8.32 -40.10
CA GLN A 110 -29.22 7.67 -38.83
C GLN A 110 -29.76 8.45 -37.67
N LYS A 111 -29.53 9.74 -37.66
CA LYS A 111 -30.13 10.62 -36.66
C LYS A 111 -31.63 10.50 -36.53
N ARG A 112 -32.39 10.46 -37.63
CA ARG A 112 -33.86 10.41 -37.49
C ARG A 112 -34.39 9.03 -37.10
N PHE A 113 -33.77 7.96 -37.60
CA PHE A 113 -34.22 6.65 -37.21
C PHE A 113 -33.84 6.28 -35.75
N PHE A 114 -32.56 6.45 -35.39
CA PHE A 114 -32.02 5.84 -34.14
C PHE A 114 -32.30 6.67 -32.92
N LEU A 115 -32.11 7.97 -33.02
CA LEU A 115 -32.15 8.79 -31.82
C LEU A 115 -33.47 8.75 -31.05
N PRO A 116 -34.63 8.92 -31.72
CA PRO A 116 -35.86 8.83 -30.89
C PRO A 116 -36.21 7.43 -30.38
N ARG A 117 -35.82 6.36 -31.09
CA ARG A 117 -36.07 4.99 -30.64
C ARG A 117 -35.13 4.64 -29.47
N ILE A 118 -33.92 5.18 -29.48
CA ILE A 118 -33.01 5.04 -28.30
C ILE A 118 -33.59 5.81 -27.13
N ALA A 119 -33.96 7.06 -27.34
CA ALA A 119 -34.56 7.88 -26.26
C ALA A 119 -35.81 7.28 -25.60
N ALA A 120 -36.65 6.67 -26.42
CA ALA A 120 -37.83 5.97 -25.93
C ALA A 120 -37.52 4.68 -25.22
N GLY A 121 -36.34 4.10 -25.45
CA GLY A 121 -35.98 2.87 -24.79
C GLY A 121 -36.55 1.67 -25.47
N ASP A 122 -36.86 1.81 -26.76
CA ASP A 122 -37.40 0.73 -27.57
C ASP A 122 -36.38 0.03 -28.42
N LEU A 123 -35.20 0.61 -28.54
CA LEU A 123 -34.16 0.06 -29.38
C LEU A 123 -32.85 -0.07 -28.55
N HIS A 124 -32.26 -1.26 -28.60
CA HIS A 124 -31.14 -1.60 -27.75
C HIS A 124 -29.88 -1.92 -28.60
N PHE A 125 -28.74 -1.49 -28.09
CA PHE A 125 -27.45 -1.73 -28.73
C PHE A 125 -26.55 -2.56 -27.80
N SER A 126 -25.63 -3.34 -28.40
CA SER A 126 -24.45 -3.88 -27.73
C SER A 126 -23.19 -3.31 -28.40
N ILE A 127 -22.14 -3.18 -27.62
CA ILE A 127 -20.88 -2.64 -28.09
C ILE A 127 -19.97 -3.78 -28.55
N GLY A 128 -19.63 -3.77 -29.83
CA GLY A 128 -18.80 -4.75 -30.41
C GLY A 128 -17.46 -4.17 -30.71
N TYR A 129 -16.66 -3.97 -29.66
CA TYR A 129 -15.26 -3.53 -29.87
C TYR A 129 -14.18 -4.62 -29.73
N SER A 130 -14.09 -5.22 -28.54
CA SER A 130 -13.08 -6.18 -28.20
C SER A 130 -13.14 -7.48 -28.94
N GLU A 131 -11.96 -8.05 -29.13
CA GLU A 131 -11.79 -9.39 -29.68
C GLU A 131 -10.85 -10.22 -28.83
N PRO A 132 -10.74 -11.53 -29.13
CA PRO A 132 -9.77 -12.39 -28.44
C PRO A 132 -8.36 -11.85 -28.57
N GLY A 133 -7.99 -11.32 -29.74
CA GLY A 133 -6.71 -10.65 -29.92
C GLY A 133 -6.64 -9.16 -29.76
N ALA A 134 -7.73 -8.50 -29.30
CA ALA A 134 -7.74 -7.06 -29.19
C ALA A 134 -8.52 -6.68 -27.93
N GLY A 135 -7.81 -6.58 -26.84
CA GLY A 135 -8.43 -6.25 -25.56
C GLY A 135 -8.03 -4.85 -25.22
N THR A 136 -6.97 -4.71 -24.42
CA THR A 136 -6.39 -3.43 -24.16
C THR A 136 -5.91 -2.77 -25.43
N ASP A 137 -5.33 -3.56 -26.33
CA ASP A 137 -4.85 -3.04 -27.59
C ASP A 137 -5.95 -3.11 -28.65
N LEU A 138 -6.93 -2.20 -28.53
CA LEU A 138 -8.08 -2.23 -29.44
C LEU A 138 -7.71 -2.04 -30.91
N ALA A 139 -6.62 -1.28 -31.13
CA ALA A 139 -6.08 -1.06 -32.48
C ALA A 139 -5.66 -2.32 -33.22
N ASN A 140 -5.54 -3.42 -32.48
CA ASN A 140 -5.23 -4.73 -33.08
C ASN A 140 -6.42 -5.47 -33.64
N LEU A 141 -7.63 -4.92 -33.57
CA LEU A 141 -8.81 -5.66 -34.00
C LEU A 141 -8.67 -6.06 -35.48
N ARG A 142 -9.18 -7.24 -35.78
CA ARG A 142 -9.04 -7.80 -37.14
C ARG A 142 -10.37 -8.11 -37.82
N THR A 143 -11.52 -7.92 -37.14
CA THR A 143 -12.82 -8.20 -37.79
C THR A 143 -12.89 -7.29 -39.05
N THR A 144 -13.19 -7.85 -40.22
CA THR A 144 -13.05 -7.08 -41.46
C THR A 144 -14.36 -6.77 -42.11
N ALA A 145 -14.35 -5.66 -42.85
CA ALA A 145 -15.49 -5.25 -43.64
C ALA A 145 -14.99 -4.88 -45.04
N VAL A 146 -15.53 -5.58 -46.04
CA VAL A 146 -15.10 -5.46 -47.40
C VAL A 146 -16.26 -4.95 -48.23
N ARG A 147 -16.00 -3.94 -49.06
CA ARG A 147 -17.04 -3.34 -49.93
C ARG A 147 -17.52 -4.25 -51.02
N ASP A 148 -18.82 -4.40 -51.12
CA ASP A 148 -19.41 -5.18 -52.22
C ASP A 148 -20.68 -4.49 -52.66
N GLY A 149 -20.58 -3.70 -53.71
CA GLY A 149 -21.70 -2.90 -54.17
C GLY A 149 -22.02 -1.88 -53.12
N ASP A 150 -23.31 -1.79 -52.77
CA ASP A 150 -23.79 -0.87 -51.74
C ASP A 150 -23.79 -1.48 -50.34
N ASP A 151 -23.01 -2.54 -50.16
CA ASP A 151 -22.90 -3.22 -48.87
C ASP A 151 -21.45 -3.37 -48.45
N TYR A 152 -21.27 -3.45 -47.14
CA TYR A 152 -20.08 -4.11 -46.56
C TYR A 152 -20.34 -5.57 -46.24
N VAL A 153 -19.34 -6.40 -46.51
CA VAL A 153 -19.38 -7.79 -46.16
C VAL A 153 -18.44 -7.95 -44.97
N VAL A 154 -19.00 -8.40 -43.85
CA VAL A 154 -18.29 -8.41 -42.52
C VAL A 154 -17.95 -9.83 -42.10
N ASN A 155 -16.69 -10.03 -41.73
CA ASN A 155 -16.27 -11.29 -41.21
C ASN A 155 -15.37 -11.09 -39.98
N GLY A 156 -15.66 -11.84 -38.94
CA GLY A 156 -14.78 -11.94 -37.78
C GLY A 156 -15.56 -12.37 -36.57
N GLN A 157 -15.10 -11.91 -35.43
CA GLN A 157 -15.72 -12.20 -34.14
C GLN A 157 -15.31 -11.20 -33.07
N LYS A 158 -16.21 -10.98 -32.17
CA LYS A 158 -15.97 -10.08 -31.06
C LYS A 158 -16.06 -10.88 -29.78
N TRP A 160 -16.69 -10.46 -25.38
CA TRP A 160 -17.23 -9.64 -24.27
C TRP A 160 -18.33 -8.72 -24.80
N THR A 161 -19.13 -9.24 -25.75
CA THR A 161 -20.22 -8.38 -26.28
C THR A 161 -21.44 -8.40 -25.33
N SER A 162 -21.46 -7.48 -24.37
CA SER A 162 -22.43 -7.48 -23.31
C SER A 162 -23.84 -7.07 -23.77
N LEU A 163 -24.84 -7.69 -23.11
CA LEU A 163 -26.26 -7.42 -23.28
C LEU A 163 -26.76 -7.82 -24.67
N ILE A 164 -26.01 -8.68 -25.34
CA ILE A 164 -26.36 -9.10 -26.70
C ILE A 164 -27.73 -9.78 -26.81
N GLN A 165 -28.17 -10.47 -25.74
CA GLN A 165 -29.48 -11.15 -25.82
C GLN A 165 -30.67 -10.16 -25.91
N TYR A 166 -30.43 -8.89 -25.59
CA TYR A 166 -31.46 -7.87 -25.69
C TYR A 166 -31.25 -6.93 -26.87
N ALA A 167 -30.12 -7.08 -27.56
CA ALA A 167 -29.71 -6.12 -28.58
C ALA A 167 -30.45 -6.22 -29.91
N ASP A 168 -30.83 -5.08 -30.44
CA ASP A 168 -31.38 -5.00 -31.79
C ASP A 168 -30.26 -4.77 -32.79
N TYR A 169 -29.19 -4.11 -32.34
CA TYR A 169 -28.05 -3.79 -33.18
C TYR A 169 -26.73 -3.92 -32.43
N VAL A 170 -25.67 -4.29 -33.15
CA VAL A 170 -24.32 -4.16 -32.65
C VAL A 170 -23.68 -2.90 -33.22
N TRP A 171 -23.05 -2.13 -32.34
CA TRP A 171 -22.19 -1.06 -32.69
C TRP A 171 -20.79 -1.63 -32.83
N LEU A 172 -20.42 -1.88 -34.08
CA LEU A 172 -19.32 -2.77 -34.45
C LEU A 172 -18.10 -2.05 -35.00
N ALA A 173 -16.95 -2.22 -34.33
CA ALA A 173 -15.71 -1.68 -34.80
C ALA A 173 -15.07 -2.68 -35.77
N VAL A 174 -14.75 -2.23 -36.99
CA VAL A 174 -14.28 -3.14 -38.04
C VAL A 174 -13.09 -2.56 -38.74
N ARG A 175 -12.32 -3.42 -39.39
CA ARG A 175 -11.21 -2.95 -40.17
C ARG A 175 -11.68 -2.93 -41.62
N THR A 176 -11.79 -1.74 -42.16
CA THR A 176 -12.05 -1.53 -43.60
C THR A 176 -10.75 -1.52 -44.36
N ASN A 177 -10.83 -1.67 -45.67
CA ASN A 177 -9.65 -1.88 -46.54
C ASN A 177 -8.59 -2.84 -45.99
N PRO A 178 -9.02 -4.02 -45.51
CA PRO A 178 -8.02 -5.01 -45.09
C PRO A 178 -7.00 -5.32 -46.22
N GLU A 179 -7.42 -5.16 -47.48
CA GLU A 179 -6.56 -5.42 -48.66
C GLU A 179 -5.26 -4.60 -48.71
N SER A 180 -5.37 -3.30 -48.48
CA SER A 180 -4.22 -2.40 -48.40
C SER A 180 -3.08 -2.76 -47.39
N SER A 181 -3.32 -3.53 -46.30
CA SER A 181 -2.28 -3.70 -45.24
C SER A 181 -1.72 -2.33 -44.74
N GLY A 182 -2.62 -1.37 -44.50
CA GLY A 182 -2.24 -0.09 -43.91
C GLY A 182 -1.66 -0.40 -42.58
N ALA A 183 -0.65 0.35 -42.16
CA ALA A 183 -0.04 0.11 -40.85
C ALA A 183 -1.03 0.27 -39.72
N LYS A 184 -0.90 -0.66 -38.76
CA LYS A 184 -1.74 -0.63 -37.55
C LYS A 184 -1.71 0.72 -36.80
N LYS A 185 -0.53 1.37 -36.80
CA LYS A 185 -0.37 2.59 -36.07
C LYS A 185 -1.29 3.70 -36.60
N HIS A 186 -1.77 3.61 -37.83
CA HIS A 186 -2.75 4.61 -38.35
C HIS A 186 -4.18 4.47 -37.77
N ARG A 187 -4.49 3.28 -37.21
CA ARG A 187 -5.79 2.97 -36.58
C ARG A 187 -6.92 3.26 -37.54
N GLY A 188 -6.77 2.79 -38.75
CA GLY A 188 -7.78 3.01 -39.79
C GLY A 188 -8.97 2.02 -39.77
N ILE A 189 -9.80 2.13 -38.75
CA ILE A 189 -11.04 1.29 -38.55
C ILE A 189 -12.32 2.13 -38.87
N SER A 190 -13.46 1.44 -39.00
CA SER A 190 -14.71 2.10 -39.19
C SER A 190 -15.73 1.56 -38.18
N VAL A 191 -16.79 2.33 -37.93
CA VAL A 191 -17.92 1.89 -37.14
C VAL A 191 -19.13 1.54 -38.05
N LEU A 192 -19.67 0.34 -37.87
CA LEU A 192 -20.90 -0.13 -38.56
C LEU A 192 -22.00 -0.52 -37.56
N ILE A 193 -23.21 -0.13 -37.90
CA ILE A 193 -24.40 -0.54 -37.20
C ILE A 193 -24.90 -1.84 -37.83
N VAL A 194 -24.96 -2.91 -37.06
CA VAL A 194 -25.30 -4.21 -37.60
C VAL A 194 -26.49 -4.77 -36.87
N PRO A 195 -27.58 -5.08 -37.61
CA PRO A 195 -28.73 -5.63 -36.92
C PRO A 195 -28.50 -7.06 -36.50
N THR A 196 -29.04 -7.38 -35.34
CA THR A 196 -28.86 -8.72 -34.81
C THR A 196 -29.74 -9.74 -35.51
N THR A 197 -30.58 -9.28 -36.43
CA THR A 197 -31.38 -10.17 -37.28
C THR A 197 -30.59 -10.59 -38.52
N ALA A 198 -29.43 -10.00 -38.77
CA ALA A 198 -28.72 -10.27 -40.03
C ALA A 198 -28.31 -11.73 -40.18
N GLU A 199 -28.39 -12.22 -41.40
CA GLU A 199 -27.94 -13.57 -41.68
C GLU A 199 -26.43 -13.64 -41.49
N GLY A 200 -25.93 -14.72 -40.88
CA GLY A 200 -24.49 -14.86 -40.63
C GLY A 200 -24.03 -14.41 -39.23
N PHE A 201 -24.90 -13.67 -38.54
CA PHE A 201 -24.67 -13.23 -37.16
C PHE A 201 -25.08 -14.33 -36.15
N SER A 202 -24.23 -14.60 -35.17
CA SER A 202 -24.63 -15.51 -34.04
C SER A 202 -23.86 -15.14 -32.75
N TRP A 203 -24.26 -15.70 -31.63
CA TRP A 203 -23.60 -15.41 -30.34
C TRP A 203 -23.68 -16.57 -29.40
N THR A 204 -22.77 -16.59 -28.44
CA THR A 204 -22.70 -17.65 -27.47
C THR A 204 -22.42 -17.02 -26.07
N PRO A 205 -23.07 -17.53 -25.01
CA PRO A 205 -22.98 -16.79 -23.74
C PRO A 205 -21.63 -16.96 -23.12
N VAL A 206 -21.26 -16.01 -22.26
CA VAL A 206 -20.00 -16.05 -21.53
C VAL A 206 -20.40 -15.67 -20.12
N HIS A 207 -19.94 -16.47 -19.15
CA HIS A 207 -20.24 -16.23 -17.71
C HIS A 207 -18.99 -15.78 -17.00
N THR A 208 -19.15 -14.96 -15.97
CA THR A 208 -18.02 -14.47 -15.21
C THR A 208 -18.24 -14.65 -13.70
N ALA A 210 -17.23 -12.46 -11.65
CA ALA A 210 -17.47 -11.11 -11.23
C ALA A 210 -18.93 -10.84 -11.11
N GLY A 211 -19.75 -11.51 -11.93
CA GLY A 211 -21.18 -11.45 -11.78
C GLY A 211 -21.88 -11.36 -13.11
N PRO A 212 -21.65 -10.26 -13.83
CA PRO A 212 -22.38 -10.13 -15.12
C PRO A 212 -22.03 -11.22 -16.14
N ASP A 213 -23.05 -11.59 -16.90
CA ASP A 213 -22.91 -12.44 -18.07
C ASP A 213 -22.53 -11.51 -19.23
N THR A 214 -21.91 -12.07 -20.26
CA THR A 214 -21.60 -11.33 -21.48
C THR A 214 -21.62 -12.38 -22.62
N SER A 215 -20.96 -12.13 -23.75
CA SER A 215 -21.00 -13.06 -24.84
C SER A 215 -19.77 -12.99 -25.75
N ALA A 216 -19.69 -13.99 -26.65
CA ALA A 216 -18.85 -13.91 -27.83
C ALA A 216 -19.86 -13.69 -29.00
N THR A 217 -19.55 -12.79 -29.93
CA THR A 217 -20.37 -12.64 -31.17
C THR A 217 -19.55 -13.00 -32.40
N TYR A 218 -20.25 -13.52 -33.40
CA TYR A 218 -19.64 -14.06 -34.61
C TYR A 218 -20.36 -13.52 -35.85
N TYR A 219 -19.56 -13.23 -36.88
CA TYR A 219 -20.01 -12.53 -38.10
C TYR A 219 -19.49 -13.31 -39.27
N SER A 220 -20.40 -14.03 -39.94
CA SER A 220 -19.99 -14.90 -41.06
C SER A 220 -20.63 -14.36 -42.34
N ASP A 221 -19.85 -13.65 -43.15
CA ASP A 221 -20.34 -12.95 -44.39
C ASP A 221 -21.59 -12.11 -44.17
N VAL A 222 -21.55 -11.28 -43.15
CA VAL A 222 -22.71 -10.52 -42.76
C VAL A 222 -22.73 -9.30 -43.66
N ARG A 223 -23.86 -9.10 -44.36
CA ARG A 223 -24.01 -8.01 -45.32
C ARG A 223 -24.75 -6.85 -44.66
N VAL A 224 -24.19 -5.65 -44.64
CA VAL A 224 -24.93 -4.49 -44.18
C VAL A 224 -24.69 -3.34 -45.14
N PRO A 225 -25.69 -2.49 -45.30
CA PRO A 225 -25.60 -1.40 -46.21
C PRO A 225 -24.47 -0.48 -45.81
N VAL A 226 -23.91 0.17 -46.80
CA VAL A 226 -22.91 1.17 -46.58
C VAL A 226 -23.56 2.33 -45.84
N ALA A 227 -24.86 2.49 -46.02
CA ALA A 227 -25.58 3.52 -45.24
C ALA A 227 -25.56 3.26 -43.73
N ASN A 228 -25.16 2.06 -43.31
CA ASN A 228 -25.02 1.76 -41.85
C ASN A 228 -23.69 2.16 -41.23
N ARG A 229 -22.76 2.64 -42.04
CA ARG A 229 -21.51 3.11 -41.51
C ARG A 229 -21.71 4.45 -40.83
N VAL A 230 -21.13 4.59 -39.62
CA VAL A 230 -21.17 5.86 -38.91
C VAL A 230 -19.82 6.51 -39.10
N GLY A 231 -19.85 7.79 -39.49
CA GLY A 231 -18.62 8.51 -39.85
C GLY A 231 -18.02 7.97 -41.12
N GLU A 232 -16.82 8.43 -41.42
CA GLU A 232 -16.17 8.12 -42.71
C GLU A 232 -15.37 6.80 -42.65
N GLU A 233 -15.26 6.12 -43.79
CA GLU A 233 -14.50 4.88 -43.87
C GLU A 233 -13.07 5.13 -43.38
N ASN A 234 -12.59 4.29 -42.45
CA ASN A 234 -11.27 4.39 -41.85
C ASN A 234 -11.04 5.52 -40.84
N ALA A 235 -12.08 6.26 -40.51
CA ALA A 235 -12.02 7.37 -39.58
C ALA A 235 -12.80 7.05 -38.32
N GLY A 236 -12.96 5.78 -38.00
CA GLY A 236 -13.77 5.41 -36.81
C GLY A 236 -13.01 5.45 -35.49
N TRP A 237 -11.69 5.51 -35.55
CA TRP A 237 -10.96 5.45 -34.25
C TRP A 237 -11.43 6.54 -33.29
N LYS A 238 -11.52 7.73 -33.85
CA LYS A 238 -11.98 8.87 -33.04
C LYS A 238 -13.37 8.71 -32.46
N LEU A 239 -14.23 8.02 -33.19
CA LEU A 239 -15.58 7.71 -32.74
C LEU A 239 -15.56 6.78 -31.51
N VAL A 240 -14.75 5.73 -31.60
CA VAL A 240 -14.79 4.69 -30.58
C VAL A 240 -13.96 5.00 -29.33
N THR A 241 -13.09 5.99 -29.39
CA THR A 241 -12.23 6.34 -28.22
C THR A 241 -12.51 7.74 -27.69
N ASN A 242 -13.57 8.39 -28.17
CA ASN A 242 -13.87 9.76 -27.72
C ASN A 242 -12.66 10.76 -27.85
N GLN A 243 -11.87 10.54 -28.87
CA GLN A 243 -10.68 11.31 -29.08
C GLN A 243 -10.97 12.83 -29.11
N LEU A 244 -12.03 13.30 -29.75
CA LEU A 244 -12.36 14.74 -29.74
C LEU A 244 -13.41 15.20 -28.67
N ASN A 245 -13.62 14.38 -27.64
CA ASN A 245 -14.54 14.77 -26.56
C ASN A 245 -15.94 15.12 -26.97
N HIS A 246 -16.50 14.44 -27.97
CA HIS A 246 -17.95 14.53 -28.23
C HIS A 246 -18.84 13.87 -27.13
N GLU A 247 -18.22 13.16 -26.17
CA GLU A 247 -18.95 12.46 -25.09
C GLU A 247 -18.50 13.08 -23.82
N ARG A 248 -19.35 12.94 -22.85
CA ARG A 248 -18.94 13.25 -21.50
C ARG A 248 -17.95 12.18 -20.96
N VAL A 249 -17.06 12.57 -20.06
CA VAL A 249 -16.14 11.62 -19.39
C VAL A 249 -16.97 10.53 -18.70
N ALA A 250 -16.59 9.28 -18.92
CA ALA A 250 -17.16 8.14 -18.23
C ALA A 250 -16.66 8.22 -16.79
N LEU A 251 -17.56 8.12 -15.84
CA LEU A 251 -17.19 8.22 -14.44
C LEU A 251 -17.35 6.87 -13.73
N VAL A 252 -16.48 6.64 -12.74
CA VAL A 252 -16.58 5.57 -11.78
C VAL A 252 -17.31 6.10 -10.51
N SER A 253 -18.60 5.80 -10.37
CA SER A 253 -19.38 6.35 -9.25
C SER A 253 -18.86 5.84 -7.94
N PRO A 254 -18.71 6.72 -6.98
CA PRO A 254 -18.42 6.33 -5.60
C PRO A 254 -19.64 5.88 -4.78
N ALA A 255 -20.85 5.93 -5.37
CA ALA A 255 -22.04 5.66 -4.60
C ALA A 255 -22.08 4.25 -3.96
N PRO A 256 -21.64 3.18 -4.67
CA PRO A 256 -21.64 1.85 -4.01
C PRO A 256 -20.67 1.75 -2.87
N ILE A 257 -19.53 2.41 -2.97
CA ILE A 257 -18.57 2.45 -1.84
C ILE A 257 -19.15 3.18 -0.67
N PHE A 258 -19.72 4.36 -0.91
CA PHE A 258 -20.34 5.06 0.20
C PHE A 258 -21.54 4.32 0.81
N GLY A 259 -22.33 3.68 -0.03
CA GLY A 259 -23.52 2.90 0.41
C GLY A 259 -23.13 1.72 1.28
N CYS A 260 -22.10 0.99 0.86
CA CYS A 260 -21.57 -0.09 1.66
C CYS A 260 -20.99 0.40 2.98
N LEU A 261 -20.30 1.53 2.93
CA LEU A 261 -19.78 2.12 4.14
C LEU A 261 -20.95 2.48 5.08
N ARG A 262 -21.95 3.13 4.55
CA ARG A 262 -23.11 3.57 5.36
C ARG A 262 -23.79 2.38 6.01
N GLU A 263 -24.05 1.33 5.23
CA GLU A 263 -24.74 0.16 5.75
C GLU A 263 -23.91 -0.60 6.77
N VAL A 264 -22.60 -0.72 6.52
CA VAL A 264 -21.75 -1.40 7.49
C VAL A 264 -21.64 -0.59 8.76
N ARG A 265 -21.48 0.73 8.62
CA ARG A 265 -21.43 1.66 9.74
C ARG A 265 -22.70 1.55 10.63
N GLU A 266 -23.86 1.62 10.03
CA GLU A 266 -25.12 1.49 10.74
C GLU A 266 -25.28 0.14 11.48
N TRP A 267 -24.85 -0.92 10.80
CA TRP A 267 -24.89 -2.26 11.32
C TRP A 267 -23.93 -2.32 12.51
N ALA A 268 -22.76 -1.69 12.41
CA ALA A 268 -21.77 -1.81 13.52
C ALA A 268 -22.24 -1.01 14.73
N GLN A 269 -23.03 0.03 14.47
CA GLN A 269 -23.66 0.84 15.56
C GLN A 269 -24.75 0.08 16.31
N ASN A 270 -25.31 -0.97 15.72
CA ASN A 270 -26.46 -1.67 16.25
C ASN A 270 -26.20 -3.15 16.48
N THR A 271 -24.92 -3.53 16.56
CA THR A 271 -24.55 -4.88 16.76
C THR A 271 -23.50 -4.96 17.86
N LYS A 272 -23.60 -5.93 18.75
CA LYS A 272 -22.66 -6.15 19.87
C LYS A 272 -21.49 -7.10 19.57
N ASP A 273 -20.34 -6.92 20.27
CA ASP A 273 -19.26 -7.93 20.21
C ASP A 273 -19.48 -8.87 21.39
N ALA A 274 -18.57 -9.83 21.55
CA ALA A 274 -18.64 -10.77 22.66
C ALA A 274 -18.83 -10.03 24.00
N GLY A 275 -17.93 -9.10 24.32
CA GLY A 275 -18.04 -8.29 25.56
C GLY A 275 -19.34 -7.50 25.79
N GLY A 276 -20.24 -7.41 24.80
CA GLY A 276 -21.46 -6.57 24.97
C GLY A 276 -21.28 -5.13 24.48
N THR A 277 -20.15 -4.84 23.88
CA THR A 277 -19.90 -3.53 23.36
C THR A 277 -20.39 -3.45 21.89
N ARG A 278 -20.88 -2.28 21.44
CA ARG A 278 -21.14 -2.04 20.05
C ARG A 278 -19.83 -2.32 19.29
N LEU A 279 -19.99 -2.99 18.20
CA LEU A 279 -18.90 -3.29 17.26
C LEU A 279 -18.18 -2.03 16.79
N ILE A 280 -18.94 -0.97 16.57
CA ILE A 280 -18.31 0.25 16.12
C ILE A 280 -17.48 0.92 17.17
N ASP A 281 -17.64 0.53 18.44
CA ASP A 281 -16.81 1.12 19.48
C ASP A 281 -15.40 0.59 19.55
N SER A 282 -15.04 -0.40 18.73
CA SER A 282 -13.65 -0.79 18.58
C SER A 282 -12.85 0.20 17.76
N GLU A 283 -11.64 0.50 18.20
CA GLU A 283 -10.79 1.38 17.46
C GLU A 283 -10.45 0.86 16.06
N TRP A 284 -10.21 -0.45 15.94
CA TRP A 284 -9.84 -1.01 14.65
C TRP A 284 -10.96 -0.82 13.64
N VAL A 285 -12.20 -0.96 14.09
CA VAL A 285 -13.34 -0.86 13.17
C VAL A 285 -13.41 0.57 12.70
N GLN A 286 -13.27 1.50 13.65
CA GLN A 286 -13.30 2.92 13.33
C GLN A 286 -12.24 3.28 12.30
N LEU A 287 -11.04 2.73 12.48
CA LEU A 287 -9.96 3.01 11.52
C LEU A 287 -10.28 2.48 10.13
N ASN A 288 -10.84 1.28 10.04
CA ASN A 288 -11.27 0.76 8.73
C ASN A 288 -12.30 1.66 8.05
N LEU A 289 -13.36 2.02 8.79
CA LEU A 289 -14.40 2.82 8.22
C LEU A 289 -13.90 4.19 7.84
N ALA A 290 -13.05 4.78 8.67
CA ALA A 290 -12.47 6.07 8.39
C ALA A 290 -11.65 6.06 7.10
N ARG A 291 -10.87 5.02 6.89
CA ARG A 291 -10.05 4.96 5.70
C ARG A 291 -10.93 4.95 4.48
N VAL A 292 -11.97 4.16 4.52
CA VAL A 292 -12.94 4.10 3.45
C VAL A 292 -13.56 5.49 3.16
N HIS A 293 -13.96 6.17 4.20
CA HIS A 293 -14.53 7.49 4.08
C HIS A 293 -13.57 8.47 3.42
N ALA A 294 -12.37 8.55 3.98
CA ALA A 294 -11.44 9.56 3.59
C ALA A 294 -10.94 9.37 2.18
N LYS A 295 -10.88 8.10 1.73
CA LYS A 295 -10.51 7.80 0.36
C LYS A 295 -11.67 7.94 -0.62
N ALA A 296 -12.85 7.47 -0.25
CA ALA A 296 -14.00 7.63 -1.11
C ALA A 296 -14.30 9.14 -1.37
N GLU A 297 -14.03 10.01 -0.40
CA GLU A 297 -14.18 11.45 -0.58
C GLU A 297 -13.43 11.98 -1.82
N VAL A 298 -12.23 11.44 -2.08
CA VAL A 298 -11.49 11.78 -3.25
C VAL A 298 -12.21 11.43 -4.54
N LEU A 299 -12.81 10.26 -4.58
CA LEU A 299 -13.50 9.81 -5.80
C LEU A 299 -14.72 10.68 -6.04
N LYS A 300 -15.45 10.97 -4.99
CA LYS A 300 -16.55 11.92 -5.07
C LYS A 300 -16.11 13.27 -5.62
N LEU A 301 -15.05 13.83 -5.07
CA LEU A 301 -14.57 15.16 -5.42
C LEU A 301 -13.98 15.25 -6.82
N ILE A 302 -13.20 14.24 -7.21
CA ILE A 302 -12.61 14.30 -8.51
C ILE A 302 -13.72 14.20 -9.57
N ASN A 303 -14.71 13.36 -9.31
CA ASN A 303 -15.82 13.25 -10.27
C ASN A 303 -16.65 14.55 -10.36
N TRP A 304 -16.97 15.16 -9.20
CA TRP A 304 -17.58 16.49 -9.19
C TRP A 304 -16.78 17.51 -10.02
N GLU A 305 -15.46 17.52 -9.89
CA GLU A 305 -14.65 18.45 -10.65
C GLU A 305 -14.76 18.14 -12.13
N LEU A 306 -14.62 16.85 -12.48
CA LEU A 306 -14.68 16.45 -13.88
C LEU A 306 -15.99 16.86 -14.55
N ALA A 307 -17.09 16.66 -13.85
CA ALA A 307 -18.39 16.97 -14.37
C ALA A 307 -18.61 18.50 -14.44
N SER A 308 -18.20 19.23 -13.43
CA SER A 308 -18.24 20.68 -13.44
C SER A 308 -17.28 21.28 -14.45
N SER A 309 -16.25 20.57 -14.85
CA SER A 309 -15.32 21.07 -15.84
C SER A 309 -15.89 21.01 -17.26
N GLN A 310 -16.98 20.30 -17.48
CA GLN A 310 -17.52 20.17 -18.83
C GLN A 310 -18.55 21.25 -19.13
N GLY A 317 -12.67 21.20 -22.10
CA GLY A 317 -12.58 19.83 -21.62
C GLY A 317 -11.80 19.68 -20.31
N PRO A 318 -12.17 18.67 -19.50
CA PRO A 318 -11.29 18.23 -18.39
C PRO A 318 -9.99 17.58 -18.90
N SER A 319 -8.88 17.72 -18.19
CA SER A 319 -7.63 17.06 -18.61
C SER A 319 -7.78 15.54 -18.73
N PRO A 320 -7.24 14.97 -19.79
CA PRO A 320 -7.22 13.52 -19.87
C PRO A 320 -6.49 12.97 -18.64
N ALA A 321 -5.56 13.74 -18.05
CA ALA A 321 -4.84 13.24 -16.89
C ALA A 321 -5.78 13.08 -15.70
N ASP A 322 -6.73 13.98 -15.53
CA ASP A 322 -7.66 13.86 -14.42
C ASP A 322 -8.71 12.82 -14.63
N ALA A 323 -9.17 12.67 -15.85
CA ALA A 323 -10.05 11.55 -16.18
C ALA A 323 -9.41 10.18 -15.88
N SER A 324 -8.14 10.02 -16.30
CA SER A 324 -7.39 8.83 -16.04
C SER A 324 -7.15 8.65 -14.55
N ALA A 325 -6.78 9.73 -13.86
CA ALA A 325 -6.54 9.67 -12.42
C ALA A 325 -7.76 9.16 -11.66
N ALA A 326 -8.90 9.66 -12.02
CA ALA A 326 -10.17 9.35 -11.32
C ALA A 326 -10.44 7.86 -11.55
N LYS A 327 -10.26 7.40 -12.78
CA LYS A 327 -10.57 6.03 -13.13
C LYS A 327 -9.61 5.06 -12.39
N VAL A 328 -8.31 5.34 -12.38
CA VAL A 328 -7.35 4.51 -11.64
C VAL A 328 -7.64 4.52 -10.15
N PHE A 329 -7.73 5.71 -9.61
CA PHE A 329 -7.98 5.90 -8.21
C PHE A 329 -9.25 5.15 -7.77
N GLY A 330 -10.34 5.37 -8.46
CA GLY A 330 -11.61 4.78 -8.08
C GLY A 330 -11.68 3.26 -8.23
N THR A 331 -11.14 2.72 -9.27
CA THR A 331 -11.21 1.28 -9.46
C THR A 331 -10.24 0.55 -8.51
N GLU A 332 -9.09 1.15 -8.24
CA GLU A 332 -8.18 0.59 -7.18
C GLU A 332 -8.84 0.73 -5.83
N LEU A 333 -9.45 1.88 -5.57
CA LEU A 333 -10.05 2.08 -4.28
C LEU A 333 -11.09 0.98 -3.96
N ALA A 334 -11.96 0.63 -4.91
CA ALA A 334 -13.00 -0.35 -4.69
C ALA A 334 -12.44 -1.67 -4.10
N THR A 335 -11.29 -2.13 -4.61
CA THR A 335 -10.70 -3.37 -4.18
C THR A 335 -10.28 -3.22 -2.71
N GLU A 336 -9.75 -2.06 -2.37
CA GLU A 336 -9.32 -1.76 -1.03
C GLU A 336 -10.54 -1.59 -0.12
N ALA A 337 -11.46 -0.74 -0.51
CA ALA A 337 -12.61 -0.43 0.35
C ALA A 337 -13.46 -1.66 0.73
N TYR A 338 -13.79 -2.52 -0.22
CA TYR A 338 -14.58 -3.70 0.04
C TYR A 338 -13.85 -4.72 0.95
N ARG A 339 -12.54 -4.75 0.88
CA ARG A 339 -11.70 -5.49 1.83
C ARG A 339 -11.82 -4.99 3.24
N LEU A 340 -11.64 -3.71 3.41
CA LEU A 340 -11.75 -3.09 4.74
C LEU A 340 -13.11 -3.30 5.35
N LEU A 341 -14.14 -3.18 4.54
CA LEU A 341 -15.49 -3.43 5.01
C LEU A 341 -15.75 -4.90 5.36
N GLU A 343 -13.52 -6.98 6.44
CA GLU A 343 -12.90 -7.29 7.70
C GLU A 343 -13.90 -6.98 8.81
N VAL A 344 -14.61 -5.87 8.68
CA VAL A 344 -15.57 -5.46 9.75
C VAL A 344 -16.74 -6.47 9.89
N LEU A 345 -17.26 -6.95 8.77
CA LEU A 345 -18.34 -7.92 8.76
C LEU A 345 -17.95 -9.31 9.33
N GLY A 346 -16.64 -9.56 9.57
CA GLY A 346 -16.21 -10.77 10.26
C GLY A 346 -16.66 -12.08 9.61
N THR A 347 -17.37 -12.92 10.38
CA THR A 347 -17.76 -14.27 9.90
C THR A 347 -18.89 -14.22 8.85
N ALA A 348 -19.50 -13.08 8.69
CA ALA A 348 -20.48 -12.88 7.67
C ALA A 348 -19.93 -12.40 6.33
N ALA A 349 -18.66 -12.02 6.31
CA ALA A 349 -18.14 -11.24 5.18
C ALA A 349 -18.32 -11.94 3.84
N THR A 350 -17.98 -13.22 3.81
CA THR A 350 -18.01 -14.03 2.56
C THR A 350 -19.34 -14.70 2.24
N LEU A 351 -20.37 -14.42 3.02
CA LEU A 351 -21.74 -14.92 2.68
C LEU A 351 -22.37 -14.17 1.53
N ARG A 352 -22.66 -14.87 0.45
CA ARG A 352 -23.20 -14.23 -0.73
C ARG A 352 -24.66 -13.86 -0.57
N GLN A 353 -25.09 -12.92 -1.42
CA GLN A 353 -26.48 -12.47 -1.49
C GLN A 353 -27.36 -13.72 -1.63
N ASN A 354 -28.46 -13.76 -0.93
CA ASN A 354 -29.26 -15.03 -1.01
C ASN A 354 -28.62 -16.31 -0.36
N SER A 355 -27.52 -16.20 0.38
CA SER A 355 -27.20 -17.27 1.28
C SER A 355 -27.98 -17.00 2.53
N PRO A 356 -28.50 -18.04 3.17
CA PRO A 356 -28.88 -17.84 4.57
C PRO A 356 -27.73 -17.19 5.30
N GLY A 357 -28.03 -16.35 6.28
CA GLY A 357 -26.98 -15.73 7.09
C GLY A 357 -26.30 -14.49 6.42
N ALA A 358 -26.53 -14.20 5.13
CA ALA A 358 -26.00 -12.99 4.51
C ALA A 358 -26.40 -11.74 5.27
N LEU A 359 -25.47 -10.80 5.38
CA LEU A 359 -25.81 -9.53 5.98
C LEU A 359 -25.73 -8.45 4.96
N LEU A 360 -26.59 -7.45 5.13
CA LEU A 360 -26.69 -6.32 4.22
C LEU A 360 -26.93 -6.86 2.84
N ARG A 361 -27.71 -7.93 2.78
CA ARG A 361 -28.05 -8.60 1.48
C ARG A 361 -26.82 -9.04 0.69
N GLY A 362 -25.71 -9.26 1.38
CA GLY A 362 -24.53 -9.72 0.67
C GLY A 362 -23.97 -8.67 -0.30
N ARG A 363 -24.36 -7.42 -0.08
CA ARG A 363 -23.95 -6.32 -1.00
C ARG A 363 -22.43 -6.12 -1.01
N VAL A 364 -21.78 -6.25 0.13
CA VAL A 364 -20.33 -5.97 0.14
C VAL A 364 -19.60 -7.09 -0.58
N GLU A 365 -19.96 -8.33 -0.27
CA GLU A 365 -19.39 -9.48 -0.99
C GLU A 365 -19.66 -9.37 -2.49
N ARG A 366 -20.85 -8.96 -2.86
CA ARG A 366 -21.19 -8.84 -4.27
C ARG A 366 -20.26 -7.79 -4.96
N HIS A 368 -17.27 -6.72 -4.06
CA HIS A 368 -15.83 -7.07 -4.09
C HIS A 368 -15.48 -7.91 -5.30
N ARG A 369 -16.44 -8.69 -5.76
CA ARG A 369 -16.26 -9.43 -7.06
C ARG A 369 -16.64 -8.55 -8.29
N ALA A 370 -17.76 -7.83 -8.22
CA ALA A 370 -18.21 -6.95 -9.37
C ALA A 370 -17.17 -5.91 -9.78
N CYS A 371 -16.39 -5.35 -8.82
CA CYS A 371 -15.46 -4.28 -9.13
C CYS A 371 -14.22 -4.77 -9.83
N LEU A 372 -14.04 -6.09 -9.90
CA LEU A 372 -12.82 -6.68 -10.55
C LEU A 372 -12.71 -6.35 -12.01
N ILE A 373 -13.85 -6.24 -12.66
CA ILE A 373 -13.84 -5.97 -14.10
C ILE A 373 -13.37 -4.53 -14.41
N LEU A 374 -13.47 -3.60 -13.44
CA LEU A 374 -13.23 -2.22 -13.73
C LEU A 374 -11.76 -1.87 -13.76
N THR A 375 -10.90 -2.63 -13.09
CA THR A 375 -9.48 -2.23 -13.08
C THR A 375 -8.86 -2.42 -14.46
N PHE A 376 -9.22 -3.51 -15.13
CA PHE A 376 -8.65 -3.79 -16.51
C PHE A 376 -9.63 -3.32 -17.64
N GLY A 377 -10.90 -3.15 -17.33
CA GLY A 377 -11.93 -2.61 -18.26
C GLY A 377 -11.76 -1.08 -18.41
N GLY A 378 -12.25 -0.53 -19.52
CA GLY A 378 -12.34 0.91 -19.66
C GLY A 378 -10.94 1.50 -19.78
N GLY A 379 -10.02 0.71 -20.34
CA GLY A 379 -8.62 1.10 -20.43
C GLY A 379 -7.94 0.70 -19.09
N THR A 380 -7.13 -0.34 -19.15
CA THR A 380 -6.47 -0.90 -18.01
C THR A 380 -5.61 0.08 -17.28
N ASN A 381 -5.57 -0.07 -15.95
CA ASN A 381 -4.95 0.92 -15.12
C ASN A 381 -3.46 1.25 -15.44
N GLU A 382 -2.68 0.32 -15.97
CA GLU A 382 -1.32 0.62 -16.31
C GLU A 382 -1.27 1.63 -17.46
N VAL A 383 -2.16 1.47 -18.43
CA VAL A 383 -2.22 2.40 -19.51
C VAL A 383 -2.74 3.78 -19.06
N GLN A 384 -3.70 3.79 -18.13
CA GLN A 384 -4.21 5.02 -17.59
C GLN A 384 -3.06 5.76 -16.90
N ARG A 385 -2.21 5.06 -16.12
CA ARG A 385 -1.13 5.71 -15.45
C ARG A 385 -0.12 6.25 -16.48
N ASP A 386 0.15 5.53 -17.55
CA ASP A 386 1.00 6.07 -18.64
C ASP A 386 0.44 7.42 -19.17
N ILE A 387 -0.86 7.52 -19.33
CA ILE A 387 -1.48 8.74 -19.73
C ILE A 387 -1.26 9.86 -18.73
N ILE A 388 -1.47 9.56 -17.47
CA ILE A 388 -1.23 10.56 -16.41
C ILE A 388 0.23 11.04 -16.48
N GLY A 389 1.13 10.13 -16.68
CA GLY A 389 2.56 10.52 -16.63
C GLY A 389 2.92 11.43 -17.81
N VAL A 391 0.75 13.13 -19.89
CA VAL A 391 -0.05 14.31 -20.01
C VAL A 391 0.19 15.26 -18.84
N ALA A 392 0.08 14.80 -17.60
CA ALA A 392 0.26 15.69 -16.48
C ALA A 392 1.69 15.98 -16.13
N LEU A 393 2.60 15.04 -16.35
CA LEU A 393 3.96 15.20 -15.85
C LEU A 393 5.02 15.31 -16.94
N GLY A 394 4.63 15.25 -18.20
CA GLY A 394 5.55 15.44 -19.27
C GLY A 394 6.46 14.28 -19.54
N LEU A 395 6.14 13.09 -19.02
CA LEU A 395 7.12 12.01 -19.10
C LEU A 395 7.19 11.48 -20.48
N PRO A 396 8.36 10.98 -20.89
CA PRO A 396 8.47 10.41 -22.25
C PRO A 396 7.89 9.00 -22.38
N ARG A 397 7.61 8.56 -23.59
CA ARG A 397 7.12 7.19 -23.83
C ARG A 397 8.03 6.13 -23.27
N ALA A 398 7.43 5.12 -22.63
CA ALA A 398 8.13 4.03 -21.94
C ALA A 398 8.26 2.74 -22.76
N ASN A 399 7.73 2.69 -23.99
CA ASN A 399 7.65 1.41 -24.74
C ASN A 399 8.09 1.56 -26.19
N ARG B 2 15.34 -26.74 11.13
CA ARG B 2 15.56 -25.99 12.38
C ARG B 2 15.55 -24.53 12.09
N ILE B 3 14.53 -23.81 12.54
CA ILE B 3 14.45 -22.38 12.22
C ILE B 3 14.86 -21.64 13.46
N SER B 4 16.12 -21.88 13.85
CA SER B 4 16.75 -21.21 14.95
C SER B 4 18.26 -21.48 14.88
N TYR B 5 19.01 -20.69 15.59
CA TYR B 5 20.46 -20.76 15.59
C TYR B 5 20.90 -22.06 16.22
N THR B 6 21.95 -22.67 15.68
CA THR B 6 22.62 -23.80 16.33
C THR B 6 23.34 -23.31 17.61
N PRO B 7 23.73 -24.25 18.53
CA PRO B 7 24.47 -23.79 19.70
C PRO B 7 25.70 -22.99 19.38
N GLN B 8 26.43 -23.38 18.38
CA GLN B 8 27.59 -22.65 17.96
C GLN B 8 27.24 -21.26 17.39
N GLN B 9 26.14 -21.13 16.65
CA GLN B 9 25.69 -19.86 16.13
C GLN B 9 25.19 -18.99 17.25
N GLU B 10 24.49 -19.57 18.18
CA GLU B 10 24.09 -18.82 19.37
C GLU B 10 25.27 -18.31 20.19
N GLU B 11 26.32 -19.10 20.33
CA GLU B 11 27.49 -18.66 21.14
C GLU B 11 28.20 -17.53 20.41
N LEU B 12 28.39 -17.63 19.08
CA LEU B 12 28.88 -16.51 18.32
C LEU B 12 28.05 -15.20 18.49
N ARG B 13 26.74 -15.30 18.39
CA ARG B 13 25.87 -14.18 18.60
C ARG B 13 26.13 -13.57 20.00
N ARG B 14 26.17 -14.42 21.01
CA ARG B 14 26.33 -14.00 22.38
C ARG B 14 27.67 -13.31 22.57
N GLU B 15 28.71 -13.91 22.02
CA GLU B 15 30.05 -13.39 22.09
C GLU B 15 30.14 -12.01 21.46
N LEU B 16 29.60 -11.85 20.26
CA LEU B 16 29.55 -10.58 19.60
C LEU B 16 28.72 -9.47 20.36
N ARG B 17 27.57 -9.81 20.92
CA ARG B 17 26.78 -8.87 21.70
C ARG B 17 27.70 -8.27 22.77
N SER B 18 28.38 -9.14 23.51
CA SER B 18 29.31 -8.68 24.57
C SER B 18 30.52 -7.96 24.06
N TYR B 19 31.12 -8.47 23.00
CA TYR B 19 32.27 -7.84 22.38
C TYR B 19 31.97 -6.39 21.93
N PHE B 20 30.85 -6.20 21.23
CA PHE B 20 30.47 -4.89 20.78
C PHE B 20 30.02 -3.96 21.92
N ALA B 21 29.40 -4.48 22.97
CA ALA B 21 29.06 -3.65 24.13
C ALA B 21 30.34 -3.06 24.77
N THR B 22 31.40 -3.86 24.78
CA THR B 22 32.68 -3.49 25.40
C THR B 22 33.47 -2.60 24.48
N LEU B 23 33.38 -2.82 23.17
CA LEU B 23 34.07 -1.94 22.22
C LEU B 23 33.39 -0.57 22.17
N THR B 25 31.96 1.79 23.82
CA THR B 25 31.73 2.48 25.08
C THR B 25 31.06 3.83 24.83
N PRO B 26 30.49 4.46 25.88
CA PRO B 26 29.80 5.74 25.64
C PRO B 26 30.73 6.78 25.07
N GLU B 27 31.95 6.82 25.56
CA GLU B 27 32.97 7.73 25.02
C GLU B 27 33.25 7.47 23.54
N ARG B 28 33.35 6.19 23.17
CA ARG B 28 33.56 5.86 21.78
C ARG B 28 32.34 6.15 20.92
N ARG B 29 31.14 5.82 21.36
CA ARG B 29 29.91 6.09 20.59
C ARG B 29 29.72 7.58 20.38
N GLU B 30 29.91 8.36 21.45
CA GLU B 30 29.75 9.82 21.41
C GLU B 30 30.66 10.30 20.28
N ALA B 31 31.94 9.96 20.39
CA ALA B 31 32.97 10.39 19.46
C ALA B 31 32.69 9.98 18.01
N LEU B 32 32.14 8.80 17.76
CA LEU B 32 31.82 8.44 16.39
C LEU B 32 30.60 9.19 15.90
N SER B 33 29.68 9.53 16.80
CA SER B 33 28.47 10.28 16.45
C SER B 33 28.73 11.81 16.41
N SER B 34 29.91 12.24 15.96
CA SER B 34 30.22 13.64 15.72
C SER B 34 31.24 13.72 14.57
N GLY B 42 43.72 7.38 13.00
CA GLY B 42 44.05 8.70 13.50
C GLY B 42 43.13 9.03 14.65
N ASN B 43 41.87 9.24 14.33
CA ASN B 43 40.86 9.49 15.35
C ASN B 43 40.15 8.12 15.60
N VAL B 44 38.99 8.19 16.24
CA VAL B 44 38.24 7.05 16.69
C VAL B 44 37.90 6.07 15.57
N TYR B 45 37.58 6.55 14.36
CA TYR B 45 37.15 5.66 13.28
C TYR B 45 38.31 4.72 12.93
N ARG B 46 39.49 5.24 12.68
CA ARG B 46 40.63 4.34 12.33
C ARG B 46 41.05 3.45 13.53
N GLU B 47 40.96 3.97 14.75
CA GLU B 47 41.39 3.21 15.89
C GLU B 47 40.43 2.09 16.12
N THR B 48 39.14 2.34 15.84
CA THR B 48 38.12 1.38 16.13
C THR B 48 38.26 0.17 15.19
N ILE B 49 38.54 0.47 13.91
CA ILE B 49 38.68 -0.54 12.91
C ILE B 49 39.95 -1.33 13.17
N ALA B 50 41.01 -0.65 13.59
CA ALA B 50 42.27 -1.36 13.88
C ALA B 50 42.07 -2.30 15.06
N GLN B 51 41.30 -1.86 16.05
CA GLN B 51 40.98 -2.73 17.16
C GLN B 51 40.20 -4.01 16.72
N GLY B 53 40.28 -5.33 13.87
CA GLY B 53 41.24 -6.11 13.07
C GLY B 53 42.13 -6.93 14.01
N ARG B 54 42.61 -6.30 15.06
CA ARG B 54 43.49 -7.00 16.01
C ARG B 54 42.71 -8.10 16.68
N ASP B 55 41.42 -7.88 16.86
CA ASP B 55 40.59 -8.85 17.51
C ASP B 55 40.12 -9.97 16.61
N GLY B 56 40.50 -9.92 15.35
CA GLY B 56 40.23 -10.99 14.38
C GLY B 56 38.94 -10.92 13.55
N TRP B 57 38.13 -9.88 13.73
CA TRP B 57 36.79 -9.88 13.15
C TRP B 57 36.73 -9.58 11.65
N LEU B 58 37.71 -8.84 11.14
CA LEU B 58 37.68 -8.35 9.79
C LEU B 58 37.88 -9.49 8.78
N ALA B 59 38.55 -10.56 9.19
CA ALA B 59 38.82 -11.70 8.30
C ALA B 59 38.01 -12.95 8.70
N LEU B 60 36.96 -12.75 9.48
CA LEU B 60 36.09 -13.80 9.95
C LEU B 60 35.60 -14.74 8.87
N GLY B 61 35.20 -14.14 7.77
CA GLY B 61 34.65 -14.88 6.66
C GLY B 61 35.65 -15.29 5.56
N TRP B 62 36.91 -14.89 5.66
CA TRP B 62 37.91 -15.20 4.63
C TRP B 62 38.36 -16.62 4.73
N PRO B 63 38.75 -17.22 3.58
CA PRO B 63 39.34 -18.57 3.67
C PRO B 63 40.54 -18.64 4.61
N LYS B 64 40.75 -19.77 5.27
CA LYS B 64 41.96 -19.95 6.11
C LYS B 64 43.28 -19.72 5.34
N GLU B 65 43.32 -20.16 4.09
CA GLU B 65 44.43 -19.94 3.17
C GLU B 65 44.85 -18.47 3.13
N TYR B 66 43.95 -17.53 3.41
CA TYR B 66 44.31 -16.11 3.35
C TYR B 66 44.27 -15.44 4.70
N GLY B 67 44.45 -16.23 5.74
CA GLY B 67 44.54 -15.70 7.09
C GLY B 67 43.20 -15.54 7.78
N GLY B 68 42.14 -16.09 7.21
CA GLY B 68 40.82 -15.88 7.79
C GLY B 68 40.43 -17.01 8.70
N GLN B 69 39.26 -16.87 9.29
CA GLN B 69 38.72 -17.90 10.11
C GLN B 69 37.91 -18.90 9.33
N GLY B 70 37.54 -18.56 8.11
CA GLY B 70 36.80 -19.46 7.28
C GLY B 70 35.36 -19.75 7.68
N ARG B 71 34.70 -18.83 8.33
CA ARG B 71 33.37 -19.07 8.85
C ARG B 71 32.29 -18.96 7.80
N SER B 72 31.13 -19.47 8.13
CA SER B 72 30.00 -19.60 7.24
C SER B 72 29.33 -18.29 6.94
N ALA B 73 28.52 -18.29 5.90
CA ALA B 73 27.69 -17.16 5.59
C ALA B 73 26.71 -16.83 6.76
N ASP B 75 27.44 -17.26 9.97
CA ASP B 75 28.23 -16.54 10.95
C ASP B 75 28.42 -15.07 10.54
N GLN B 76 28.61 -14.82 9.27
CA GLN B 76 28.71 -13.48 8.74
C GLN B 76 27.44 -12.67 8.92
N LEU B 77 26.32 -13.31 8.71
CA LEU B 77 25.02 -12.68 8.92
C LEU B 77 24.93 -12.25 10.38
N ILE B 78 25.36 -13.14 11.29
CA ILE B 78 25.29 -12.83 12.72
C ILE B 78 26.17 -11.63 13.10
N PHE B 79 27.37 -11.66 12.62
CA PHE B 79 28.27 -10.51 12.69
C PHE B 79 27.68 -9.18 12.21
N THR B 80 27.07 -9.19 11.04
CA THR B 80 26.40 -8.04 10.48
C THR B 80 25.30 -7.52 11.40
N ASP B 81 24.45 -8.41 11.86
CA ASP B 81 23.37 -8.06 12.76
C ASP B 81 23.88 -7.45 14.04
N GLU B 82 24.88 -8.07 14.66
CA GLU B 82 25.34 -7.56 15.94
C GLU B 82 26.11 -6.23 15.75
N ALA B 83 26.91 -6.11 14.68
CA ALA B 83 27.50 -4.82 14.35
C ALA B 83 26.41 -3.73 14.19
N ALA B 84 25.31 -4.07 13.52
CA ALA B 84 24.21 -3.14 13.30
C ALA B 84 23.58 -2.78 14.62
N ILE B 85 23.41 -3.75 15.52
CA ILE B 85 22.83 -3.48 16.87
C ILE B 85 23.74 -2.54 17.69
N ALA B 86 25.03 -2.61 17.49
CA ALA B 86 25.92 -1.80 18.29
C ALA B 86 26.25 -0.45 17.62
N GLY B 87 25.89 -0.28 16.34
CA GLY B 87 26.39 0.85 15.55
C GLY B 87 27.89 0.79 15.26
N ALA B 88 28.44 -0.43 15.16
CA ALA B 88 29.89 -0.56 14.91
C ALA B 88 30.19 -0.31 13.45
N PRO B 89 31.17 0.56 13.16
CA PRO B 89 31.44 1.04 11.80
C PRO B 89 32.34 0.14 10.96
N VAL B 90 31.90 -1.07 10.75
CA VAL B 90 32.59 -2.08 9.99
C VAL B 90 32.72 -1.72 8.53
N PRO B 91 33.94 -1.79 7.97
CA PRO B 91 34.13 -1.43 6.54
C PRO B 91 33.80 -2.59 5.59
N PHE B 92 32.50 -2.84 5.44
CA PHE B 92 32.10 -4.03 4.82
C PHE B 92 32.59 -4.18 3.40
N LEU B 93 32.56 -3.12 2.62
CA LEU B 93 32.94 -3.23 1.22
C LEU B 93 34.42 -3.60 1.09
N THR B 94 35.24 -3.10 1.98
CA THR B 94 36.66 -3.45 1.95
C THR B 94 36.88 -4.91 2.29
N ILE B 95 36.21 -5.37 3.34
CA ILE B 95 36.40 -6.79 3.71
C ILE B 95 35.57 -7.82 2.95
N ASN B 96 34.43 -7.43 2.41
CA ASN B 96 33.54 -8.39 1.74
C ASN B 96 33.56 -8.31 0.24
N SER B 97 34.09 -7.22 -0.30
CA SER B 97 34.25 -7.13 -1.74
C SER B 97 35.69 -6.96 -2.23
N VAL B 98 36.37 -5.93 -1.73
CA VAL B 98 37.76 -5.66 -2.17
C VAL B 98 38.66 -6.86 -1.92
N ALA B 99 38.69 -7.31 -0.66
CA ALA B 99 39.57 -8.36 -0.31
C ALA B 99 39.29 -9.65 -1.08
N PRO B 100 38.00 -10.09 -1.16
CA PRO B 100 37.80 -11.36 -1.89
C PRO B 100 38.08 -11.24 -3.38
N THR B 101 37.95 -10.05 -3.93
CA THR B 101 38.26 -9.85 -5.34
C THR B 101 39.80 -10.04 -5.53
N ILE B 102 40.57 -9.54 -4.58
CA ILE B 102 42.02 -9.70 -4.63
C ILE B 102 42.37 -11.16 -4.51
N ALA B 104 40.59 -13.64 -5.44
CA ALA B 104 40.14 -14.40 -6.61
C ALA B 104 40.86 -14.04 -7.89
N TYR B 105 41.28 -12.80 -8.04
CA TYR B 105 41.75 -12.32 -9.32
C TYR B 105 43.01 -11.49 -9.21
N GLY B 106 43.62 -11.41 -8.03
CA GLY B 106 44.79 -10.58 -7.84
C GLY B 106 46.10 -11.35 -8.08
N THR B 107 47.17 -10.60 -8.31
CA THR B 107 48.54 -11.15 -8.43
C THR B 107 49.01 -11.60 -7.07
N ASP B 108 50.06 -12.41 -7.05
CA ASP B 108 50.66 -12.86 -5.80
C ASP B 108 51.15 -11.69 -4.93
N GLU B 109 51.65 -10.62 -5.56
CA GLU B 109 52.17 -9.49 -4.83
C GLU B 109 51.04 -8.66 -4.15
N GLN B 110 49.92 -8.53 -4.87
CA GLN B 110 48.70 -7.86 -4.33
C GLN B 110 48.17 -8.62 -3.14
N LYS B 111 48.03 -9.92 -3.29
CA LYS B 111 47.67 -10.77 -2.18
C LYS B 111 48.57 -10.58 -0.96
N ARG B 112 49.90 -10.54 -1.13
CA ARG B 112 50.74 -10.53 0.08
C ARG B 112 50.78 -9.18 0.73
N PHE B 113 50.76 -8.13 -0.08
CA PHE B 113 50.75 -6.82 0.53
C PHE B 113 49.40 -6.41 1.22
N PHE B 114 48.31 -6.54 0.46
CA PHE B 114 47.03 -5.98 0.87
C PHE B 114 46.27 -6.81 1.90
N LEU B 115 46.22 -8.11 1.71
CA LEU B 115 45.34 -8.93 2.52
C LEU B 115 45.63 -8.86 4.04
N PRO B 116 46.89 -8.98 4.48
CA PRO B 116 47.05 -8.96 5.94
C PRO B 116 46.94 -7.55 6.55
N ARG B 117 47.16 -6.53 5.76
CA ARG B 117 47.01 -5.18 6.24
C ARG B 117 45.53 -4.83 6.31
N ILE B 118 44.73 -5.34 5.39
CA ILE B 118 43.26 -5.18 5.48
C ILE B 118 42.75 -5.93 6.73
N ALA B 119 43.16 -7.19 6.89
CA ALA B 119 42.72 -8.00 8.02
C ALA B 119 43.07 -7.41 9.39
N ALA B 120 44.22 -6.74 9.45
CA ALA B 120 44.68 -6.09 10.68
C ALA B 120 43.96 -4.80 10.91
N GLY B 121 43.34 -4.25 9.88
CA GLY B 121 42.58 -3.02 10.07
C GLY B 121 43.51 -1.80 10.00
N ASP B 122 44.65 -1.96 9.34
CA ASP B 122 45.63 -0.90 9.19
C ASP B 122 45.55 -0.22 7.85
N LEU B 123 44.84 -0.81 6.91
CA LEU B 123 44.77 -0.25 5.58
C LEU B 123 43.29 -0.14 5.12
N HIS B 124 42.91 1.06 4.64
CA HIS B 124 41.52 1.37 4.33
C HIS B 124 41.31 1.66 2.85
N PHE B 125 40.17 1.25 2.33
CA PHE B 125 39.84 1.46 0.97
C PHE B 125 38.58 2.30 0.88
N SER B 126 38.44 3.04 -0.22
CA SER B 126 37.15 3.54 -0.71
C SER B 126 36.84 2.93 -2.09
N ILE B 127 35.55 2.86 -2.40
CA ILE B 127 35.06 2.31 -3.65
C ILE B 127 34.79 3.44 -4.62
N GLY B 128 35.54 3.45 -5.70
CA GLY B 128 35.42 4.46 -6.74
C GLY B 128 34.74 3.88 -7.96
N TYR B 129 33.45 3.60 -7.84
CA TYR B 129 32.72 3.14 -8.98
C TYR B 129 31.94 4.23 -9.67
N SER B 130 30.97 4.80 -8.94
CA SER B 130 30.01 5.69 -9.54
C SER B 130 30.63 6.97 -10.10
N GLU B 131 29.97 7.52 -11.07
CA GLU B 131 30.24 8.87 -11.56
C GLU B 131 28.95 9.65 -11.70
N PRO B 132 29.05 10.98 -11.95
CA PRO B 132 27.83 11.74 -12.16
C PRO B 132 26.95 11.13 -13.23
N GLY B 133 27.56 10.68 -14.31
CA GLY B 133 26.81 10.07 -15.43
C GLY B 133 26.70 8.56 -15.40
N ALA B 134 27.18 7.93 -14.32
CA ALA B 134 27.16 6.49 -14.25
C ALA B 134 26.74 6.10 -12.83
N GLY B 135 25.44 5.91 -12.62
CA GLY B 135 24.89 5.54 -11.30
C GLY B 135 24.38 4.14 -11.41
N THR B 136 23.10 3.96 -11.77
CA THR B 136 22.53 2.63 -11.96
C THR B 136 23.19 2.02 -13.19
N ASP B 137 23.49 2.84 -14.21
CA ASP B 137 24.17 2.40 -15.46
C ASP B 137 25.68 2.57 -15.28
N LEU B 138 26.25 1.73 -14.40
CA LEU B 138 27.65 1.85 -14.05
C LEU B 138 28.57 1.65 -15.28
N ALA B 139 28.10 0.84 -16.25
CA ALA B 139 28.85 0.53 -17.49
C ALA B 139 29.10 1.75 -18.35
N ASN B 140 28.37 2.83 -18.07
CA ASN B 140 28.57 4.11 -18.73
C ASN B 140 29.72 4.94 -18.21
N LEU B 141 30.44 4.45 -17.20
CA LEU B 141 31.52 5.22 -16.60
C LEU B 141 32.54 5.64 -17.69
N ARG B 142 33.12 6.82 -17.50
CA ARG B 142 34.05 7.42 -18.49
C ARG B 142 35.42 7.71 -17.98
N THR B 143 35.68 7.48 -16.69
CA THR B 143 37.00 7.71 -16.16
C THR B 143 37.96 6.79 -16.95
N THR B 144 39.04 7.34 -17.51
CA THR B 144 39.89 6.55 -18.44
C THR B 144 41.23 6.23 -17.88
N ALA B 145 41.77 5.12 -18.36
CA ALA B 145 43.11 4.69 -18.02
C ALA B 145 43.79 4.30 -19.31
N VAL B 146 44.91 4.99 -19.58
CA VAL B 146 45.65 4.80 -20.80
C VAL B 146 47.04 4.30 -20.46
N ARG B 147 47.47 3.25 -21.17
CA ARG B 147 48.82 2.69 -20.97
C ARG B 147 49.94 3.63 -21.35
N ASP B 148 50.85 3.85 -20.42
CA ASP B 148 52.07 4.58 -20.74
C ASP B 148 53.26 3.87 -20.10
N GLY B 149 53.99 3.08 -20.89
CA GLY B 149 55.06 2.28 -20.34
C GLY B 149 54.51 1.24 -19.38
N ASP B 150 55.09 1.17 -18.17
CA ASP B 150 54.65 0.24 -17.10
C ASP B 150 53.59 0.87 -16.21
N ASP B 151 52.97 1.96 -16.66
CA ASP B 151 51.95 2.66 -15.88
C ASP B 151 50.67 2.80 -16.69
N TYR B 152 49.56 2.92 -15.96
CA TYR B 152 48.36 3.55 -16.51
C TYR B 152 48.30 5.02 -16.11
N VAL B 153 47.83 5.83 -17.06
CA VAL B 153 47.55 7.23 -16.80
C VAL B 153 46.02 7.39 -16.73
N VAL B 154 45.57 7.89 -15.58
CA VAL B 154 44.14 7.92 -15.20
C VAL B 154 43.61 9.34 -15.19
N ASN B 155 42.53 9.55 -15.90
CA ASN B 155 41.87 10.81 -15.92
C ASN B 155 40.37 10.59 -15.77
N GLY B 156 39.79 11.36 -14.84
CA GLY B 156 38.34 11.49 -14.75
C GLY B 156 37.95 11.89 -13.34
N GLN B 157 36.80 11.39 -12.91
CA GLN B 157 36.20 11.73 -11.62
C GLN B 157 35.14 10.71 -11.22
N LYS B 158 35.04 10.53 -9.92
CA LYS B 158 34.05 9.66 -9.34
C LYS B 158 33.16 10.49 -8.39
N TRP B 160 30.28 10.09 -5.00
CA TRP B 160 29.79 9.31 -3.86
C TRP B 160 30.91 8.40 -3.33
N THR B 161 32.14 8.89 -3.37
CA THR B 161 33.26 8.07 -2.97
C THR B 161 33.36 8.09 -1.45
N SER B 162 32.68 7.14 -0.80
CA SER B 162 32.50 7.20 0.67
C SER B 162 33.76 6.78 1.40
N LEU B 163 33.92 7.33 2.61
CA LEU B 163 34.99 7.06 3.53
C LEU B 163 36.37 7.47 3.01
N ILE B 164 36.40 8.37 2.04
CA ILE B 164 37.65 8.79 1.41
C ILE B 164 38.62 9.46 2.42
N GLN B 165 38.10 10.16 3.40
CA GLN B 165 38.95 10.86 4.34
C GLN B 165 39.81 9.91 5.19
N TYR B 166 39.47 8.63 5.21
CA TYR B 166 40.25 7.65 5.94
C TYR B 166 40.99 6.72 5.00
N ALA B 167 40.69 6.83 3.71
CA ALA B 167 41.19 5.89 2.72
C ALA B 167 42.69 6.01 2.45
N ASP B 168 43.33 4.85 2.26
CA ASP B 168 44.72 4.79 1.83
C ASP B 168 44.74 4.51 0.33
N TYR B 169 43.68 3.87 -0.15
CA TYR B 169 43.57 3.53 -1.57
C TYR B 169 42.13 3.62 -2.07
N VAL B 170 41.99 3.94 -3.35
CA VAL B 170 40.73 3.85 -4.04
C VAL B 170 40.75 2.59 -4.89
N TRP B 171 39.68 1.83 -4.78
CA TRP B 171 39.35 0.72 -5.66
C TRP B 171 38.56 1.29 -6.80
N LEU B 172 39.27 1.52 -7.92
CA LEU B 172 38.82 2.40 -8.98
C LEU B 172 38.42 1.65 -10.25
N ALA B 173 37.18 1.86 -10.69
CA ALA B 173 36.71 1.29 -11.96
C ALA B 173 37.02 2.29 -13.07
N VAL B 174 37.71 1.82 -14.13
CA VAL B 174 38.17 2.70 -15.22
C VAL B 174 37.92 2.10 -16.58
N ARG B 175 37.84 2.96 -17.58
CA ARG B 175 37.62 2.49 -18.96
C ARG B 175 38.99 2.42 -19.65
N THR B 176 39.41 1.20 -19.91
CA THR B 176 40.66 0.94 -20.59
C THR B 176 40.38 0.66 -22.09
N ASN B 177 39.12 0.72 -22.54
CA ASN B 177 38.80 0.60 -23.98
C ASN B 177 37.57 1.37 -24.53
N PRO B 178 37.76 2.37 -25.42
CA PRO B 178 36.51 2.95 -26.07
C PRO B 178 36.09 2.37 -27.43
N LYS B 184 29.19 -3.98 -25.53
CA LYS B 184 30.42 -3.19 -25.71
C LYS B 184 30.80 -2.33 -24.47
N LYS B 185 30.05 -1.27 -24.18
CA LYS B 185 30.33 -0.36 -23.02
C LYS B 185 30.80 -1.11 -21.77
N HIS B 186 30.18 -2.25 -21.48
CA HIS B 186 30.60 -3.07 -20.35
C HIS B 186 31.88 -3.87 -20.59
N ARG B 187 32.32 -3.97 -21.84
CA ARG B 187 33.50 -4.80 -22.09
C ARG B 187 34.84 -4.01 -22.00
N GLY B 188 34.78 -2.69 -21.85
CA GLY B 188 36.00 -1.88 -21.85
C GLY B 188 36.50 -1.45 -20.47
N ILE B 189 36.28 -2.26 -19.44
CA ILE B 189 36.52 -1.86 -18.02
C ILE B 189 37.61 -2.64 -17.29
N SER B 190 38.38 -1.94 -16.46
CA SER B 190 39.32 -2.57 -15.56
C SER B 190 39.21 -2.01 -14.16
N VAL B 191 39.77 -2.75 -13.19
CA VAL B 191 39.93 -2.29 -11.82
C VAL B 191 41.40 -1.97 -11.49
N LEU B 192 41.61 -0.77 -10.97
CA LEU B 192 42.94 -0.30 -10.51
C LEU B 192 42.90 0.05 -9.02
N ILE B 193 43.96 -0.32 -8.31
CA ILE B 193 44.22 0.15 -6.95
C ILE B 193 45.05 1.44 -6.99
N VAL B 194 44.50 2.53 -6.45
CA VAL B 194 45.08 3.84 -6.61
C VAL B 194 45.33 4.45 -5.23
N PRO B 195 46.61 4.72 -4.89
CA PRO B 195 46.87 5.27 -3.55
C PRO B 195 46.42 6.70 -3.44
N THR B 196 45.90 7.04 -2.26
CA THR B 196 45.35 8.39 -2.10
C THR B 196 46.42 9.39 -1.89
N THR B 197 47.66 8.94 -1.85
CA THR B 197 48.80 9.85 -1.84
C THR B 197 49.22 10.22 -3.27
N ALA B 198 48.62 9.62 -4.29
CA ALA B 198 49.13 9.84 -5.64
C ALA B 198 49.02 11.29 -6.08
N GLU B 199 49.97 11.75 -6.88
CA GLU B 199 49.90 13.11 -7.42
C GLU B 199 48.78 13.21 -8.46
N GLY B 200 47.98 14.27 -8.41
CA GLY B 200 46.85 14.42 -9.37
C GLY B 200 45.50 13.89 -8.81
N PHE B 201 45.57 13.20 -7.68
CA PHE B 201 44.36 12.80 -6.91
C PHE B 201 43.85 13.87 -5.93
N SER B 202 42.55 14.20 -5.95
CA SER B 202 42.00 15.10 -4.89
C SER B 202 40.54 14.73 -4.59
N TRP B 203 39.98 15.32 -3.54
CA TRP B 203 38.57 15.08 -3.18
C TRP B 203 37.95 16.29 -2.47
N THR B 204 36.62 16.36 -2.50
CA THR B 204 35.86 17.38 -1.78
C THR B 204 34.63 16.72 -1.11
N PRO B 205 34.27 17.17 0.10
CA PRO B 205 33.26 16.47 0.84
C PRO B 205 31.90 16.62 0.18
N VAL B 206 31.03 15.66 0.42
CA VAL B 206 29.61 15.72 -0.01
C VAL B 206 28.80 15.38 1.26
N HIS B 207 27.91 16.27 1.67
CA HIS B 207 27.09 16.04 2.88
C HIS B 207 25.71 15.55 2.40
N THR B 208 25.07 14.69 3.20
CA THR B 208 23.76 14.14 2.82
C THR B 208 22.81 14.33 3.97
N ALA B 210 20.59 12.22 4.61
CA ALA B 210 20.41 10.86 5.11
C ALA B 210 21.28 10.60 6.30
N GLY B 211 22.42 11.25 6.35
CA GLY B 211 23.28 11.13 7.54
C GLY B 211 24.71 11.05 7.14
N PRO B 212 25.11 9.92 6.59
CA PRO B 212 26.57 9.85 6.23
C PRO B 212 27.10 10.95 5.26
N ASP B 213 28.31 11.37 5.49
CA ASP B 213 29.09 12.23 4.55
C ASP B 213 29.62 11.29 3.48
N THR B 214 29.93 11.82 2.29
CA THR B 214 30.64 11.04 1.24
C THR B 214 31.51 12.11 0.52
N SER B 215 31.87 11.89 -0.73
CA SER B 215 32.74 12.79 -1.41
C SER B 215 32.61 12.69 -2.91
N ALA B 216 33.24 13.67 -3.56
CA ALA B 216 33.58 13.54 -4.97
C ALA B 216 35.08 13.34 -5.00
N THR B 217 35.57 12.44 -5.88
CA THR B 217 36.99 12.30 -6.11
C THR B 217 37.39 12.68 -7.57
N TYR B 218 38.62 13.16 -7.72
CA TYR B 218 39.15 13.61 -9.02
C TYR B 218 40.54 13.03 -9.30
N TYR B 219 40.79 12.77 -10.57
CA TYR B 219 41.99 12.08 -11.01
C TYR B 219 42.53 12.84 -12.22
N SER B 220 43.61 13.57 -12.00
CA SER B 220 44.15 14.43 -13.05
C SER B 220 45.52 13.89 -13.40
N ASP B 221 45.63 13.20 -14.53
CA ASP B 221 46.89 12.54 -14.94
C ASP B 221 47.52 11.75 -13.82
N VAL B 222 46.73 10.91 -13.18
CA VAL B 222 47.24 10.13 -12.07
C VAL B 222 47.98 8.90 -12.62
N ARG B 223 49.20 8.67 -12.17
CA ARG B 223 50.01 7.55 -12.63
C ARG B 223 50.03 6.43 -11.64
N VAL B 224 49.66 5.23 -12.07
CA VAL B 224 49.81 4.07 -11.21
C VAL B 224 50.35 2.92 -12.01
N PRO B 225 51.15 2.08 -11.36
CA PRO B 225 51.74 0.94 -12.01
C PRO B 225 50.68 0.01 -12.59
N VAL B 226 51.05 -0.65 -13.68
CA VAL B 226 50.24 -1.68 -14.28
C VAL B 226 50.08 -2.81 -13.28
N ALA B 227 51.08 -2.96 -12.40
CA ALA B 227 51.01 -3.95 -11.35
C ALA B 227 49.86 -3.68 -10.38
N ASN B 228 49.24 -2.51 -10.46
CA ASN B 228 48.06 -2.17 -9.60
C ASN B 228 46.74 -2.54 -10.19
N ARG B 229 46.75 -3.06 -11.41
CA ARG B 229 45.54 -3.53 -12.01
C ARG B 229 45.19 -4.84 -11.38
N VAL B 230 43.91 -4.99 -11.02
CA VAL B 230 43.40 -6.25 -10.52
C VAL B 230 42.60 -6.94 -11.65
N GLY B 231 42.90 -8.22 -11.87
CA GLY B 231 42.38 -8.96 -13.02
C GLY B 231 42.94 -8.46 -14.35
N GLU B 232 42.37 -8.97 -15.44
CA GLU B 232 42.82 -8.61 -16.77
C GLU B 232 42.25 -7.26 -17.27
N GLU B 233 43.03 -6.58 -18.09
CA GLU B 233 42.58 -5.38 -18.74
C GLU B 233 41.27 -5.66 -19.47
N ASN B 234 40.27 -4.81 -19.26
CA ASN B 234 38.96 -4.95 -19.92
C ASN B 234 38.05 -6.10 -19.44
N ALA B 235 38.48 -6.79 -18.41
CA ALA B 235 37.71 -7.82 -17.78
C ALA B 235 37.22 -7.38 -16.40
N GLY B 236 37.22 -6.09 -16.11
CA GLY B 236 36.91 -5.64 -14.76
C GLY B 236 35.40 -5.61 -14.48
N TRP B 237 34.57 -5.61 -15.51
CA TRP B 237 33.12 -5.61 -15.29
C TRP B 237 32.67 -6.80 -14.41
N LYS B 238 33.16 -7.98 -14.79
CA LYS B 238 33.03 -9.21 -14.01
C LYS B 238 33.35 -9.04 -12.52
N LEU B 239 34.44 -8.31 -12.25
CA LEU B 239 34.90 -8.09 -10.89
C LEU B 239 33.91 -7.21 -10.14
N VAL B 240 33.56 -6.10 -10.77
CA VAL B 240 32.83 -5.03 -10.06
C VAL B 240 31.34 -5.32 -9.93
N THR B 241 30.85 -6.30 -10.69
CA THR B 241 29.46 -6.72 -10.56
C THR B 241 29.29 -8.11 -9.94
N ASN B 242 30.37 -8.70 -9.41
CA ASN B 242 30.29 -10.00 -8.73
C ASN B 242 29.69 -11.07 -9.65
N GLN B 243 29.99 -10.96 -10.91
CA GLN B 243 29.37 -11.84 -11.90
C GLN B 243 29.57 -13.34 -11.54
N LEU B 244 30.74 -13.75 -11.08
CA LEU B 244 30.93 -15.16 -10.70
C LEU B 244 30.80 -15.45 -9.19
N ASN B 245 30.12 -14.58 -8.45
CA ASN B 245 29.81 -14.85 -7.05
C ASN B 245 31.03 -15.16 -6.18
N HIS B 246 32.15 -14.51 -6.46
CA HIS B 246 33.32 -14.57 -5.57
C HIS B 246 33.05 -13.85 -4.23
N GLU B 247 31.92 -13.14 -4.12
CA GLU B 247 31.48 -12.52 -2.87
C GLU B 247 30.17 -13.14 -2.37
N ARG B 248 29.95 -13.17 -1.05
CA ARG B 248 28.66 -13.57 -0.44
C ARG B 248 27.53 -12.59 -0.71
N VAL B 249 26.29 -13.01 -0.52
CA VAL B 249 25.16 -12.08 -0.70
C VAL B 249 25.26 -10.88 0.27
N ALA B 250 25.13 -9.66 -0.26
CA ALA B 250 24.97 -8.43 0.56
C ALA B 250 23.59 -8.49 1.28
N LEU B 251 23.54 -8.40 2.62
CA LEU B 251 22.26 -8.55 3.35
C LEU B 251 21.85 -7.23 4.02
N VAL B 252 20.54 -7.02 4.11
CA VAL B 252 19.93 -5.86 4.72
C VAL B 252 19.51 -6.34 6.08
N SER B 253 20.26 -5.97 7.12
CA SER B 253 19.96 -6.55 8.41
C SER B 253 18.63 -6.01 8.90
N PRO B 254 17.82 -6.84 9.55
CA PRO B 254 16.60 -6.38 10.22
C PRO B 254 16.80 -5.87 11.64
N ALA B 255 18.03 -5.96 12.12
CA ALA B 255 18.31 -5.67 13.53
C ALA B 255 17.95 -4.24 13.97
N PRO B 256 18.23 -3.22 13.16
CA PRO B 256 17.74 -1.87 13.55
C PRO B 256 16.23 -1.72 13.64
N ILE B 257 15.50 -2.38 12.75
CA ILE B 257 14.03 -2.36 12.80
C ILE B 257 13.56 -3.05 14.06
N PHE B 258 14.06 -4.24 14.33
CA PHE B 258 13.63 -4.91 15.55
C PHE B 258 14.03 -4.15 16.80
N GLY B 259 15.22 -3.56 16.77
CA GLY B 259 15.69 -2.71 17.91
C GLY B 259 14.80 -1.53 18.20
N CYS B 260 14.46 -0.78 17.15
CA CYS B 260 13.55 0.35 17.28
C CYS B 260 12.19 -0.13 17.76
N LEU B 261 11.73 -1.25 17.23
CA LEU B 261 10.42 -1.77 17.65
C LEU B 261 10.45 -2.06 19.13
N ARG B 262 11.51 -2.72 19.56
CA ARG B 262 11.62 -3.10 20.97
C ARG B 262 11.59 -1.87 21.83
N GLU B 263 12.38 -0.87 21.45
CA GLU B 263 12.50 0.32 22.29
C GLU B 263 11.24 1.13 22.34
N VAL B 264 10.56 1.22 21.21
CA VAL B 264 9.28 1.91 21.19
C VAL B 264 8.22 1.18 22.00
N ARG B 265 8.19 -0.14 21.85
CA ARG B 265 7.25 -0.96 22.56
C ARG B 265 7.42 -0.81 24.08
N GLU B 266 8.67 -0.88 24.55
CA GLU B 266 8.98 -0.68 26.00
C GLU B 266 8.53 0.72 26.52
N TRP B 267 8.82 1.74 25.71
CA TRP B 267 8.45 3.10 25.99
C TRP B 267 6.94 3.25 26.06
N ALA B 268 6.22 2.59 25.15
CA ALA B 268 4.75 2.66 25.15
C ALA B 268 4.14 1.92 26.35
N GLN B 269 4.83 0.89 26.81
CA GLN B 269 4.45 0.18 28.02
C GLN B 269 4.64 1.01 29.30
N ASN B 270 5.54 1.99 29.28
CA ASN B 270 5.94 2.67 30.50
C ASN B 270 5.52 4.12 30.44
N THR B 271 4.65 4.51 29.50
CA THR B 271 4.26 5.91 29.34
C THR B 271 2.74 5.99 29.33
N LYS B 272 2.19 6.97 30.05
CA LYS B 272 0.73 7.19 30.16
C LYS B 272 0.15 7.99 28.98
N ASP B 273 -0.98 7.55 28.44
CA ASP B 273 -1.77 8.35 27.48
C ASP B 273 -2.71 9.19 28.28
N ALA B 274 -3.46 10.04 27.61
CA ALA B 274 -4.52 10.79 28.29
C ALA B 274 -5.34 9.76 29.12
N GLY B 275 -5.66 10.13 30.36
CA GLY B 275 -6.35 9.23 31.28
C GLY B 275 -5.50 8.38 32.22
N GLY B 276 -4.20 8.28 31.98
CA GLY B 276 -3.37 7.41 32.82
C GLY B 276 -3.36 5.95 32.31
N THR B 277 -3.89 5.70 31.12
CA THR B 277 -3.78 4.36 30.52
C THR B 277 -2.41 4.32 29.83
N ARG B 278 -1.79 3.17 29.76
CA ARG B 278 -0.55 3.05 29.03
C ARG B 278 -0.85 3.30 27.53
N LEU B 279 0.04 4.04 26.90
CA LEU B 279 0.04 4.26 25.46
C LEU B 279 -0.11 2.96 24.68
N ILE B 280 0.54 1.89 25.13
CA ILE B 280 0.48 0.65 24.43
C ILE B 280 -0.85 -0.01 24.54
N ASP B 281 -1.70 0.43 25.48
CA ASP B 281 -3.04 -0.15 25.58
C ASP B 281 -4.01 0.33 24.53
N SER B 282 -3.64 1.30 23.70
CA SER B 282 -4.44 1.66 22.53
C SER B 282 -4.35 0.64 21.45
N GLU B 283 -5.50 0.28 20.91
CA GLU B 283 -5.53 -0.63 19.80
C GLU B 283 -4.73 -0.17 18.58
N TRP B 284 -4.78 1.12 18.23
CA TRP B 284 -4.04 1.65 17.07
C TRP B 284 -2.55 1.45 17.25
N VAL B 285 -2.06 1.63 18.47
CA VAL B 285 -0.59 1.49 18.71
C VAL B 285 -0.22 0.06 18.52
N GLN B 286 -1.03 -0.84 19.06
CA GLN B 286 -0.80 -2.29 18.93
C GLN B 286 -0.78 -2.73 17.49
N LEU B 287 -1.72 -2.20 16.70
CA LEU B 287 -1.73 -2.52 15.25
C LEU B 287 -0.49 -2.02 14.50
N ASN B 288 -0.02 -0.81 14.81
CA ASN B 288 1.25 -0.33 14.24
C ASN B 288 2.44 -1.24 14.58
N LEU B 289 2.60 -1.57 15.88
CA LEU B 289 3.68 -2.37 16.32
C LEU B 289 3.60 -3.78 15.74
N ALA B 290 2.41 -4.34 15.66
CA ALA B 290 2.20 -5.65 15.11
C ALA B 290 2.60 -5.73 13.66
N ARG B 291 2.28 -4.71 12.90
CA ARG B 291 2.63 -4.65 11.51
C ARG B 291 4.13 -4.63 11.34
N VAL B 292 4.82 -3.85 12.13
CA VAL B 292 6.29 -3.86 12.14
C VAL B 292 6.91 -5.22 12.41
N HIS B 293 6.39 -5.86 13.45
CA HIS B 293 6.82 -7.17 13.83
C HIS B 293 6.62 -8.16 12.70
N ALA B 294 5.38 -8.23 12.21
CA ALA B 294 5.06 -9.27 11.24
C ALA B 294 5.83 -9.13 9.95
N LYS B 295 6.14 -7.92 9.57
CA LYS B 295 6.91 -7.72 8.35
C LYS B 295 8.42 -7.91 8.56
N ALA B 296 8.94 -7.40 9.66
CA ALA B 296 10.37 -7.59 10.00
C ALA B 296 10.72 -9.08 10.12
N GLU B 297 9.78 -9.88 10.59
CA GLU B 297 9.98 -11.34 10.56
C GLU B 297 10.35 -11.93 9.23
N VAL B 298 9.72 -11.43 8.14
CA VAL B 298 10.07 -11.89 6.82
C VAL B 298 11.51 -11.55 6.45
N LEU B 299 11.95 -10.34 6.78
CA LEU B 299 13.32 -9.90 6.47
C LEU B 299 14.29 -10.80 7.23
N LYS B 300 14.00 -11.04 8.49
CA LYS B 300 14.82 -11.96 9.30
C LYS B 300 14.91 -13.36 8.64
N LEU B 301 13.74 -13.88 8.27
CA LEU B 301 13.67 -15.23 7.75
C LEU B 301 14.33 -15.36 6.39
N ILE B 302 14.11 -14.40 5.51
CA ILE B 302 14.66 -14.53 4.14
C ILE B 302 16.16 -14.43 4.22
N ASN B 303 16.68 -13.55 5.08
CA ASN B 303 18.13 -13.48 5.22
C ASN B 303 18.73 -14.79 5.80
N TRP B 304 18.11 -15.35 6.84
CA TRP B 304 18.50 -16.65 7.40
C TRP B 304 18.51 -17.72 6.26
N GLU B 305 17.50 -17.71 5.40
CA GLU B 305 17.48 -18.69 4.32
C GLU B 305 18.61 -18.46 3.36
N LEU B 306 18.82 -17.20 2.96
CA LEU B 306 19.92 -16.91 2.03
C LEU B 306 21.28 -17.39 2.55
N ALA B 307 21.53 -17.10 3.82
CA ALA B 307 22.82 -17.39 4.42
C ALA B 307 23.01 -18.92 4.67
N SER B 308 21.99 -19.57 5.18
CA SER B 308 22.05 -20.99 5.52
C SER B 308 22.06 -21.86 4.30
N SER B 309 21.61 -21.33 3.17
CA SER B 309 21.66 -22.05 1.91
C SER B 309 23.02 -21.87 1.19
N GLN B 310 23.94 -21.06 1.70
CA GLN B 310 25.27 -20.98 1.13
C GLN B 310 26.11 -21.89 2.02
N SER B 311 25.73 -23.16 2.14
CA SER B 311 26.30 -24.07 3.11
C SER B 311 27.17 -25.13 2.43
N GLY B 317 24.91 -21.73 -4.51
CA GLY B 317 24.43 -20.37 -4.61
C GLY B 317 22.94 -20.24 -4.29
N PRO B 318 22.58 -19.23 -3.49
CA PRO B 318 21.16 -18.82 -3.35
C PRO B 318 20.66 -18.19 -4.65
N SER B 319 19.38 -18.35 -5.01
CA SER B 319 18.90 -17.74 -6.25
C SER B 319 19.19 -16.22 -6.26
N PRO B 320 19.70 -15.69 -7.39
CA PRO B 320 19.67 -14.24 -7.58
C PRO B 320 18.25 -13.65 -7.33
N ALA B 321 17.20 -14.43 -7.58
CA ALA B 321 15.88 -13.90 -7.33
C ALA B 321 15.60 -13.69 -5.83
N ASP B 322 16.08 -14.57 -4.96
CA ASP B 322 15.87 -14.40 -3.53
C ASP B 322 16.73 -13.33 -2.92
N ALA B 323 17.93 -13.17 -3.42
CA ALA B 323 18.78 -12.09 -3.00
C ALA B 323 18.13 -10.72 -3.35
N SER B 324 17.59 -10.60 -4.60
CA SER B 324 16.94 -9.43 -5.00
C SER B 324 15.65 -9.22 -4.20
N ALA B 325 14.89 -10.28 -3.98
CA ALA B 325 13.67 -10.16 -3.17
C ALA B 325 13.94 -9.62 -1.77
N ALA B 326 14.97 -10.15 -1.14
CA ALA B 326 15.33 -9.72 0.24
C ALA B 326 15.71 -8.25 0.26
N LYS B 327 16.49 -7.85 -0.73
CA LYS B 327 16.93 -6.47 -0.79
C LYS B 327 15.78 -5.49 -1.03
N VAL B 328 14.89 -5.79 -1.98
CA VAL B 328 13.74 -4.94 -2.19
C VAL B 328 12.85 -4.91 -0.98
N PHE B 329 12.52 -6.09 -0.48
CA PHE B 329 11.61 -6.20 0.68
C PHE B 329 12.15 -5.45 1.89
N GLY B 330 13.41 -5.65 2.21
CA GLY B 330 13.97 -5.03 3.40
C GLY B 330 14.16 -3.50 3.28
N THR B 331 14.55 -3.01 2.12
CA THR B 331 14.79 -1.57 1.98
C THR B 331 13.45 -0.85 1.90
N GLU B 332 12.46 -1.45 1.27
CA GLU B 332 11.12 -0.86 1.30
C GLU B 332 10.54 -0.94 2.70
N LEU B 333 10.74 -2.08 3.38
CA LEU B 333 10.17 -2.22 4.74
C LEU B 333 10.61 -1.12 5.68
N ALA B 334 11.89 -0.78 5.65
CA ALA B 334 12.44 0.25 6.54
C ALA B 334 11.65 1.58 6.47
N THR B 335 11.32 2.01 5.25
CA THR B 335 10.61 3.24 5.06
C THR B 335 9.22 3.12 5.72
N GLU B 336 8.62 1.95 5.59
CA GLU B 336 7.29 1.71 6.20
C GLU B 336 7.38 1.54 7.70
N ALA B 337 8.32 0.73 8.18
CA ALA B 337 8.43 0.49 9.65
C ALA B 337 8.72 1.75 10.47
N TYR B 338 9.66 2.60 10.01
CA TYR B 338 10.03 3.76 10.77
C TYR B 338 8.88 4.80 10.78
N ARG B 339 8.09 4.84 9.71
CA ARG B 339 6.86 5.61 9.71
C ARG B 339 5.91 5.15 10.80
N LEU B 340 5.64 3.84 10.83
CA LEU B 340 4.71 3.31 11.84
C LEU B 340 5.12 3.53 13.27
N LEU B 341 6.41 3.40 13.50
CA LEU B 341 6.97 3.72 14.85
C LEU B 341 6.96 5.21 15.18
N GLU B 343 4.68 7.29 14.10
CA GLU B 343 3.31 7.59 14.54
C GLU B 343 3.16 7.36 16.01
N VAL B 344 3.67 6.22 16.50
CA VAL B 344 3.49 5.89 17.92
C VAL B 344 4.17 6.93 18.81
N LEU B 345 5.31 7.42 18.38
CA LEU B 345 6.09 8.41 19.16
C LEU B 345 5.41 9.79 19.23
N GLY B 346 4.36 10.02 18.44
CA GLY B 346 3.51 11.19 18.60
C GLY B 346 4.30 12.48 18.41
N THR B 347 4.18 13.40 19.38
CA THR B 347 4.87 14.71 19.30
C THR B 347 6.36 14.63 19.50
N ALA B 348 6.89 13.50 19.94
CA ALA B 348 8.33 13.30 19.99
C ALA B 348 8.98 12.76 18.72
N ALA B 349 8.16 12.42 17.73
CA ALA B 349 8.68 11.60 16.59
C ALA B 349 9.81 12.25 15.85
N THR B 350 9.64 13.52 15.56
CA THR B 350 10.58 14.28 14.76
C THR B 350 11.74 14.87 15.50
N LEU B 351 11.85 14.63 16.80
CA LEU B 351 13.02 15.15 17.54
C LEU B 351 14.29 14.40 17.18
N ARG B 352 15.30 15.11 16.71
CA ARG B 352 16.54 14.46 16.32
C ARG B 352 17.41 14.14 17.51
N GLN B 353 18.37 13.24 17.27
CA GLN B 353 19.29 12.82 18.29
C GLN B 353 19.87 13.94 19.11
N ASN B 354 20.28 15.02 18.54
CA ASN B 354 20.88 16.03 19.51
C ASN B 354 19.87 16.80 20.42
N SER B 355 18.60 16.60 20.24
CA SER B 355 17.69 17.63 20.65
C SER B 355 17.27 17.45 22.06
N PRO B 356 17.06 18.57 22.75
CA PRO B 356 16.32 18.44 24.01
C PRO B 356 15.00 17.75 23.76
N GLY B 357 14.56 16.91 24.67
CA GLY B 357 13.31 16.15 24.49
C GLY B 357 13.36 14.85 23.61
N ALA B 358 14.45 14.59 22.89
CA ALA B 358 14.54 13.41 22.07
C ALA B 358 14.26 12.18 22.88
N LEU B 359 13.51 11.26 22.29
CA LEU B 359 13.25 9.99 22.97
C LEU B 359 14.00 8.91 22.24
N LEU B 360 14.51 7.95 23.01
CA LEU B 360 15.22 6.78 22.48
C LEU B 360 16.40 7.24 21.72
N ARG B 361 16.98 8.33 22.21
CA ARG B 361 18.11 8.96 21.57
C ARG B 361 17.86 9.41 20.11
N GLY B 362 16.62 9.63 19.75
CA GLY B 362 16.34 10.03 18.36
C GLY B 362 16.66 8.94 17.35
N ARG B 363 16.71 7.68 17.81
CA ARG B 363 17.14 6.57 16.96
C ARG B 363 16.14 6.36 15.79
N VAL B 364 14.86 6.44 16.09
CA VAL B 364 13.85 6.15 15.05
C VAL B 364 13.91 7.23 13.98
N GLU B 365 14.02 8.51 14.40
CA GLU B 365 14.11 9.63 13.48
C GLU B 365 15.37 9.47 12.68
N ARG B 366 16.43 9.03 13.33
CA ARG B 366 17.69 8.90 12.60
C ARG B 366 17.59 7.82 11.52
N HIS B 368 14.95 6.75 9.95
CA HIS B 368 14.00 7.07 8.81
C HIS B 368 14.66 7.83 7.70
N ARG B 369 15.66 8.61 8.05
CA ARG B 369 16.52 9.27 7.07
C ARG B 369 17.65 8.38 6.59
N ALA B 370 18.30 7.68 7.50
CA ALA B 370 19.46 6.79 7.06
C ALA B 370 19.05 5.71 6.05
N CYS B 371 17.85 5.15 6.18
CA CYS B 371 17.44 4.07 5.27
C CYS B 371 17.15 4.52 3.84
N LEU B 372 17.07 5.81 3.59
CA LEU B 372 16.75 6.33 2.24
C LEU B 372 17.78 5.99 1.18
N ILE B 373 19.03 5.89 1.59
CA ILE B 373 20.02 5.60 0.59
C ILE B 373 19.92 4.16 0.09
N LEU B 374 19.28 3.26 0.84
CA LEU B 374 19.33 1.83 0.52
C LEU B 374 18.36 1.40 -0.59
N THR B 375 17.31 2.15 -0.82
CA THR B 375 16.34 1.76 -1.86
C THR B 375 16.93 1.89 -3.24
N PHE B 376 17.68 2.97 -3.47
CA PHE B 376 18.33 3.19 -4.79
C PHE B 376 19.77 2.68 -4.82
N GLY B 377 20.38 2.55 -3.66
CA GLY B 377 21.77 1.98 -3.51
C GLY B 377 21.77 0.46 -3.70
N GLY B 378 22.92 -0.10 -4.03
CA GLY B 378 23.07 -1.56 -4.08
C GLY B 378 22.26 -2.21 -5.20
N GLY B 379 22.02 -1.44 -6.25
CA GLY B 379 21.13 -1.84 -7.33
C GLY B 379 19.68 -1.43 -7.00
N THR B 380 19.21 -0.40 -7.70
CA THR B 380 17.97 0.21 -7.38
C THR B 380 16.79 -0.79 -7.45
N ASN B 381 15.75 -0.56 -6.65
CA ASN B 381 14.73 -1.56 -6.47
C ASN B 381 14.01 -1.94 -7.76
N GLU B 382 13.90 -1.03 -8.70
CA GLU B 382 13.13 -1.34 -9.92
C GLU B 382 13.92 -2.37 -10.69
N VAL B 383 15.25 -2.24 -10.64
CA VAL B 383 16.09 -3.23 -11.32
C VAL B 383 16.08 -4.57 -10.63
N GLN B 384 16.10 -4.52 -9.30
CA GLN B 384 16.05 -5.73 -8.52
C GLN B 384 14.72 -6.50 -8.84
N ARG B 385 13.61 -5.80 -8.99
CA ARG B 385 12.34 -6.44 -9.35
C ARG B 385 12.35 -7.01 -10.78
N ASP B 386 13.02 -6.33 -11.71
CA ASP B 386 13.24 -6.91 -13.04
C ASP B 386 13.95 -8.24 -12.95
N ILE B 387 14.98 -8.34 -12.11
CA ILE B 387 15.68 -9.58 -11.92
C ILE B 387 14.76 -10.66 -11.36
N ILE B 388 13.96 -10.33 -10.36
CA ILE B 388 13.05 -11.33 -9.79
C ILE B 388 12.13 -11.85 -10.92
N GLY B 389 11.64 -10.94 -11.74
CA GLY B 389 10.64 -11.29 -12.77
C GLY B 389 11.26 -12.21 -13.81
N VAL B 391 14.27 -14.01 -13.49
CA VAL B 391 14.84 -15.23 -12.95
C VAL B 391 13.83 -16.15 -12.27
N ALA B 392 13.01 -15.64 -11.35
CA ALA B 392 12.05 -16.49 -10.69
C ALA B 392 10.79 -16.79 -11.51
N LEU B 393 10.40 -15.89 -12.36
CA LEU B 393 9.11 -16.04 -13.04
C LEU B 393 9.22 -16.16 -14.52
N GLY B 394 10.42 -16.15 -15.06
CA GLY B 394 10.63 -16.45 -16.48
C GLY B 394 10.11 -15.38 -17.41
N LEU B 395 9.91 -14.15 -16.90
CA LEU B 395 9.40 -13.07 -17.73
C LEU B 395 10.42 -12.60 -18.73
N PRO B 396 9.98 -12.09 -19.89
CA PRO B 396 10.92 -11.62 -20.92
C PRO B 396 11.45 -10.28 -20.58
N ARG B 397 12.62 -9.95 -21.14
CA ARG B 397 13.19 -8.61 -21.07
C ARG B 397 12.20 -7.52 -21.42
N ALA B 398 12.18 -6.48 -20.59
CA ALA B 398 11.37 -5.31 -20.80
C ALA B 398 12.29 -4.27 -21.38
N ASP C 2 18.33 -24.29 9.42
CA ASP C 2 18.12 -25.13 8.23
C ASP C 2 16.64 -25.15 7.78
N PHE C 3 16.38 -24.74 6.55
CA PHE C 3 15.01 -24.53 6.05
C PHE C 3 14.43 -25.75 5.27
N THR C 4 15.25 -26.77 5.02
CA THR C 4 14.82 -28.04 4.37
C THR C 4 13.73 -28.71 5.15
N THR C 5 12.57 -28.96 4.57
CA THR C 5 11.56 -29.69 5.36
C THR C 5 11.95 -31.15 5.39
N THR C 6 11.22 -31.92 6.19
CA THR C 6 11.55 -33.30 6.36
C THR C 6 11.48 -34.08 5.05
N GLU C 7 12.18 -35.20 4.98
CA GLU C 7 12.08 -36.07 3.82
C GLU C 7 10.62 -36.58 3.64
N ALA C 8 9.96 -36.92 4.74
CA ALA C 8 8.57 -37.38 4.69
C ALA C 8 7.64 -36.25 4.14
N ALA C 9 7.88 -35.00 4.53
CA ALA C 9 7.07 -33.88 3.99
C ALA C 9 7.29 -33.75 2.52
N GLN C 10 8.53 -33.86 2.07
CA GLN C 10 8.79 -33.71 0.64
C GLN C 10 8.14 -34.88 -0.14
N ASP C 11 8.26 -36.09 0.38
CA ASP C 11 7.65 -37.26 -0.28
C ASP C 11 6.15 -37.12 -0.30
N LEU C 12 5.52 -36.75 0.81
CA LEU C 12 4.03 -36.58 0.80
C LEU C 12 3.57 -35.48 -0.14
N GLY C 13 4.22 -34.32 -0.07
CA GLY C 13 3.91 -33.25 -0.94
C GLY C 13 4.00 -33.61 -2.38
N GLY C 14 5.07 -34.33 -2.73
CA GLY C 14 5.24 -34.76 -4.13
C GLY C 14 4.15 -35.71 -4.58
N LEU C 15 3.81 -36.68 -3.76
CA LEU C 15 2.76 -37.64 -4.11
C LEU C 15 1.38 -36.97 -4.25
N VAL C 16 1.05 -36.09 -3.31
CA VAL C 16 -0.20 -35.32 -3.40
C VAL C 16 -0.24 -34.48 -4.66
N ASP C 17 0.87 -33.83 -5.01
CA ASP C 17 0.92 -33.06 -6.27
C ASP C 17 0.71 -33.92 -7.51
N THR C 18 1.25 -35.12 -7.50
CA THR C 18 0.96 -36.04 -8.60
C THR C 18 -0.52 -36.40 -8.68
N ILE C 19 -1.09 -36.73 -7.56
CA ILE C 19 -2.49 -37.05 -7.52
C ILE C 19 -3.39 -35.88 -7.98
N VAL C 20 -3.28 -34.69 -7.37
CA VAL C 20 -4.17 -33.56 -7.72
C VAL C 20 -3.91 -33.08 -9.16
N ASP C 21 -2.70 -33.21 -9.62
CA ASP C 21 -2.42 -32.88 -11.00
C ASP C 21 -3.15 -33.78 -11.98
N ALA C 22 -3.23 -35.05 -11.67
CA ALA C 22 -3.93 -36.00 -12.52
C ALA C 22 -5.43 -35.84 -12.40
N VAL C 23 -5.92 -35.64 -11.20
CA VAL C 23 -7.35 -35.61 -11.00
C VAL C 23 -7.94 -34.20 -11.31
N CYS C 24 -7.32 -33.14 -10.80
CA CYS C 24 -7.98 -31.80 -10.82
C CYS C 24 -7.66 -31.09 -12.08
N THR C 25 -8.06 -31.67 -13.21
CA THR C 25 -7.90 -31.02 -14.48
C THR C 25 -8.90 -29.86 -14.58
N PRO C 26 -8.69 -28.97 -15.54
CA PRO C 26 -9.66 -27.86 -15.73
C PRO C 26 -11.10 -28.30 -15.94
N GLU C 27 -11.28 -29.41 -16.64
CA GLU C 27 -12.60 -29.99 -16.88
C GLU C 27 -13.21 -30.54 -15.60
N HIS C 28 -12.36 -31.18 -14.79
CA HIS C 28 -12.84 -31.73 -13.56
C HIS C 28 -13.33 -30.61 -12.62
N GLN C 29 -12.58 -29.48 -12.58
CA GLN C 29 -12.99 -28.34 -11.76
C GLN C 29 -14.38 -27.81 -12.18
N ARG C 30 -14.59 -27.73 -13.48
CA ARG C 30 -15.91 -27.36 -14.04
C ARG C 30 -17.03 -28.32 -13.62
N GLU C 31 -16.77 -29.63 -13.63
CA GLU C 31 -17.76 -30.58 -13.13
C GLU C 31 -18.04 -30.39 -11.66
N LEU C 32 -17.00 -30.15 -10.88
CA LEU C 32 -17.26 -29.90 -9.45
C LEU C 32 -18.16 -28.69 -9.24
N ASP C 33 -18.02 -27.68 -10.10
CA ASP C 33 -18.87 -26.46 -10.00
C ASP C 33 -20.35 -26.77 -10.05
N LYS C 34 -20.72 -27.85 -10.70
CA LYS C 34 -22.15 -28.20 -10.79
C LYS C 34 -22.72 -28.87 -9.56
N LEU C 35 -21.91 -29.32 -8.60
CA LEU C 35 -22.44 -29.98 -7.45
C LEU C 35 -23.12 -28.99 -6.53
N GLU C 36 -24.16 -29.43 -5.85
CA GLU C 36 -24.77 -28.67 -4.77
C GLU C 36 -23.82 -28.48 -3.55
N GLN C 37 -23.00 -29.48 -3.31
CA GLN C 37 -21.95 -29.37 -2.29
C GLN C 37 -20.60 -29.69 -2.93
N ARG C 38 -19.70 -28.72 -2.93
CA ARG C 38 -18.41 -28.93 -3.57
C ARG C 38 -17.51 -29.84 -2.70
N PHE C 39 -17.58 -31.15 -2.97
CA PHE C 39 -16.80 -32.13 -2.28
C PHE C 39 -16.37 -33.11 -3.34
N ASP C 40 -15.06 -33.18 -3.55
CA ASP C 40 -14.47 -33.93 -4.61
C ASP C 40 -14.21 -35.37 -4.15
N ARG C 41 -15.22 -36.22 -4.34
CA ARG C 41 -15.21 -37.61 -3.88
C ARG C 41 -14.19 -38.42 -4.60
N GLU C 42 -14.01 -38.17 -5.88
CA GLU C 42 -13.00 -38.89 -6.61
C GLU C 42 -11.59 -38.62 -6.02
N LEU C 43 -11.31 -37.34 -5.73
CA LEU C 43 -10.02 -36.99 -5.20
C LEU C 43 -9.88 -37.65 -3.83
N TRP C 44 -10.91 -37.57 -3.03
CA TRP C 44 -10.86 -38.02 -1.66
C TRP C 44 -10.49 -39.53 -1.64
N ARG C 45 -11.15 -40.30 -2.51
CA ARG C 45 -10.90 -41.75 -2.66
C ARG C 45 -9.49 -42.02 -3.07
N LYS C 46 -8.96 -41.29 -4.05
CA LYS C 46 -7.55 -41.45 -4.41
C LYS C 46 -6.59 -41.11 -3.26
N LEU C 47 -6.91 -40.10 -2.47
CA LEU C 47 -6.05 -39.76 -1.33
C LEU C 47 -6.08 -40.83 -0.21
N ILE C 48 -7.26 -41.25 0.17
CA ILE C 48 -7.41 -42.39 1.05
C ILE C 48 -6.58 -43.57 0.54
N ASP C 49 -6.70 -43.94 -0.74
CA ASP C 49 -6.08 -45.16 -1.22
C ASP C 49 -4.62 -45.07 -1.26
N ALA C 50 -4.10 -43.87 -1.47
CA ALA C 50 -2.67 -43.68 -1.54
C ALA C 50 -2.06 -43.58 -0.12
N GLY C 51 -2.83 -43.66 0.93
CA GLY C 51 -2.28 -43.53 2.26
C GLY C 51 -2.10 -42.09 2.80
N ILE C 52 -2.63 -41.09 2.10
CA ILE C 52 -2.37 -39.68 2.45
C ILE C 52 -2.99 -39.32 3.75
N LEU C 53 -4.24 -39.77 3.99
CA LEU C 53 -4.91 -39.42 5.25
C LEU C 53 -4.23 -40.03 6.47
N SER C 54 -3.79 -41.27 6.32
CA SER C 54 -3.23 -41.99 7.49
C SER C 54 -1.77 -41.60 7.70
N SER C 55 -1.12 -41.07 6.70
CA SER C 55 0.31 -40.81 6.87
C SER C 55 0.67 -39.89 8.01
N ALA C 56 0.04 -38.70 8.11
CA ALA C 56 0.34 -37.71 9.15
C ALA C 56 -0.72 -37.64 10.24
N ALA C 57 -1.27 -38.81 10.57
CA ALA C 57 -2.20 -38.94 11.67
C ALA C 57 -1.59 -39.84 12.76
N PRO C 58 -2.02 -39.68 14.00
CA PRO C 58 -1.45 -40.44 15.11
C PRO C 58 -1.67 -41.95 15.00
N GLU C 59 -0.70 -42.68 15.52
CA GLU C 59 -0.75 -44.14 15.47
C GLU C 59 -2.00 -44.62 16.22
N SER C 60 -2.37 -43.95 17.32
CA SER C 60 -3.54 -44.30 18.10
C SER C 60 -4.85 -44.36 17.28
N LEU C 61 -4.88 -43.71 16.10
CA LEU C 61 -6.08 -43.63 15.27
C LEU C 61 -5.84 -44.38 14.02
N GLY C 62 -4.77 -45.15 13.98
CA GLY C 62 -4.48 -45.99 12.81
C GLY C 62 -3.56 -45.31 11.82
N GLY C 63 -2.93 -44.18 12.18
CA GLY C 63 -2.05 -43.48 11.25
C GLY C 63 -0.60 -43.93 11.34
N ASP C 64 0.24 -43.40 10.46
CA ASP C 64 1.67 -43.67 10.49
C ASP C 64 2.47 -42.78 11.45
N GLY C 65 1.82 -41.84 12.14
CA GLY C 65 2.50 -41.04 13.14
C GLY C 65 3.35 -39.84 12.69
N PHE C 66 3.31 -39.46 11.41
CA PHE C 66 3.89 -38.15 11.07
C PHE C 66 3.00 -37.03 11.64
N GLY C 67 3.51 -35.79 11.60
CA GLY C 67 2.95 -34.70 12.38
C GLY C 67 2.74 -33.44 11.53
N VAL C 68 2.85 -32.30 12.21
CA VAL C 68 2.48 -31.00 11.67
C VAL C 68 3.25 -30.65 10.40
N LEU C 69 4.55 -30.88 10.35
CA LEU C 69 5.24 -30.51 9.12
C LEU C 69 4.73 -31.23 7.90
N GLU C 70 4.37 -32.51 8.09
CA GLU C 70 3.93 -33.31 6.97
C GLU C 70 2.48 -32.89 6.62
N GLN C 71 1.66 -32.60 7.62
CA GLN C 71 0.31 -32.07 7.35
C GLN C 71 0.37 -30.76 6.54
N VAL C 72 1.27 -29.86 6.93
CA VAL C 72 1.50 -28.63 6.17
C VAL C 72 1.84 -28.92 4.73
N ALA C 73 2.76 -29.86 4.50
CA ALA C 73 3.13 -30.22 3.13
C ALA C 73 1.95 -30.70 2.32
N VAL C 74 1.07 -31.49 2.94
CA VAL C 74 -0.10 -32.00 2.25
C VAL C 74 -1.03 -30.85 1.91
N LEU C 75 -1.28 -29.98 2.89
CA LEU C 75 -2.16 -28.80 2.66
C LEU C 75 -1.69 -27.85 1.54
N VAL C 76 -0.38 -27.63 1.44
CA VAL C 76 0.17 -26.75 0.41
C VAL C 76 -0.09 -27.40 -0.94
N ALA C 77 0.19 -28.71 -1.04
CA ALA C 77 -0.03 -29.45 -2.29
C ALA C 77 -1.51 -29.49 -2.68
N LEU C 78 -2.38 -29.76 -1.74
CA LEU C 78 -3.81 -29.59 -2.00
C LEU C 78 -4.27 -28.18 -2.51
N GLY C 79 -3.76 -27.13 -1.88
CA GLY C 79 -4.01 -25.74 -2.26
C GLY C 79 -3.71 -25.46 -3.71
N HIS C 80 -2.66 -26.11 -4.23
CA HIS C 80 -2.26 -25.89 -5.62
C HIS C 80 -3.40 -26.05 -6.60
N GLN C 81 -4.21 -27.04 -6.33
CA GLN C 81 -5.36 -27.30 -7.16
C GLN C 81 -6.72 -27.07 -6.45
N LEU C 82 -6.74 -26.24 -5.41
CA LEU C 82 -8.00 -25.84 -4.74
C LEU C 82 -8.79 -27.03 -4.21
N ALA C 83 -8.08 -28.01 -3.67
CA ALA C 83 -8.67 -29.33 -3.51
C ALA C 83 -9.90 -29.17 -2.65
N ALA C 84 -11.04 -29.67 -3.12
CA ALA C 84 -12.30 -29.62 -2.33
C ALA C 84 -12.47 -30.88 -1.47
N VAL C 85 -11.53 -31.10 -0.54
CA VAL C 85 -11.61 -32.25 0.39
C VAL C 85 -11.38 -31.76 1.80
N PRO C 86 -12.02 -32.41 2.80
CA PRO C 86 -11.90 -31.99 4.19
C PRO C 86 -10.68 -32.55 4.92
N TYR C 87 -9.52 -32.56 4.27
CA TYR C 87 -8.27 -32.97 4.98
C TYR C 87 -8.05 -32.11 6.27
N LEU C 88 -8.14 -30.80 6.07
CA LEU C 88 -7.91 -29.89 7.12
C LEU C 88 -8.92 -30.10 8.25
N GLU C 89 -10.20 -30.05 7.90
CA GLU C 89 -11.26 -30.09 8.89
C GLU C 89 -11.29 -31.43 9.66
N SER C 90 -11.13 -32.50 8.95
CA SER C 90 -11.43 -33.87 9.45
C SER C 90 -10.21 -34.54 10.07
N VAL C 91 -9.12 -34.53 9.35
CA VAL C 91 -7.90 -35.19 9.79
C VAL C 91 -7.05 -34.27 10.65
N VAL C 92 -6.74 -33.06 10.17
CA VAL C 92 -5.78 -32.22 10.89
C VAL C 92 -6.41 -31.74 12.15
N LEU C 93 -7.61 -31.18 12.02
CA LEU C 93 -8.23 -30.56 13.17
C LEU C 93 -9.08 -31.54 14.04
N ALA C 94 -10.12 -32.16 13.47
CA ALA C 94 -11.03 -32.94 14.31
C ALA C 94 -10.34 -34.20 14.87
N ALA C 95 -9.75 -35.04 14.01
CA ALA C 95 -9.08 -36.22 14.46
C ALA C 95 -7.87 -35.90 15.35
N GLY C 96 -7.10 -34.87 14.97
CA GLY C 96 -6.03 -34.35 15.82
C GLY C 96 -6.48 -34.00 17.22
N ALA C 97 -7.62 -33.34 17.37
CA ALA C 97 -8.10 -32.98 18.70
C ALA C 97 -8.56 -34.23 19.53
N LEU C 98 -9.21 -35.18 18.88
CA LEU C 98 -9.65 -36.45 19.56
C LEU C 98 -8.41 -37.19 20.07
N ALA C 99 -7.38 -37.31 19.23
CA ALA C 99 -6.16 -37.96 19.59
C ALA C 99 -5.43 -37.24 20.71
N ARG C 100 -5.42 -35.93 20.71
CA ARG C 100 -4.69 -35.20 21.71
C ARG C 100 -5.42 -35.09 22.99
N PHE C 101 -6.73 -34.93 22.93
CA PHE C 101 -7.47 -34.59 24.15
C PHE C 101 -8.50 -35.63 24.53
N GLY C 102 -8.94 -36.44 23.59
CA GLY C 102 -10.17 -37.16 23.86
C GLY C 102 -9.96 -38.53 24.51
N SER C 103 -11.05 -39.07 25.08
CA SER C 103 -11.06 -40.42 25.65
C SER C 103 -10.77 -41.49 24.63
N PRO C 104 -10.29 -42.68 25.08
CA PRO C 104 -10.04 -43.77 24.16
C PRO C 104 -11.28 -44.17 23.38
N GLU C 105 -12.42 -44.04 24.05
CA GLU C 105 -13.72 -44.22 23.48
C GLU C 105 -13.97 -43.26 22.28
N LEU C 106 -13.77 -41.94 22.46
CA LEU C 106 -13.87 -40.98 21.30
C LEU C 106 -12.83 -41.32 20.22
N GLN C 107 -11.64 -41.77 20.61
CA GLN C 107 -10.59 -42.08 19.61
C GLN C 107 -10.94 -43.24 18.75
N GLN C 108 -11.35 -44.33 19.39
CA GLN C 108 -11.44 -45.60 18.71
C GLN C 108 -12.67 -45.67 17.81
N GLY C 109 -13.70 -44.90 18.09
CA GLY C 109 -14.81 -44.88 17.16
C GLY C 109 -14.61 -43.73 16.13
N TRP C 110 -14.94 -42.54 16.58
CA TRP C 110 -14.94 -41.35 15.68
C TRP C 110 -13.57 -41.03 15.12
N GLY C 111 -12.55 -41.05 15.98
CA GLY C 111 -11.17 -40.75 15.54
C GLY C 111 -10.69 -41.61 14.41
N VAL C 112 -10.79 -42.93 14.65
CA VAL C 112 -10.25 -43.90 13.71
C VAL C 112 -10.96 -43.81 12.37
N SER C 113 -12.29 -43.62 12.45
CA SER C 113 -13.12 -43.49 11.26
CA SER C 113 -13.12 -43.51 11.25
C SER C 113 -12.77 -42.26 10.39
N ALA C 114 -12.43 -41.14 11.06
CA ALA C 114 -11.97 -39.94 10.34
C ALA C 114 -10.69 -40.20 9.61
N VAL C 115 -9.73 -40.80 10.32
CA VAL C 115 -8.42 -41.11 9.71
C VAL C 115 -8.48 -42.12 8.60
N SER C 116 -9.40 -43.08 8.67
CA SER C 116 -9.53 -43.98 7.54
C SER C 116 -10.31 -43.39 6.37
N GLY C 117 -11.02 -42.28 6.58
CA GLY C 117 -11.77 -41.65 5.50
C GLY C 117 -13.19 -42.19 5.36
N ASP C 118 -13.62 -42.99 6.32
CA ASP C 118 -14.98 -43.52 6.35
C ASP C 118 -16.01 -42.52 6.80
N ARG C 119 -15.62 -41.65 7.71
CA ARG C 119 -16.48 -40.57 8.13
C ARG C 119 -15.77 -39.24 7.94
N ILE C 120 -16.57 -38.20 7.90
CA ILE C 120 -16.03 -36.81 7.81
C ILE C 120 -16.36 -36.09 9.06
N LEU C 121 -15.32 -35.66 9.75
CA LEU C 121 -15.53 -34.78 10.91
C LEU C 121 -15.16 -33.34 10.55
N THR C 122 -15.69 -32.39 11.30
CA THR C 122 -15.27 -31.01 11.13
C THR C 122 -15.37 -30.31 12.45
N VAL C 123 -15.04 -29.03 12.48
CA VAL C 123 -15.03 -28.26 13.70
C VAL C 123 -15.74 -26.98 13.46
N ALA C 124 -16.38 -26.45 14.51
CA ALA C 124 -17.20 -25.30 14.36
C ALA C 124 -16.80 -24.21 15.31
N LEU C 125 -15.73 -23.51 14.98
CA LEU C 125 -15.16 -22.53 15.89
C LEU C 125 -15.81 -21.15 15.77
N ASP C 126 -16.43 -20.83 14.66
CA ASP C 126 -16.92 -19.46 14.41
C ASP C 126 -18.39 -19.27 14.76
N GLY C 127 -18.70 -18.14 15.37
CA GLY C 127 -20.04 -17.75 15.71
C GLY C 127 -20.59 -16.74 14.71
N GLU C 128 -21.91 -16.58 14.74
CA GLU C 128 -22.59 -15.54 14.00
C GLU C 128 -22.33 -14.20 14.64
N GLY C 130 -22.69 -10.76 16.35
CA GLY C 130 -23.71 -10.26 17.27
C GLY C 130 -24.29 -11.29 18.25
N GLU C 131 -23.89 -12.56 18.11
CA GLU C 131 -24.39 -13.66 18.95
C GLU C 131 -23.33 -14.17 19.89
N GLY C 132 -23.80 -14.73 20.99
CA GLY C 132 -22.93 -15.30 21.98
C GLY C 132 -22.57 -16.74 21.68
N PRO C 133 -21.79 -17.34 22.55
CA PRO C 133 -21.39 -18.73 22.39
C PRO C 133 -22.54 -19.73 22.55
N VAL C 134 -22.32 -20.93 22.07
CA VAL C 134 -23.20 -22.07 22.35
C VAL C 134 -23.21 -22.33 23.91
N GLN C 135 -24.37 -22.62 24.47
CA GLN C 135 -24.49 -22.85 25.92
C GLN C 135 -24.75 -24.33 26.16
N ALA C 136 -23.98 -24.95 27.03
CA ALA C 136 -24.15 -26.35 27.37
C ALA C 136 -24.68 -26.51 28.83
N ALA C 137 -25.99 -26.70 28.95
CA ALA C 137 -26.65 -27.01 30.22
C ALA C 137 -26.35 -28.46 30.68
N GLY C 138 -26.02 -28.65 31.96
CA GLY C 138 -25.85 -30.00 32.54
C GLY C 138 -27.17 -30.74 32.74
N THR C 139 -27.29 -31.97 32.27
CA THR C 139 -28.47 -32.78 32.55
C THR C 139 -28.08 -33.85 33.59
N GLY C 140 -28.81 -34.95 33.66
CA GLY C 140 -28.32 -36.09 34.45
C GLY C 140 -27.22 -36.84 33.71
N HIS C 141 -27.58 -37.42 32.56
CA HIS C 141 -26.66 -38.24 31.73
C HIS C 141 -25.60 -37.46 30.88
N GLY C 142 -25.52 -36.13 30.98
CA GLY C 142 -24.81 -35.35 29.97
C GLY C 142 -25.15 -33.87 29.86
N TYR C 143 -25.47 -33.45 28.64
CA TYR C 143 -25.57 -32.01 28.35
C TYR C 143 -26.63 -31.71 27.32
N ARG C 144 -27.23 -30.50 27.41
CA ARG C 144 -28.12 -29.98 26.36
C ARG C 144 -27.47 -28.71 25.79
N LEU C 145 -27.21 -28.68 24.48
CA LEU C 145 -26.49 -27.57 23.85
C LEU C 145 -27.42 -26.75 23.08
N THR C 146 -27.41 -25.46 23.35
CA THR C 146 -28.24 -24.53 22.61
C THR C 146 -27.39 -23.38 22.05
N GLY C 147 -27.47 -23.19 20.73
CA GLY C 147 -26.80 -22.07 20.05
C GLY C 147 -26.50 -22.35 18.59
N THR C 148 -25.69 -21.52 17.98
CA THR C 148 -25.34 -21.68 16.56
C THR C 148 -23.85 -21.48 16.34
N ARG C 149 -23.36 -21.98 15.21
CA ARG C 149 -21.99 -21.77 14.75
C ARG C 149 -22.04 -21.74 13.21
N THR C 150 -21.29 -20.82 12.60
CA THR C 150 -21.42 -20.63 11.17
C THR C 150 -20.12 -20.82 10.47
N GLN C 151 -20.14 -20.73 9.15
CA GLN C 151 -18.94 -20.90 8.34
C GLN C 151 -18.25 -22.22 8.69
N VAL C 152 -19.06 -23.27 8.87
CA VAL C 152 -18.49 -24.58 9.18
C VAL C 152 -18.09 -25.31 7.94
N GLY C 153 -16.80 -25.53 7.77
CA GLY C 153 -16.27 -26.19 6.57
C GLY C 153 -16.75 -27.64 6.48
N TYR C 154 -17.25 -28.01 5.30
CA TYR C 154 -17.87 -29.30 5.04
C TYR C 154 -19.04 -29.66 5.93
N GLY C 155 -19.62 -28.66 6.57
CA GLY C 155 -20.76 -28.86 7.44
C GLY C 155 -21.84 -29.79 6.89
N PRO C 156 -22.30 -29.54 5.66
CA PRO C 156 -23.44 -30.28 5.08
C PRO C 156 -23.13 -31.71 4.71
N VAL C 157 -21.87 -32.09 4.62
CA VAL C 157 -21.48 -33.43 4.34
C VAL C 157 -20.73 -34.08 5.51
N ALA C 158 -20.75 -33.47 6.68
CA ALA C 158 -20.02 -34.02 7.85
C ALA C 158 -20.90 -34.97 8.72
N ASP C 159 -20.24 -36.00 9.25
CA ASP C 159 -20.86 -36.96 10.15
C ASP C 159 -20.99 -36.40 11.54
N ALA C 160 -20.06 -35.52 11.92
CA ALA C 160 -20.03 -34.94 13.26
C ALA C 160 -19.17 -33.68 13.33
N PHE C 161 -19.36 -32.89 14.37
CA PHE C 161 -18.76 -31.56 14.49
C PHE C 161 -18.18 -31.44 15.86
N LEU C 162 -16.97 -30.89 15.99
CA LEU C 162 -16.51 -30.47 17.32
C LEU C 162 -16.96 -29.06 17.59
N VAL C 163 -17.68 -28.89 18.69
CA VAL C 163 -18.37 -27.68 18.97
C VAL C 163 -17.94 -27.10 20.34
N PRO C 164 -17.39 -25.86 20.37
CA PRO C 164 -17.05 -25.26 21.65
C PRO C 164 -18.35 -24.77 22.25
N ALA C 165 -18.48 -24.81 23.58
CA ALA C 165 -19.64 -24.31 24.28
C ALA C 165 -19.31 -23.93 25.75
N GLU C 166 -20.08 -23.03 26.31
CA GLU C 166 -19.89 -22.65 27.71
C GLU C 166 -20.67 -23.61 28.62
N THR C 167 -19.99 -24.08 29.67
CA THR C 167 -20.59 -24.93 30.70
C THR C 167 -20.44 -24.25 32.06
N ASP C 168 -21.12 -24.80 33.08
CA ASP C 168 -20.97 -24.34 34.47
C ASP C 168 -19.50 -24.48 34.95
N SER C 169 -18.79 -25.47 34.45
CA SER C 169 -17.36 -25.59 34.70
C SER C 169 -16.47 -24.69 33.84
N GLY C 170 -17.03 -23.87 32.96
CA GLY C 170 -16.23 -23.11 31.94
C GLY C 170 -16.33 -23.68 30.52
N ALA C 171 -15.47 -23.20 29.62
CA ALA C 171 -15.55 -23.61 28.24
C ALA C 171 -15.14 -25.05 28.03
N ALA C 172 -15.80 -25.71 27.09
CA ALA C 172 -15.44 -27.04 26.70
C ALA C 172 -15.79 -27.27 25.22
N VAL C 173 -15.34 -28.39 24.68
CA VAL C 173 -15.64 -28.80 23.30
C VAL C 173 -16.32 -30.17 23.34
N PHE C 174 -17.45 -30.26 22.61
CA PHE C 174 -18.30 -31.41 22.55
C PHE C 174 -18.32 -31.97 21.15
N LEU C 175 -18.35 -33.30 21.01
CA LEU C 175 -18.56 -33.87 19.69
C LEU C 175 -20.08 -34.04 19.52
N VAL C 176 -20.61 -33.48 18.42
CA VAL C 176 -22.05 -33.48 18.14
C VAL C 176 -22.24 -34.12 16.77
N ALA C 177 -23.03 -35.20 16.72
CA ALA C 177 -23.28 -35.95 15.48
C ALA C 177 -24.35 -35.33 14.68
N ALA C 178 -24.22 -35.43 13.37
CA ALA C 178 -25.20 -34.82 12.46
C ALA C 178 -26.62 -35.35 12.69
N GLY C 179 -26.71 -36.59 13.11
CA GLY C 179 -28.03 -37.13 13.43
C GLY C 179 -28.55 -36.96 14.84
N ASP C 180 -27.80 -36.37 15.77
CA ASP C 180 -28.38 -36.14 17.09
C ASP C 180 -29.65 -35.30 16.95
N PRO C 181 -30.67 -35.56 17.78
CA PRO C 181 -31.79 -34.65 17.87
C PRO C 181 -31.37 -33.23 18.29
N GLY C 182 -32.10 -32.24 17.75
CA GLY C 182 -31.85 -30.84 17.99
C GLY C 182 -30.68 -30.27 17.16
N VAL C 183 -30.17 -31.04 16.21
CA VAL C 183 -29.06 -30.65 15.34
C VAL C 183 -29.60 -30.36 13.94
N ALA C 184 -29.42 -29.13 13.44
CA ALA C 184 -29.72 -28.82 12.08
C ALA C 184 -28.57 -28.06 11.34
N VAL C 185 -28.27 -28.52 10.11
CA VAL C 185 -27.23 -27.99 9.32
C VAL C 185 -27.84 -27.38 8.09
N THR C 186 -27.48 -26.14 7.81
CA THR C 186 -28.02 -25.40 6.65
C THR C 186 -26.86 -25.02 5.73
N ALA C 187 -26.98 -25.35 4.46
CA ALA C 187 -25.92 -25.04 3.55
C ALA C 187 -25.85 -23.47 3.37
N LEU C 188 -24.63 -22.96 3.31
CA LEU C 188 -24.30 -21.56 3.03
C LEU C 188 -23.65 -21.38 1.64
N ALA C 189 -23.92 -20.24 1.00
CA ALA C 189 -23.30 -19.89 -0.26
C ALA C 189 -22.26 -18.77 0.03
N THR C 190 -21.03 -19.06 -0.26
CA THR C 190 -19.89 -18.24 0.17
C THR C 190 -19.08 -17.83 -1.03
N THR C 191 -18.25 -16.80 -0.86
CA THR C 191 -17.34 -16.38 -1.92
C THR C 191 -16.65 -17.57 -2.53
N GLY C 192 -16.06 -18.43 -1.70
CA GLY C 192 -15.27 -19.52 -2.26
C GLY C 192 -16.08 -20.61 -2.94
N LEU C 193 -17.38 -20.60 -2.75
CA LEU C 193 -18.29 -21.59 -3.33
C LEU C 193 -18.04 -23.02 -2.88
N GLY C 194 -17.39 -23.17 -1.73
CA GLY C 194 -17.10 -24.49 -1.22
C GLY C 194 -18.26 -25.10 -0.40
N SER C 195 -18.03 -26.28 0.16
CA SER C 195 -19.02 -26.87 1.07
C SER C 195 -18.88 -26.17 2.42
N VAL C 196 -19.90 -25.48 2.85
CA VAL C 196 -19.85 -24.70 4.07
C VAL C 196 -21.21 -24.73 4.67
N GLY C 197 -21.31 -24.87 6.00
CA GLY C 197 -22.60 -24.89 6.69
C GLY C 197 -22.76 -24.01 7.90
N HIS C 198 -24.02 -23.80 8.25
CA HIS C 198 -24.45 -23.18 9.50
C HIS C 198 -25.02 -24.32 10.39
N LEU C 199 -24.58 -24.32 11.64
CA LEU C 199 -24.96 -25.32 12.60
C LEU C 199 -25.87 -24.70 13.65
N GLU C 200 -27.10 -25.20 13.73
CA GLU C 200 -28.05 -24.81 14.76
C GLU C 200 -28.26 -25.94 15.80
N LEU C 201 -28.01 -25.63 17.07
CA LEU C 201 -28.22 -26.58 18.17
C LEU C 201 -29.39 -26.07 19.04
N ASN C 202 -30.49 -26.81 19.04
CA ASN C 202 -31.70 -26.41 19.70
C ASN C 202 -31.94 -27.43 20.81
N GLY C 203 -31.33 -27.24 21.96
CA GLY C 203 -31.38 -28.26 22.99
C GLY C 203 -30.85 -29.61 22.55
N ALA C 204 -29.70 -29.64 21.86
CA ALA C 204 -29.14 -30.86 21.36
C ALA C 204 -28.55 -31.61 22.55
N LYS C 205 -29.06 -32.82 22.81
CA LYS C 205 -28.59 -33.60 23.95
C LYS C 205 -27.36 -34.38 23.53
N VAL C 206 -26.33 -34.32 24.36
CA VAL C 206 -25.18 -35.15 24.16
C VAL C 206 -24.78 -35.79 25.48
N ASP C 207 -24.32 -37.04 25.40
CA ASP C 207 -23.85 -37.76 26.57
C ASP C 207 -22.58 -37.19 27.08
N ALA C 208 -22.37 -37.30 28.39
CA ALA C 208 -21.09 -36.92 28.98
C ALA C 208 -19.87 -37.40 28.19
N ALA C 209 -19.92 -38.59 27.60
CA ALA C 209 -18.75 -39.11 26.94
C ALA C 209 -18.45 -38.37 25.61
N ARG C 210 -19.34 -37.50 25.17
CA ARG C 210 -19.09 -36.65 23.98
C ARG C 210 -18.26 -35.38 24.31
N ARG C 211 -17.97 -35.16 25.58
CA ARG C 211 -17.11 -34.06 25.97
C ARG C 211 -15.68 -34.38 25.65
N VAL C 212 -15.09 -33.64 24.70
CA VAL C 212 -13.70 -33.92 24.25
C VAL C 212 -12.68 -33.43 25.28
N GLY C 213 -13.01 -32.35 25.97
CA GLY C 213 -12.03 -31.69 26.86
C GLY C 213 -12.48 -30.31 27.20
N GLY C 214 -11.65 -29.60 27.94
CA GLY C 214 -11.99 -28.29 28.42
C GLY C 214 -11.48 -27.18 27.50
N THR C 215 -11.18 -26.03 28.08
CA THR C 215 -10.82 -24.80 27.30
C THR C 215 -9.55 -24.98 26.48
N ASP C 216 -8.64 -25.82 26.95
CA ASP C 216 -7.44 -26.07 26.15
C ASP C 216 -7.74 -26.65 24.75
N VAL C 217 -8.89 -27.32 24.58
CA VAL C 217 -9.16 -27.95 23.28
C VAL C 217 -9.44 -26.86 22.20
N ALA C 218 -10.23 -25.87 22.54
CA ALA C 218 -10.60 -24.78 21.66
C ALA C 218 -9.37 -23.95 21.31
N VAL C 219 -8.47 -23.78 22.26
CA VAL C 219 -7.26 -22.99 22.01
C VAL C 219 -6.40 -23.70 21.01
N TRP C 220 -6.13 -24.97 21.26
CA TRP C 220 -5.34 -25.76 20.33
C TRP C 220 -6.01 -25.74 18.91
N LEU C 221 -7.33 -25.90 18.85
CA LEU C 221 -8.02 -25.96 17.57
C LEU C 221 -7.89 -24.59 16.80
N GLY C 222 -8.03 -23.49 17.52
CA GLY C 222 -7.83 -22.17 16.99
C GLY C 222 -6.43 -22.01 16.38
N THR C 223 -5.41 -22.36 17.12
CA THR C 223 -4.05 -22.27 16.61
C THR C 223 -3.80 -23.08 15.36
N LEU C 224 -4.20 -24.36 15.39
CA LEU C 224 -3.94 -25.25 14.26
C LEU C 224 -4.79 -24.88 13.04
N SER C 225 -5.99 -24.37 13.29
CA SER C 225 -6.85 -23.86 12.24
C SER C 225 -6.14 -22.71 11.47
N THR C 226 -5.58 -21.72 12.19
CA THR C 226 -4.82 -20.64 11.51
C THR C 226 -3.66 -21.21 10.74
N LEU C 227 -2.88 -22.05 11.39
CA LEU C 227 -1.73 -22.64 10.68
C LEU C 227 -2.12 -23.39 9.44
N SER C 228 -3.15 -24.23 9.56
CA SER C 228 -3.55 -25.11 8.44
C SER C 228 -4.09 -24.34 7.22
N ARG C 229 -4.94 -23.34 7.49
CA ARG C 229 -5.51 -22.52 6.44
C ARG C 229 -4.38 -21.67 5.77
N THR C 230 -3.38 -21.23 6.55
CA THR C 230 -2.20 -20.58 6.01
C THR C 230 -1.46 -21.48 5.03
N ALA C 231 -1.32 -22.74 5.40
CA ALA C 231 -0.69 -23.70 4.48
C ALA C 231 -1.43 -23.84 3.18
N PHE C 232 -2.73 -24.01 3.27
CA PHE C 232 -3.52 -24.21 2.06
C PHE C 232 -3.44 -22.95 1.18
N GLN C 233 -3.51 -21.77 1.82
CA GLN C 233 -3.34 -20.49 1.13
C GLN C 233 -2.03 -20.38 0.38
N LEU C 234 -0.95 -20.86 0.97
CA LEU C 234 0.31 -20.81 0.24
C LEU C 234 0.18 -21.53 -1.06
N GLY C 235 -0.39 -22.73 -1.04
CA GLY C 235 -0.51 -23.50 -2.27
C GLY C 235 -1.36 -22.80 -3.30
N VAL C 236 -2.50 -22.24 -2.85
CA VAL C 236 -3.36 -21.45 -3.74
C VAL C 236 -2.58 -20.32 -4.41
N LEU C 237 -1.84 -19.54 -3.63
CA LEU C 237 -1.19 -18.33 -4.15
C LEU C 237 0.03 -18.66 -4.96
N GLU C 238 0.78 -19.67 -4.52
CA GLU C 238 1.99 -20.13 -5.32
C GLU C 238 1.60 -20.53 -6.73
N ARG C 239 0.56 -21.35 -6.81
CA ARG C 239 0.11 -21.80 -8.13
C ARG C 239 -0.54 -20.68 -8.91
N GLY C 240 -1.41 -19.91 -8.28
CA GLY C 240 -1.97 -18.74 -8.93
C GLY C 240 -0.94 -17.80 -9.54
N LEU C 241 0.08 -17.50 -8.77
CA LEU C 241 1.11 -16.65 -9.25
C LEU C 241 1.81 -17.28 -10.43
N GLN C 242 2.17 -18.57 -10.31
CA GLN C 242 2.85 -19.23 -11.44
C GLN C 242 2.00 -19.18 -12.74
N THR C 244 -0.15 -17.01 -13.56
CA THR C 244 -0.22 -15.67 -14.05
C THR C 244 1.06 -15.31 -14.76
N ALA C 245 2.20 -15.74 -14.19
CA ALA C 245 3.48 -15.51 -14.86
C ALA C 245 3.47 -16.16 -16.24
N GLU C 246 2.92 -17.39 -16.27
CA GLU C 246 2.98 -18.16 -17.55
C GLU C 246 2.06 -17.41 -18.51
N TYR C 247 0.91 -16.91 -18.04
CA TYR C 247 0.02 -16.12 -18.93
C TYR C 247 0.71 -14.86 -19.47
N ALA C 248 1.41 -14.14 -18.60
CA ALA C 248 2.08 -12.94 -18.99
C ALA C 248 3.20 -13.20 -20.02
N ARG C 249 3.73 -14.41 -20.04
CA ARG C 249 4.74 -14.75 -21.06
C ARG C 249 4.09 -15.07 -22.42
N THR C 250 2.81 -15.40 -22.42
CA THR C 250 2.07 -15.95 -23.55
C THR C 250 1.12 -14.92 -24.18
N ARG C 251 0.36 -14.22 -23.35
CA ARG C 251 -0.62 -13.29 -23.84
C ARG C 251 0.08 -12.11 -24.47
N GLU C 252 -0.17 -11.84 -25.76
CA GLU C 252 0.42 -10.64 -26.44
C GLU C 252 -0.62 -9.54 -26.69
N GLN C 253 -0.28 -8.30 -26.34
CA GLN C 253 -0.98 -7.07 -26.74
C GLN C 253 0.11 -6.10 -27.12
N PHE C 254 -0.16 -5.20 -28.08
CA PHE C 254 0.81 -4.22 -28.57
C PHE C 254 2.01 -4.94 -29.10
N ASP C 255 1.74 -6.09 -29.67
CA ASP C 255 2.69 -6.90 -30.36
C ASP C 255 3.80 -7.35 -29.49
N ARG C 256 3.53 -7.60 -28.23
CA ARG C 256 4.56 -8.15 -27.36
C ARG C 256 3.88 -8.85 -26.18
N PRO C 257 4.63 -9.72 -25.48
CA PRO C 257 4.05 -10.31 -24.28
C PRO C 257 3.74 -9.28 -23.24
N ILE C 258 2.57 -9.40 -22.61
CA ILE C 258 2.22 -8.39 -21.62
C ILE C 258 3.24 -8.39 -20.47
N GLY C 259 3.86 -9.56 -20.26
CA GLY C 259 4.92 -9.71 -19.26
C GLY C 259 6.18 -8.92 -19.54
N SER C 260 6.34 -8.41 -20.77
CA SER C 260 7.47 -7.59 -21.12
C SER C 260 7.23 -6.09 -20.81
N PHE C 261 6.02 -5.70 -20.36
CA PHE C 261 5.84 -4.33 -19.87
C PHE C 261 6.35 -4.27 -18.41
N GLN C 262 7.20 -3.31 -18.13
CA GLN C 262 7.87 -3.27 -16.84
C GLN C 262 6.84 -3.13 -15.71
N ALA C 263 5.73 -2.45 -15.92
CA ALA C 263 4.67 -2.35 -14.88
C ALA C 263 4.16 -3.70 -14.45
N VAL C 264 4.00 -4.63 -15.40
CA VAL C 264 3.53 -5.96 -15.10
C VAL C 264 4.62 -6.71 -14.35
N GLY C 265 5.85 -6.61 -14.82
CA GLY C 265 6.92 -7.32 -14.12
C GLY C 265 7.11 -6.85 -12.68
N GLN C 266 6.98 -5.54 -12.47
CA GLN C 266 7.17 -4.99 -11.12
C GLN C 266 6.11 -5.61 -10.20
N ARG C 267 4.89 -5.71 -10.69
CA ARG C 267 3.78 -6.20 -9.87
C ARG C 267 3.88 -7.68 -9.62
N LEU C 268 4.27 -8.44 -10.62
CA LEU C 268 4.49 -9.83 -10.43
C LEU C 268 5.69 -10.10 -9.52
N ALA C 269 6.75 -9.30 -9.61
CA ALA C 269 7.84 -9.45 -8.62
C ALA C 269 7.37 -9.22 -7.17
N ASP C 270 6.58 -8.19 -6.96
CA ASP C 270 6.05 -7.93 -5.65
C ASP C 270 5.20 -9.09 -5.18
N GLY C 271 4.46 -9.69 -6.09
CA GLY C 271 3.76 -10.96 -5.81
C GLY C 271 4.67 -12.08 -5.33
N TYR C 272 5.79 -12.28 -6.01
CA TYR C 272 6.77 -13.29 -5.64
C TYR C 272 7.23 -13.00 -4.22
N ILE C 273 7.43 -11.71 -3.93
CA ILE C 273 7.91 -11.29 -2.61
C ILE C 273 6.86 -11.64 -1.60
N ASP C 274 5.60 -11.31 -1.84
CA ASP C 274 4.54 -11.62 -0.91
C ASP C 274 4.41 -13.15 -0.65
N VAL C 275 4.44 -13.94 -1.70
CA VAL C 275 4.31 -15.35 -1.55
C VAL C 275 5.49 -15.92 -0.80
N LYS C 276 6.70 -15.40 -1.06
CA LYS C 276 7.89 -15.83 -0.35
C LYS C 276 7.79 -15.50 1.12
N GLY C 277 7.21 -14.36 1.45
CA GLY C 277 6.99 -13.97 2.84
C GLY C 277 6.07 -14.93 3.56
N LEU C 278 5.00 -15.27 2.87
CA LEU C 278 4.07 -16.24 3.36
C LEU C 278 4.75 -17.60 3.55
N ARG C 279 5.51 -18.05 2.57
CA ARG C 279 6.22 -19.30 2.65
C ARG C 279 7.13 -19.35 3.88
N LEU C 280 7.94 -18.33 4.04
CA LEU C 280 8.90 -18.28 5.17
C LEU C 280 8.26 -18.21 6.54
N THR C 281 7.21 -17.38 6.70
CA THR C 281 6.57 -17.28 7.96
C THR C 281 5.78 -18.54 8.27
N LEU C 282 5.16 -19.15 7.26
CA LEU C 282 4.52 -20.44 7.44
C LEU C 282 5.57 -21.50 7.93
N THR C 283 6.73 -21.50 7.28
CA THR C 283 7.82 -22.41 7.74
C THR C 283 8.21 -22.25 9.20
N GLN C 284 8.42 -20.99 9.64
CA GLN C 284 8.70 -20.71 11.01
C GLN C 284 7.58 -21.17 11.96
N ALA C 285 6.35 -20.79 11.63
CA ALA C 285 5.20 -21.14 12.45
C ALA C 285 5.00 -22.67 12.60
N ALA C 286 5.17 -23.40 11.49
CA ALA C 286 5.00 -24.81 11.51
C ALA C 286 6.10 -25.51 12.37
N TRP C 287 7.35 -25.13 12.17
CA TRP C 287 8.45 -25.59 13.01
C TRP C 287 8.15 -25.27 14.47
N ARG C 288 7.66 -24.07 14.77
CA ARG C 288 7.29 -23.70 16.19
C ARG C 288 6.18 -24.52 16.82
N VAL C 289 5.14 -24.83 16.05
CA VAL C 289 4.02 -25.61 16.54
C VAL C 289 4.49 -27.03 16.71
N ALA C 290 5.33 -27.52 15.80
CA ALA C 290 5.88 -28.88 15.95
C ALA C 290 6.70 -29.03 17.26
N GLU C 291 7.38 -27.94 17.65
CA GLU C 291 8.10 -27.84 18.92
C GLU C 291 7.23 -28.20 20.16
N ASP C 292 6.09 -27.53 20.34
CA ASP C 292 5.03 -28.03 21.23
C ASP C 292 5.38 -27.84 22.71
N PRO C 302 2.76 -19.53 23.06
CA PRO C 302 4.22 -19.56 22.80
C PRO C 302 4.49 -19.45 21.28
N ALA C 303 3.87 -20.38 20.56
CA ALA C 303 3.81 -20.43 19.11
C ALA C 303 2.74 -19.49 18.53
N ASP C 304 1.86 -19.01 19.40
CA ASP C 304 0.75 -18.18 19.06
C ASP C 304 1.15 -16.99 18.13
N ILE C 305 2.20 -16.28 18.49
CA ILE C 305 2.59 -15.11 17.78
C ILE C 305 3.17 -15.47 16.40
N ASP C 306 4.02 -16.50 16.35
CA ASP C 306 4.54 -16.92 15.04
C ASP C 306 3.40 -17.39 14.11
N VAL C 307 2.40 -18.10 14.65
CA VAL C 307 1.27 -18.52 13.88
C VAL C 307 0.48 -17.33 13.36
N ALA C 308 0.21 -16.33 14.23
CA ALA C 308 -0.48 -15.13 13.81
C ALA C 308 0.33 -14.33 12.75
N THR C 309 1.66 -14.33 12.85
CA THR C 309 2.48 -13.67 11.85
C THR C 309 2.20 -14.34 10.49
N ALA C 310 2.22 -15.67 10.44
CA ALA C 310 2.04 -16.34 9.16
C ALA C 310 0.58 -16.15 8.70
N GLY C 311 -0.37 -16.17 9.62
CA GLY C 311 -1.76 -15.90 9.28
C GLY C 311 -1.96 -14.51 8.63
N PHE C 312 -1.31 -13.51 9.20
CA PHE C 312 -1.29 -12.17 8.64
C PHE C 312 -0.82 -12.25 7.23
N TRP C 313 0.31 -12.94 7.00
CA TRP C 313 0.83 -13.09 5.60
C TRP C 313 -0.15 -13.79 4.66
N ALA C 314 -0.86 -14.78 5.16
CA ALA C 314 -1.83 -15.48 4.32
C ALA C 314 -2.97 -14.55 3.90
N ALA C 315 -3.37 -13.64 4.81
CA ALA C 315 -4.42 -12.70 4.48
C ALA C 315 -3.90 -11.61 3.58
N GLU C 316 -2.70 -11.15 3.86
CA GLU C 316 -2.13 -10.00 3.16
C GLU C 316 -1.66 -10.36 1.77
N ALA C 317 -0.88 -11.41 1.67
CA ALA C 317 -0.54 -11.91 0.34
C ALA C 317 -1.78 -12.35 -0.39
N GLY C 318 -2.70 -12.91 0.35
CA GLY C 318 -3.95 -13.31 -0.27
C GLY C 318 -4.61 -12.18 -1.03
N HIS C 319 -4.88 -11.09 -0.35
CA HIS C 319 -5.51 -9.94 -0.97
C HIS C 319 -4.72 -9.44 -2.20
N ARG C 320 -3.43 -9.23 -2.05
CA ARG C 320 -2.66 -8.59 -3.09
C ARG C 320 -2.44 -9.55 -4.25
N VAL C 321 -2.03 -10.77 -3.95
CA VAL C 321 -1.80 -11.73 -5.04
C VAL C 321 -3.09 -12.15 -5.77
N ALA C 322 -4.22 -12.35 -5.07
CA ALA C 322 -5.48 -12.66 -5.74
C ALA C 322 -5.84 -11.54 -6.74
N HIS C 323 -5.65 -10.27 -6.35
CA HIS C 323 -6.00 -9.18 -7.23
C HIS C 323 -5.08 -9.12 -8.43
N THR C 324 -3.82 -9.38 -8.18
CA THR C 324 -2.83 -9.38 -9.25
C THR C 324 -3.16 -10.50 -10.27
N ILE C 325 -3.52 -11.67 -9.77
CA ILE C 325 -3.83 -12.77 -10.63
C ILE C 325 -4.93 -12.34 -11.62
N VAL C 326 -5.97 -11.75 -11.09
CA VAL C 326 -7.11 -11.36 -11.92
C VAL C 326 -6.78 -10.21 -12.89
N HIS C 327 -6.11 -9.18 -12.39
CA HIS C 327 -5.88 -7.98 -13.17
C HIS C 327 -4.98 -8.25 -14.35
N VAL C 328 -3.91 -8.98 -14.13
CA VAL C 328 -2.98 -9.31 -15.17
C VAL C 328 -3.58 -10.27 -16.18
N HIS C 329 -4.53 -11.08 -15.75
CA HIS C 329 -5.20 -11.93 -16.74
C HIS C 329 -6.28 -11.18 -17.54
N GLY C 330 -6.83 -10.10 -17.00
CA GLY C 330 -7.90 -9.38 -17.68
C GLY C 330 -9.13 -10.28 -17.69
N GLY C 331 -9.87 -10.21 -18.78
CA GLY C 331 -11.15 -10.91 -18.92
C GLY C 331 -11.08 -12.39 -18.63
N VAL C 332 -10.02 -13.02 -19.09
CA VAL C 332 -9.74 -14.40 -18.80
C VAL C 332 -9.71 -14.72 -17.27
N GLY C 333 -9.38 -13.72 -16.47
CA GLY C 333 -9.31 -13.89 -15.05
C GLY C 333 -10.66 -14.01 -14.39
N VAL C 334 -11.71 -13.58 -15.04
CA VAL C 334 -13.08 -13.68 -14.53
C VAL C 334 -13.97 -14.63 -15.30
N ASP C 335 -13.57 -15.03 -16.49
CA ASP C 335 -14.37 -15.91 -17.34
C ASP C 335 -14.42 -17.31 -16.70
N THR C 336 -15.60 -17.78 -16.37
CA THR C 336 -15.72 -19.08 -15.69
C THR C 336 -15.39 -20.30 -16.58
N ASP C 337 -15.17 -20.10 -17.87
CA ASP C 337 -14.60 -21.16 -18.71
C ASP C 337 -13.15 -21.39 -18.50
N HIS C 338 -12.46 -20.53 -17.73
CA HIS C 338 -11.06 -20.70 -17.47
C HIS C 338 -10.90 -21.00 -15.97
N PRO C 339 -9.84 -21.70 -15.59
CA PRO C 339 -9.57 -22.05 -14.16
C PRO C 339 -9.11 -20.92 -13.25
N VAL C 340 -8.63 -19.82 -13.83
CA VAL C 340 -8.04 -18.70 -13.08
C VAL C 340 -8.94 -18.15 -11.98
N HIS C 341 -10.22 -17.92 -12.30
CA HIS C 341 -11.10 -17.24 -11.41
C HIS C 341 -11.22 -17.89 -10.04
N ARG C 342 -11.13 -19.21 -9.97
CA ARG C 342 -11.36 -19.92 -8.70
C ARG C 342 -10.22 -19.65 -7.72
N TYR C 343 -9.03 -19.30 -8.21
CA TYR C 343 -7.92 -18.94 -7.31
C TYR C 343 -8.22 -17.66 -6.52
N PHE C 344 -8.83 -16.68 -7.17
CA PHE C 344 -9.30 -15.48 -6.42
C PHE C 344 -10.28 -15.85 -5.37
N LEU C 345 -11.29 -16.66 -5.74
CA LEU C 345 -12.36 -16.98 -4.83
C LEU C 345 -11.81 -17.74 -3.56
N ALA C 346 -10.95 -18.71 -3.78
CA ALA C 346 -10.39 -19.52 -2.72
C ALA C 346 -9.51 -18.66 -1.86
N ALA C 347 -8.70 -17.80 -2.48
CA ALA C 347 -7.84 -16.91 -1.64
C ALA C 347 -8.62 -16.01 -0.75
N LYS C 348 -9.72 -15.45 -1.26
CA LYS C 348 -10.56 -14.59 -0.46
C LYS C 348 -11.36 -15.27 0.64
N GLN C 349 -11.87 -16.46 0.40
CA GLN C 349 -12.56 -17.23 1.39
C GLN C 349 -11.59 -17.45 2.59
N THR C 350 -10.36 -17.78 2.34
CA THR C 350 -9.38 -18.03 3.43
C THR C 350 -8.93 -16.77 4.10
N GLU C 351 -8.72 -15.71 3.33
CA GLU C 351 -8.43 -14.40 3.91
C GLU C 351 -9.38 -14.06 5.05
N PHE C 352 -10.66 -14.12 4.78
CA PHE C 352 -11.61 -13.74 5.81
C PHE C 352 -11.94 -14.86 6.81
N ALA C 353 -11.70 -16.12 6.44
CA ALA C 353 -11.80 -17.22 7.41
C ALA C 353 -10.73 -17.02 8.49
N LEU C 354 -9.60 -16.37 8.15
CA LEU C 354 -8.57 -16.03 9.12
C LEU C 354 -8.85 -14.79 9.98
N GLY C 355 -9.99 -14.15 9.80
CA GLY C 355 -10.30 -12.85 10.42
C GLY C 355 -9.64 -11.68 9.70
N GLY C 356 -9.03 -11.91 8.54
CA GLY C 356 -8.40 -10.85 7.83
C GLY C 356 -7.02 -10.56 8.37
N ALA C 357 -6.30 -9.69 7.63
CA ALA C 357 -4.98 -9.22 8.08
C ALA C 357 -5.11 -8.57 9.42
N THR C 358 -6.14 -7.76 9.58
CA THR C 358 -6.30 -7.05 10.83
C THR C 358 -6.56 -7.99 12.03
N GLY C 359 -7.39 -9.02 11.88
CA GLY C 359 -7.65 -9.95 13.01
C GLY C 359 -6.33 -10.58 13.43
N GLN C 360 -5.48 -10.96 12.47
CA GLN C 360 -4.22 -11.60 12.87
C GLN C 360 -3.27 -10.59 13.54
N LEU C 361 -3.21 -9.36 13.00
CA LEU C 361 -2.39 -8.31 13.63
C LEU C 361 -2.88 -7.97 15.01
N ARG C 362 -4.17 -8.01 15.25
CA ARG C 362 -4.66 -7.76 16.60
C ARG C 362 -4.09 -8.77 17.63
N ARG C 363 -4.02 -10.03 17.28
CA ARG C 363 -3.46 -11.07 18.17
C ARG C 363 -2.00 -10.85 18.42
N ILE C 364 -1.28 -10.51 17.37
CA ILE C 364 0.11 -10.06 17.57
C ILE C 364 0.22 -8.85 18.48
N GLY C 365 -0.55 -7.80 18.20
CA GLY C 365 -0.42 -6.53 18.97
C GLY C 365 -0.72 -6.73 20.47
N ARG C 366 -1.69 -7.59 20.80
CA ARG C 366 -2.02 -7.89 22.20
C ARG C 366 -0.86 -8.52 22.93
N GLU C 367 -0.21 -9.45 22.28
CA GLU C 367 0.94 -10.10 22.83
C GLU C 367 2.00 -9.04 23.06
N LEU C 368 2.25 -8.18 22.07
CA LEU C 368 3.33 -7.15 22.23
C LEU C 368 3.01 -6.17 23.36
N ALA C 369 1.74 -5.92 23.56
CA ALA C 369 1.27 -5.09 24.70
C ALA C 369 1.41 -5.75 26.08
N GLU C 370 0.96 -6.99 26.18
CA GLU C 370 0.93 -7.72 27.44
C GLU C 370 2.27 -8.23 27.95
N THR C 371 3.12 -8.76 27.09
CA THR C 371 4.39 -9.22 27.51
C THR C 371 5.37 -8.08 27.54
N PRO C 372 6.09 -7.92 28.67
CA PRO C 372 7.06 -6.82 28.73
C PRO C 372 8.14 -6.91 27.67
N ALA C 373 8.52 -5.75 27.15
CA ALA C 373 9.48 -5.69 26.06
C ALA C 373 10.89 -6.08 26.50
N ASP D 2 -18.01 24.32 -8.48
CA ASP D 2 -16.85 24.99 -9.05
C ASP D 2 -15.63 24.86 -8.16
N PHE D 3 -14.57 24.31 -8.67
CA PHE D 3 -13.38 24.00 -7.86
C PHE D 3 -12.29 25.09 -7.99
N THR D 4 -12.51 26.04 -8.89
CA THR D 4 -11.55 27.16 -9.14
C THR D 4 -11.59 28.11 -7.99
N THR D 5 -10.41 28.47 -7.50
CA THR D 5 -10.38 29.40 -6.37
C THR D 5 -10.63 30.87 -6.82
N THR D 6 -10.78 31.75 -5.86
CA THR D 6 -11.15 33.14 -6.12
C THR D 6 -10.10 33.86 -6.93
N GLU D 7 -10.49 34.94 -7.61
CA GLU D 7 -9.53 35.76 -8.34
C GLU D 7 -8.45 36.30 -7.38
N ALA D 8 -8.87 36.75 -6.22
CA ALA D 8 -7.94 37.20 -5.23
C ALA D 8 -6.94 36.10 -4.87
N ALA D 9 -7.42 34.87 -4.67
CA ALA D 9 -6.51 33.80 -4.27
C ALA D 9 -5.53 33.56 -5.37
N GLN D 10 -5.97 33.61 -6.60
CA GLN D 10 -5.07 33.35 -7.71
C GLN D 10 -4.04 34.44 -7.85
N ASP D 11 -4.47 35.68 -7.65
CA ASP D 11 -3.52 36.83 -7.67
C ASP D 11 -2.53 36.78 -6.50
N LEU D 12 -2.98 36.57 -5.27
CA LEU D 12 -2.02 36.38 -4.15
C LEU D 12 -1.04 35.23 -4.35
N GLY D 13 -1.55 34.05 -4.74
CA GLY D 13 -0.69 32.91 -4.93
C GLY D 13 0.37 33.21 -5.91
N GLY D 14 -0.04 33.88 -6.99
CA GLY D 14 0.88 34.24 -8.05
C GLY D 14 1.96 35.20 -7.56
N LEU D 15 1.58 36.22 -6.81
CA LEU D 15 2.56 37.20 -6.29
C LEU D 15 3.55 36.58 -5.31
N VAL D 16 3.02 35.73 -4.43
CA VAL D 16 3.87 34.99 -3.48
C VAL D 16 4.85 34.14 -4.26
N ASP D 17 4.39 33.43 -5.28
CA ASP D 17 5.31 32.65 -6.09
C ASP D 17 6.40 33.44 -6.71
N THR D 18 6.09 34.61 -7.25
CA THR D 18 7.16 35.39 -7.85
C THR D 18 8.16 35.80 -6.73
N ILE D 19 7.66 36.16 -5.59
CA ILE D 19 8.53 36.49 -4.49
C ILE D 19 9.43 35.32 -4.03
N VAL D 20 8.84 34.17 -3.65
CA VAL D 20 9.66 33.05 -3.14
C VAL D 20 10.58 32.56 -4.23
N ASP D 21 10.18 32.66 -5.47
CA ASP D 21 11.07 32.22 -6.55
C ASP D 21 12.31 33.11 -6.66
N ALA D 22 12.16 34.40 -6.40
CA ALA D 22 13.27 35.34 -6.47
C ALA D 22 14.12 35.24 -5.24
N VAL D 23 13.51 35.11 -4.08
CA VAL D 23 14.27 35.08 -2.82
C VAL D 23 14.89 33.69 -2.50
N CYS D 24 14.09 32.61 -2.63
CA CYS D 24 14.48 31.30 -2.14
C CYS D 24 15.22 30.54 -3.18
N THR D 25 16.34 31.10 -3.64
CA THR D 25 17.22 30.44 -4.57
C THR D 25 17.91 29.28 -3.84
N PRO D 26 18.49 28.35 -4.60
CA PRO D 26 19.26 27.27 -3.96
C PRO D 26 20.38 27.76 -3.03
N GLU D 27 21.08 28.85 -3.38
CA GLU D 27 22.11 29.51 -2.54
C GLU D 27 21.52 30.14 -1.25
N HIS D 28 20.35 30.73 -1.39
CA HIS D 28 19.70 31.30 -0.24
C HIS D 28 19.28 30.23 0.78
N GLN D 29 18.76 29.13 0.26
CA GLN D 29 18.37 27.99 1.12
C GLN D 29 19.58 27.46 1.93
N ARG D 30 20.71 27.35 1.26
CA ARG D 30 21.96 26.98 1.92
C ARG D 30 22.36 27.97 3.04
N GLU D 31 22.23 29.26 2.79
CA GLU D 31 22.48 30.26 3.84
C GLU D 31 21.54 30.11 4.99
N LEU D 32 20.26 29.87 4.71
CA LEU D 32 19.34 29.63 5.81
C LEU D 32 19.77 28.42 6.69
N ASP D 33 20.32 27.37 6.06
CA ASP D 33 20.75 26.17 6.77
C ASP D 33 21.79 26.48 7.84
N LYS D 34 22.58 27.56 7.67
CA LYS D 34 23.59 27.95 8.67
C LYS D 34 23.04 28.65 9.88
N LEU D 35 21.79 29.14 9.86
CA LEU D 35 21.29 29.88 11.01
C LEU D 35 21.00 29.02 12.20
N GLU D 36 21.11 29.59 13.39
CA GLU D 36 20.70 28.90 14.60
C GLU D 36 19.21 28.64 14.60
N GLN D 37 18.43 29.55 14.05
CA GLN D 37 16.96 29.43 13.95
C GLN D 37 16.58 29.71 12.51
N ARG D 38 15.90 28.75 11.88
CA ARG D 38 15.57 28.90 10.48
C ARG D 38 14.37 29.81 10.31
N PHE D 39 14.66 31.10 10.23
CA PHE D 39 13.63 32.13 10.02
C PHE D 39 14.18 33.05 8.94
N ASP D 40 13.49 33.06 7.79
CA ASP D 40 13.96 33.77 6.60
C ASP D 40 13.51 35.26 6.67
N ARG D 41 14.34 36.10 7.31
CA ARG D 41 14.06 37.51 7.56
CA ARG D 41 14.02 37.49 7.59
C ARG D 41 13.96 38.28 6.27
N GLU D 42 14.79 37.95 5.29
CA GLU D 42 14.70 38.63 4.02
C GLU D 42 13.35 38.35 3.33
N LEU D 43 12.91 37.08 3.36
CA LEU D 43 11.62 36.73 2.75
C LEU D 43 10.50 37.41 3.49
N TRP D 44 10.58 37.39 4.81
CA TRP D 44 9.54 37.98 5.63
C TRP D 44 9.33 39.49 5.35
N ARG D 45 10.44 40.21 5.22
CA ARG D 45 10.44 41.59 4.81
C ARG D 45 9.79 41.78 3.46
N LYS D 46 10.12 40.97 2.49
CA LYS D 46 9.52 41.11 1.15
C LYS D 46 8.03 40.84 1.18
N LEU D 47 7.58 39.91 2.04
CA LEU D 47 6.18 39.62 2.14
C LEU D 47 5.44 40.78 2.81
N ILE D 48 6.02 41.33 3.86
CA ILE D 48 5.47 42.52 4.51
C ILE D 48 5.34 43.67 3.50
N ASP D 49 6.40 43.95 2.76
CA ASP D 49 6.44 45.10 1.90
C ASP D 49 5.55 44.95 0.72
N ALA D 50 5.26 43.70 0.33
CA ALA D 50 4.33 43.45 -0.79
C ALA D 50 2.90 43.38 -0.34
N GLY D 51 2.62 43.57 0.92
CA GLY D 51 1.23 43.52 1.40
C GLY D 51 0.61 42.11 1.58
N ILE D 52 1.46 41.07 1.53
CA ILE D 52 0.99 39.72 1.66
C ILE D 52 0.41 39.42 3.01
N LEU D 53 1.08 39.86 4.08
CA LEU D 53 0.53 39.60 5.42
C LEU D 53 -0.88 40.19 5.64
N SER D 54 -1.10 41.41 5.16
CA SER D 54 -2.33 42.13 5.47
C SER D 54 -3.45 41.73 4.52
N SER D 55 -3.11 41.20 3.36
CA SER D 55 -4.13 40.98 2.31
C SER D 55 -5.24 40.05 2.75
N ALA D 56 -4.93 38.88 3.35
CA ALA D 56 -5.99 37.96 3.86
C ALA D 56 -6.14 37.95 5.35
N ALA D 57 -6.01 39.12 5.96
CA ALA D 57 -6.28 39.27 7.37
C ALA D 57 -7.53 40.12 7.57
N PRO D 58 -8.21 39.95 8.71
CA PRO D 58 -9.39 40.76 8.99
C PRO D 58 -9.14 42.28 9.04
N GLU D 59 -10.17 43.01 8.67
CA GLU D 59 -10.10 44.48 8.66
C GLU D 59 -9.92 44.97 10.08
N SER D 60 -10.50 44.30 11.06
CA SER D 60 -10.30 44.69 12.48
C SER D 60 -8.82 44.77 12.93
N LEU D 61 -7.92 44.08 12.23
CA LEU D 61 -6.46 44.05 12.53
C LEU D 61 -5.64 44.84 11.53
N GLY D 62 -6.34 45.54 10.64
CA GLY D 62 -5.70 46.34 9.65
C GLY D 62 -5.50 45.60 8.36
N GLY D 63 -6.19 44.46 8.16
CA GLY D 63 -6.00 43.74 6.92
C GLY D 63 -6.98 44.19 5.87
N ASP D 64 -6.80 43.66 4.67
CA ASP D 64 -7.71 43.93 3.57
C ASP D 64 -8.99 43.12 3.62
N GLY D 65 -9.15 42.18 4.55
CA GLY D 65 -10.38 41.45 4.69
C GLY D 65 -10.61 40.22 3.84
N PHE D 66 -9.64 39.77 3.04
CA PHE D 66 -9.80 38.45 2.43
C PHE D 66 -9.69 37.39 3.50
N GLY D 67 -10.07 36.16 3.18
CA GLY D 67 -10.30 35.14 4.18
C GLY D 67 -9.55 33.85 3.86
N VAL D 68 -10.16 32.74 4.26
CA VAL D 68 -9.49 31.44 4.38
C VAL D 68 -9.02 30.95 3.02
N LEU D 69 -9.81 31.15 1.97
CA LEU D 69 -9.34 30.72 0.66
C LEU D 69 -8.06 31.41 0.26
N GLU D 70 -7.97 32.70 0.58
CA GLU D 70 -6.81 33.47 0.14
C GLU D 70 -5.61 33.11 1.05
N GLN D 71 -5.85 32.84 2.32
CA GLN D 71 -4.80 32.30 3.22
C GLN D 71 -4.24 30.96 2.75
N VAL D 72 -5.14 30.09 2.33
CA VAL D 72 -4.75 28.81 1.73
C VAL D 72 -3.88 28.98 0.52
N ALA D 73 -4.24 29.88 -0.41
CA ALA D 73 -3.43 30.15 -1.58
C ALA D 73 -2.04 30.61 -1.20
N VAL D 74 -1.96 31.44 -0.17
CA VAL D 74 -0.65 31.93 0.21
C VAL D 74 0.16 30.79 0.77
N LEU D 75 -0.44 29.95 1.62
CA LEU D 75 0.26 28.79 2.24
C LEU D 75 0.79 27.79 1.20
N VAL D 76 0.01 27.54 0.16
CA VAL D 76 0.40 26.62 -0.91
C VAL D 76 1.61 27.23 -1.61
N ALA D 77 1.56 28.52 -1.95
CA ALA D 77 2.70 29.22 -2.60
C ALA D 77 3.94 29.27 -1.75
N LEU D 78 3.77 29.56 -0.49
CA LEU D 78 4.89 29.37 0.43
C LEU D 78 5.55 27.98 0.45
N GLY D 79 4.69 26.95 0.46
CA GLY D 79 5.10 25.58 0.52
C GLY D 79 5.98 25.19 -0.61
N HIS D 80 5.72 25.78 -1.77
CA HIS D 80 6.53 25.53 -2.98
C HIS D 80 8.02 25.66 -2.78
N GLN D 81 8.42 26.64 -1.96
CA GLN D 81 9.80 26.86 -1.66
C GLN D 81 10.17 26.63 -0.17
N LEU D 82 9.34 25.84 0.56
CA LEU D 82 9.61 25.50 1.93
C LEU D 82 9.84 26.77 2.75
N ALA D 83 8.97 27.77 2.55
CA ALA D 83 9.21 29.10 3.14
C ALA D 83 9.34 28.99 4.62
N ALA D 84 10.47 29.47 5.15
CA ALA D 84 10.71 29.55 6.56
C ALA D 84 10.22 30.85 7.17
N VAL D 85 8.92 31.09 7.10
CA VAL D 85 8.30 32.25 7.77
C VAL D 85 7.08 31.81 8.51
N PRO D 86 6.75 32.51 9.62
CA PRO D 86 5.57 32.13 10.43
C PRO D 86 4.24 32.72 9.98
N TYR D 87 4.01 32.73 8.68
CA TYR D 87 2.69 33.11 8.17
C TYR D 87 1.53 32.31 8.80
N LEU D 88 1.69 31.01 8.75
CA LEU D 88 0.71 30.12 9.34
C LEU D 88 0.52 30.37 10.82
N GLU D 89 1.62 30.34 11.56
CA GLU D 89 1.54 30.44 13.01
C GLU D 89 1.02 31.79 13.51
N SER D 90 1.51 32.85 12.88
CA SER D 90 1.31 34.22 13.41
C SER D 90 0.07 34.88 12.83
N VAL D 91 -0.04 34.86 11.52
CA VAL D 91 -1.16 35.54 10.85
C VAL D 91 -2.41 34.63 10.76
N VAL D 92 -2.24 33.40 10.27
CA VAL D 92 -3.46 32.57 10.06
C VAL D 92 -4.07 32.12 11.39
N LEU D 93 -3.22 31.56 12.24
CA LEU D 93 -3.70 31.01 13.48
C LEU D 93 -3.81 32.04 14.61
N ALA D 94 -2.70 32.63 15.01
CA ALA D 94 -2.73 33.46 16.22
C ALA D 94 -3.56 34.71 15.98
N ALA D 95 -3.22 35.50 14.97
CA ALA D 95 -3.99 36.70 14.67
C ALA D 95 -5.45 36.36 14.33
N GLY D 96 -5.65 35.31 13.52
CA GLY D 96 -7.02 34.82 13.28
C GLY D 96 -7.84 34.58 14.52
N ALA D 97 -7.25 33.94 15.54
CA ALA D 97 -7.96 33.65 16.75
C ALA D 97 -8.29 34.95 17.55
N LEU D 98 -7.33 35.88 17.60
CA LEU D 98 -7.54 37.17 18.32
C LEU D 98 -8.68 37.92 17.64
N ALA D 99 -8.66 37.95 16.31
CA ALA D 99 -9.75 38.60 15.57
C ALA D 99 -11.10 37.92 15.77
N ARG D 100 -11.14 36.61 15.78
CA ARG D 100 -12.44 35.94 15.89
C ARG D 100 -13.00 35.91 17.29
N PHE D 101 -12.13 35.80 18.28
CA PHE D 101 -12.58 35.55 19.60
C PHE D 101 -12.12 36.61 20.57
N GLY D 102 -11.06 37.34 20.27
CA GLY D 102 -10.46 38.11 21.39
C GLY D 102 -11.09 39.49 21.61
N SER D 103 -10.78 40.09 22.75
CA SER D 103 -11.21 41.47 23.05
C SER D 103 -10.63 42.48 22.08
N PRO D 104 -11.29 43.62 21.89
CA PRO D 104 -10.68 44.71 21.11
C PRO D 104 -9.26 45.11 21.53
N GLU D 105 -9.06 45.08 22.84
CA GLU D 105 -7.73 45.23 23.47
C GLU D 105 -6.66 44.20 22.94
N LEU D 106 -6.99 42.91 22.95
CA LEU D 106 -6.06 41.90 22.33
C LEU D 106 -5.89 42.16 20.84
N GLN D 107 -6.97 42.54 20.14
CA GLN D 107 -6.91 42.76 18.70
C GLN D 107 -5.99 43.93 18.27
N GLN D 108 -6.16 45.05 18.95
CA GLN D 108 -5.53 46.30 18.51
C GLN D 108 -4.03 46.35 18.85
N GLY D 109 -3.58 45.59 19.84
CA GLY D 109 -2.16 45.56 20.11
C GLY D 109 -1.48 44.37 19.45
N TRP D 110 -1.61 43.21 20.11
CA TRP D 110 -1.02 41.97 19.59
C TRP D 110 -1.52 41.61 18.20
N GLY D 111 -2.82 41.71 17.97
CA GLY D 111 -3.36 41.34 16.65
C GLY D 111 -2.79 42.15 15.53
N VAL D 112 -2.86 43.46 15.73
CA VAL D 112 -2.45 44.38 14.66
C VAL D 112 -0.98 44.21 14.40
N SER D 113 -0.25 43.98 15.46
CA SER D 113 1.18 43.79 15.40
C SER D 113 1.63 42.55 14.63
N ALA D 114 0.86 41.49 14.76
CA ALA D 114 1.14 40.27 14.00
C ALA D 114 0.88 40.53 12.56
N VAL D 115 -0.23 41.18 12.28
CA VAL D 115 -0.60 41.44 10.86
C VAL D 115 0.37 42.42 10.19
N SER D 116 0.94 43.36 10.95
CA SER D 116 1.90 44.27 10.32
C SER D 116 3.27 43.63 10.16
N GLY D 117 3.52 42.54 10.88
CA GLY D 117 4.79 41.84 10.76
C GLY D 117 5.83 42.30 11.76
N ASP D 118 5.42 43.22 12.63
CA ASP D 118 6.24 43.77 13.70
C ASP D 118 6.52 42.77 14.83
N ARG D 119 5.54 41.96 15.16
CA ARG D 119 5.74 40.92 16.15
C ARG D 119 5.39 39.56 15.51
N ILE D 120 5.93 38.52 16.11
CA ILE D 120 5.63 37.15 15.71
C ILE D 120 4.88 36.48 16.81
N LEU D 121 3.66 36.10 16.50
CA LEU D 121 2.86 35.29 17.40
C LEU D 121 2.92 33.80 16.93
N THR D 122 2.65 32.88 17.83
CA THR D 122 2.49 31.51 17.46
C THR D 122 1.46 30.91 18.40
N VAL D 123 1.20 29.62 18.22
CA VAL D 123 0.26 28.89 19.05
C VAL D 123 0.93 27.59 19.48
N ALA D 124 0.57 27.13 20.65
CA ALA D 124 1.20 25.94 21.25
C ALA D 124 0.16 24.88 21.62
N LEU D 125 -0.31 24.15 20.62
CA LEU D 125 -1.38 23.20 20.86
C LEU D 125 -0.93 21.85 21.39
N ASP D 126 0.33 21.46 21.16
CA ASP D 126 0.78 20.09 21.39
C ASP D 126 1.44 19.93 22.72
N GLY D 127 1.13 18.83 23.40
CA GLY D 127 1.79 18.46 24.65
C GLY D 127 2.88 17.45 24.45
N GLU D 128 3.74 17.34 25.45
CA GLU D 128 4.77 16.33 25.54
C GLU D 128 4.12 15.01 25.80
N GLY D 130 3.20 11.67 27.40
CA GLY D 130 3.20 11.25 28.79
C GLY D 130 2.83 12.33 29.80
N GLU D 131 2.69 13.58 29.37
CA GLU D 131 2.32 14.70 30.24
C GLU D 131 0.91 15.17 29.98
N GLY D 132 0.32 15.86 30.95
CA GLY D 132 -1.04 16.39 30.85
C GLY D 132 -1.06 17.83 30.34
N PRO D 133 -2.27 18.42 30.29
CA PRO D 133 -2.44 19.78 29.80
C PRO D 133 -1.85 20.82 30.70
N VAL D 134 -1.59 21.99 30.16
CA VAL D 134 -1.20 23.14 30.97
C VAL D 134 -2.39 23.41 31.92
N GLN D 135 -2.06 23.75 33.16
CA GLN D 135 -3.08 24.05 34.16
C GLN D 135 -3.09 25.55 34.45
N ALA D 136 -4.28 26.18 34.41
CA ALA D 136 -4.41 27.61 34.72
C ALA D 136 -5.16 27.83 36.04
N ALA D 137 -4.41 28.10 37.10
CA ALA D 137 -5.00 28.43 38.41
C ALA D 137 -5.53 29.89 38.41
N GLY D 138 -6.72 30.11 38.98
CA GLY D 138 -7.27 31.49 39.12
C GLY D 138 -6.54 32.27 40.22
N THR D 139 -6.03 33.47 39.90
CA THR D 139 -5.15 34.29 40.77
C THR D 139 -5.96 34.69 42.01
N GLY D 140 -7.08 35.42 41.91
CA GLY D 140 -7.43 36.26 40.80
C GLY D 140 -6.94 37.64 41.22
N HIS D 141 -7.03 38.63 40.33
CA HIS D 141 -7.79 38.55 39.07
C HIS D 141 -6.85 38.30 37.90
N GLY D 142 -6.85 37.08 37.44
CA GLY D 142 -5.93 36.67 36.42
C GLY D 142 -5.56 35.27 36.76
N TYR D 143 -4.40 34.81 36.28
CA TYR D 143 -4.15 33.36 36.21
C TYR D 143 -2.68 33.01 36.32
N ARG D 144 -2.39 31.84 36.91
CA ARG D 144 -1.00 31.30 36.98
C ARG D 144 -1.00 30.02 36.14
N LEU D 145 -0.14 29.95 35.15
CA LEU D 145 -0.16 28.78 34.27
C LEU D 145 1.02 27.94 34.56
N THR D 146 0.77 26.66 34.73
CA THR D 146 1.84 25.69 34.89
C THR D 146 1.75 24.50 33.94
N GLY D 147 2.81 24.28 33.17
CA GLY D 147 2.87 23.13 32.27
C GLY D 147 3.84 23.34 31.14
N THR D 148 3.79 22.44 30.15
CA THR D 148 4.68 22.54 28.99
C THR D 148 3.84 22.32 27.70
N ARG D 149 4.37 22.78 26.59
CA ARG D 149 3.88 22.46 25.29
C ARG D 149 5.12 22.25 24.45
N THR D 150 5.04 21.45 23.38
CA THR D 150 6.22 21.18 22.58
C THR D 150 5.90 21.29 21.10
N GLN D 151 6.92 21.17 20.26
CA GLN D 151 6.77 21.30 18.81
C GLN D 151 6.07 22.62 18.46
N VAL D 152 6.44 23.68 19.15
CA VAL D 152 5.85 25.00 18.91
C VAL D 152 6.56 25.67 17.74
N GLY D 153 5.83 25.87 16.64
CA GLY D 153 6.41 26.49 15.50
C GLY D 153 6.88 27.91 15.77
N TYR D 154 8.07 28.22 15.33
CA TYR D 154 8.69 29.53 15.59
C TYR D 154 8.77 29.90 17.05
N GLY D 155 8.68 28.90 17.92
CA GLY D 155 8.78 29.15 19.35
C GLY D 155 9.91 30.05 19.84
N PRO D 156 11.14 29.71 19.46
CA PRO D 156 12.34 30.46 19.86
C PRO D 156 12.47 31.87 19.31
N VAL D 157 11.77 32.24 18.26
CA VAL D 157 11.77 33.62 17.79
C VAL D 157 10.45 34.33 17.98
N ALA D 158 9.49 33.74 18.69
CA ALA D 158 8.17 34.35 18.90
C ALA D 158 8.11 35.35 20.07
N ASP D 159 7.32 36.39 19.86
CA ASP D 159 7.07 37.41 20.91
C ASP D 159 6.02 36.97 21.88
N ALA D 160 5.06 36.17 21.43
CA ALA D 160 3.98 35.67 22.28
C ALA D 160 3.36 34.37 21.70
N PHE D 161 2.65 33.62 22.54
CA PHE D 161 2.11 32.29 22.22
C PHE D 161 0.68 32.23 22.68
N LEU D 162 -0.23 31.66 21.90
CA LEU D 162 -1.50 31.27 22.42
C LEU D 162 -1.43 29.85 22.94
N VAL D 163 -1.80 29.72 24.19
CA VAL D 163 -1.59 28.48 24.95
C VAL D 163 -2.95 27.99 25.49
N PRO D 164 -3.40 26.82 25.06
CA PRO D 164 -4.60 26.22 25.65
C PRO D 164 -4.25 25.69 27.04
N ALA D 165 -5.20 25.78 27.97
CA ALA D 165 -4.98 25.36 29.37
C ALA D 165 -6.31 25.06 30.09
N GLU D 166 -6.26 24.15 31.05
CA GLU D 166 -7.44 23.78 31.82
C GLU D 166 -7.61 24.76 32.99
N THR D 167 -8.84 25.23 33.17
CA THR D 167 -9.22 26.11 34.29
C THR D 167 -10.34 25.43 35.04
N ASP D 168 -10.73 25.99 36.17
CA ASP D 168 -11.93 25.53 36.90
C ASP D 168 -13.17 25.60 36.06
N SER D 169 -13.26 26.65 35.25
CA SER D 169 -14.38 26.82 34.35
C SER D 169 -14.27 25.95 33.07
N GLY D 170 -13.24 25.12 32.96
CA GLY D 170 -12.99 24.35 31.73
C GLY D 170 -11.80 24.84 30.92
N ALA D 171 -11.70 24.40 29.68
CA ALA D 171 -10.59 24.77 28.81
C ALA D 171 -10.66 26.21 28.28
N ALA D 172 -9.52 26.86 28.22
CA ALA D 172 -9.46 28.20 27.69
C ALA D 172 -8.11 28.39 27.05
N VAL D 173 -7.97 29.53 26.33
CA VAL D 173 -6.72 29.89 25.61
C VAL D 173 -6.25 31.28 26.04
N PHE D 174 -4.98 31.34 26.39
CA PHE D 174 -4.35 32.47 27.00
C PHE D 174 -3.24 32.96 26.13
N LEU D 175 -3.07 34.28 26.04
CA LEU D 175 -1.91 34.83 25.36
C LEU D 175 -0.81 35.02 26.38
N VAL D 176 0.36 34.45 26.09
CA VAL D 176 1.54 34.45 26.98
C VAL D 176 2.68 35.05 26.20
N ALA D 177 3.27 36.11 26.75
CA ALA D 177 4.41 36.78 26.15
C ALA D 177 5.70 36.11 26.52
N ALA D 178 6.62 36.10 25.58
CA ALA D 178 7.93 35.49 25.76
C ALA D 178 8.62 36.09 26.98
N GLY D 179 8.41 37.36 27.24
CA GLY D 179 9.03 37.94 28.44
C GLY D 179 8.31 37.80 29.78
N ASP D 180 7.09 37.30 29.84
CA ASP D 180 6.40 37.15 31.13
C ASP D 180 7.28 36.29 32.03
N PRO D 181 7.29 36.58 33.34
CA PRO D 181 8.01 35.70 34.25
C PRO D 181 7.39 34.33 34.25
N GLY D 182 8.26 33.34 34.46
CA GLY D 182 7.85 31.95 34.49
C GLY D 182 7.77 31.31 33.07
N VAL D 183 8.20 32.03 32.03
CA VAL D 183 8.09 31.59 30.65
C VAL D 183 9.50 31.30 30.14
N ALA D 184 9.75 30.06 29.73
CA ALA D 184 11.01 29.68 29.10
C ALA D 184 10.80 28.84 27.81
N VAL D 185 11.56 29.18 26.78
CA VAL D 185 11.50 28.54 25.51
C VAL D 185 12.85 27.90 25.21
N THR D 186 12.83 26.63 24.80
CA THR D 186 14.06 25.92 24.45
C THR D 186 13.99 25.51 22.99
N ALA D 187 15.03 25.77 22.23
CA ALA D 187 15.10 25.35 20.83
C ALA D 187 15.19 23.78 20.67
N LEU D 188 14.39 23.26 19.72
CA LEU D 188 14.32 21.84 19.38
C LEU D 188 14.91 21.59 18.02
N ALA D 189 15.60 20.46 17.90
CA ALA D 189 16.16 20.04 16.66
C ALA D 189 15.26 18.91 16.09
N THR D 190 14.67 19.17 14.93
CA THR D 190 13.62 18.34 14.39
C THR D 190 14.01 17.90 13.00
N THR D 191 13.34 16.85 12.52
CA THR D 191 13.50 16.41 11.12
C THR D 191 13.50 17.55 10.13
N GLY D 192 12.50 18.41 10.18
CA GLY D 192 12.39 19.53 9.24
C GLY D 192 13.50 20.58 9.38
N LEU D 193 14.24 20.61 10.48
CA LEU D 193 15.25 21.59 10.74
C LEU D 193 14.76 23.04 10.82
N GLY D 194 13.47 23.21 11.09
CA GLY D 194 12.88 24.52 11.14
C GLY D 194 13.00 25.12 12.53
N SER D 195 12.48 26.31 12.68
CA SER D 195 12.43 26.96 14.00
C SER D 195 11.33 26.32 14.75
N VAL D 196 11.68 25.66 15.86
CA VAL D 196 10.70 24.89 16.65
C VAL D 196 11.11 24.92 18.11
N GLY D 197 10.16 25.18 18.98
CA GLY D 197 10.47 25.24 20.40
C GLY D 197 9.67 24.39 21.34
N HIS D 198 10.24 24.25 22.54
CA HIS D 198 9.56 23.74 23.69
C HIS D 198 9.25 24.88 24.66
N LEU D 199 8.03 24.88 25.17
CA LEU D 199 7.51 25.97 26.01
C LEU D 199 7.30 25.43 27.39
N GLU D 200 8.03 26.00 28.35
CA GLU D 200 7.82 25.72 29.77
C GLU D 200 7.14 26.90 30.53
N LEU D 201 6.01 26.60 31.14
CA LEU D 201 5.31 27.59 31.96
C LEU D 201 5.36 27.13 33.43
N ASN D 202 6.13 27.87 34.22
CA ASN D 202 6.34 27.55 35.61
C ASN D 202 5.61 28.65 36.44
N GLY D 203 4.35 28.48 36.72
CA GLY D 203 3.60 29.55 37.39
C GLY D 203 3.63 30.89 36.68
N ALA D 204 3.39 30.87 35.37
CA ALA D 204 3.49 32.07 34.57
C ALA D 204 2.22 32.88 34.79
N LYS D 205 2.40 34.09 35.30
CA LYS D 205 1.26 34.94 35.67
C LYS D 205 0.74 35.63 34.44
N VAL D 206 -0.56 35.54 34.20
CA VAL D 206 -1.15 36.37 33.17
C VAL D 206 -2.39 37.07 33.70
N ASP D 207 -2.58 38.31 33.29
CA ASP D 207 -3.77 39.05 33.65
C ASP D 207 -5.01 38.46 32.98
N ALA D 208 -6.16 38.62 33.61
CA ALA D 208 -7.44 38.26 33.04
C ALA D 208 -7.61 38.69 31.60
N ALA D 209 -7.11 39.88 31.22
CA ALA D 209 -7.36 40.35 29.88
C ALA D 209 -6.56 39.54 28.81
N ARG D 210 -5.66 38.63 29.26
CA ARG D 210 -4.90 37.74 28.32
C ARG D 210 -5.69 36.48 27.98
N ARG D 211 -6.83 36.28 28.61
CA ARG D 211 -7.66 35.17 28.25
C ARG D 211 -8.37 35.47 26.94
N VAL D 212 -8.02 34.74 25.90
CA VAL D 212 -8.59 34.97 24.57
C VAL D 212 -10.07 34.56 24.51
N GLY D 213 -10.41 33.52 25.26
CA GLY D 213 -11.70 32.89 25.12
C GLY D 213 -11.73 31.51 25.74
N GLY D 214 -12.86 30.83 25.62
CA GLY D 214 -13.03 29.52 26.23
C GLY D 214 -12.70 28.37 25.29
N THR D 215 -13.41 27.26 25.46
CA THR D 215 -13.10 26.04 24.72
C THR D 215 -13.26 26.20 23.23
N ASP D 216 -14.19 27.03 22.78
CA ASP D 216 -14.36 27.21 21.34
C ASP D 216 -13.09 27.76 20.66
N VAL D 217 -12.20 28.44 21.39
CA VAL D 217 -11.00 28.95 20.77
C VAL D 217 -10.06 27.80 20.39
N ALA D 218 -9.84 26.86 21.31
CA ALA D 218 -8.94 25.73 21.12
C ALA D 218 -9.45 24.84 20.01
N VAL D 219 -10.76 24.70 19.88
CA VAL D 219 -11.34 23.90 18.81
C VAL D 219 -11.04 24.54 17.51
N TRP D 220 -11.36 25.82 17.41
CA TRP D 220 -11.10 26.56 16.17
C TRP D 220 -9.60 26.50 15.81
N LEU D 221 -8.72 26.64 16.77
CA LEU D 221 -7.30 26.62 16.45
C LEU D 221 -6.84 25.22 15.94
N GLY D 222 -7.35 24.15 16.58
CA GLY D 222 -7.08 22.78 16.15
C GLY D 222 -7.54 22.58 14.72
N THR D 223 -8.74 22.99 14.38
CA THR D 223 -9.25 22.90 13.02
C THR D 223 -8.43 23.67 11.96
N LEU D 224 -8.11 24.93 12.26
CA LEU D 224 -7.35 25.76 11.34
C LEU D 224 -5.89 25.34 11.21
N SER D 225 -5.35 24.77 12.27
CA SER D 225 -4.01 24.23 12.23
C SER D 225 -3.89 23.07 11.25
N THR D 226 -4.82 22.11 11.35
CA THR D 226 -4.86 21.04 10.38
C THR D 226 -5.02 21.59 8.98
N LEU D 227 -6.00 22.46 8.78
CA LEU D 227 -6.22 22.99 7.43
C LEU D 227 -5.02 23.72 6.87
N SER D 228 -4.38 24.54 7.69
CA SER D 228 -3.27 25.38 7.23
CA SER D 228 -3.26 25.38 7.19
C SER D 228 -2.01 24.55 6.90
N ARG D 229 -1.72 23.54 7.74
CA ARG D 229 -0.62 22.63 7.50
C ARG D 229 -0.84 21.77 6.26
N THR D 230 -2.08 21.35 6.06
CA THR D 230 -2.50 20.70 4.78
C THR D 230 -2.24 21.57 3.56
N ALA D 231 -2.56 22.87 3.65
CA ALA D 231 -2.28 23.76 2.52
C ALA D 231 -0.81 23.86 2.26
N PHE D 232 -0.01 24.08 3.29
CA PHE D 232 1.46 24.22 3.11
C PHE D 232 2.01 22.92 2.52
N GLN D 233 1.50 21.77 3.00
CA GLN D 233 1.90 20.45 2.45
C GLN D 233 1.59 20.28 1.00
N LEU D 234 0.42 20.73 0.57
CA LEU D 234 0.13 20.67 -0.89
C LEU D 234 1.22 21.39 -1.68
N GLY D 235 1.62 22.58 -1.26
CA GLY D 235 2.69 23.31 -1.96
C GLY D 235 4.03 22.58 -1.98
N VAL D 236 4.40 22.01 -0.84
CA VAL D 236 5.59 21.21 -0.75
C VAL D 236 5.53 20.03 -1.74
N LEU D 237 4.42 19.29 -1.77
CA LEU D 237 4.39 18.07 -2.53
C LEU D 237 4.20 18.34 -3.98
N GLU D 238 3.37 19.30 -4.31
CA GLU D 238 3.16 19.55 -5.76
C GLU D 238 4.45 20.05 -6.45
N ARG D 239 5.21 20.89 -5.75
CA ARG D 239 6.50 21.34 -6.26
C ARG D 239 7.48 20.19 -6.23
N GLY D 240 7.53 19.45 -5.14
CA GLY D 240 8.41 18.24 -5.11
C GLY D 240 8.18 17.31 -6.27
N LEU D 241 6.92 17.03 -6.50
CA LEU D 241 6.55 16.13 -7.55
C LEU D 241 6.95 16.71 -8.89
N GLN D 242 6.64 17.97 -9.12
CA GLN D 242 7.05 18.64 -10.41
C GLN D 242 8.56 18.57 -10.62
N THR D 244 10.60 16.34 -9.51
CA THR D 244 10.96 15.00 -9.75
C THR D 244 10.62 14.60 -11.13
N ALA D 245 9.45 15.04 -11.61
CA ALA D 245 9.11 14.81 -13.00
C ALA D 245 10.10 15.43 -13.96
N GLU D 246 10.49 16.67 -13.67
CA GLU D 246 11.45 17.37 -14.55
C GLU D 246 12.75 16.63 -14.53
N TYR D 247 13.20 16.18 -13.34
CA TYR D 247 14.41 15.39 -13.28
C TYR D 247 14.34 14.14 -14.10
N ALA D 248 13.23 13.44 -14.01
CA ALA D 248 13.07 12.19 -14.69
C ALA D 248 12.99 12.34 -16.19
N ARG D 249 12.56 13.51 -16.64
CA ARG D 249 12.45 13.80 -18.06
C ARG D 249 13.80 14.05 -18.69
N THR D 250 14.80 14.36 -17.88
CA THR D 250 16.11 14.82 -18.35
C THR D 250 17.29 13.95 -17.89
N ARG D 251 17.27 13.45 -16.67
CA ARG D 251 18.31 12.56 -16.19
C ARG D 251 18.30 11.28 -17.04
N GLU D 252 19.41 10.96 -17.67
CA GLU D 252 19.54 9.70 -18.46
C GLU D 252 20.43 8.67 -17.82
N GLN D 253 19.97 7.42 -17.92
CA GLN D 253 20.76 6.24 -17.65
C GLN D 253 20.34 5.23 -18.72
N PHE D 254 21.29 4.39 -19.17
CA PHE D 254 21.04 3.41 -20.26
C PHE D 254 20.61 4.12 -21.53
N ASP D 255 21.14 5.32 -21.70
CA ASP D 255 20.91 6.17 -22.83
C ASP D 255 19.48 6.56 -23.00
N ARG D 256 18.74 6.76 -21.91
CA ARG D 256 17.36 7.20 -22.07
C ARG D 256 16.93 7.84 -20.77
N PRO D 257 15.90 8.67 -20.83
CA PRO D 257 15.47 9.32 -19.62
C PRO D 257 14.91 8.29 -18.64
N ILE D 258 15.25 8.45 -17.37
CA ILE D 258 14.79 7.48 -16.36
C ILE D 258 13.29 7.45 -16.30
N GLY D 259 12.70 8.56 -16.73
CA GLY D 259 11.29 8.75 -16.79
C GLY D 259 10.67 7.94 -17.87
N SER D 260 11.48 7.38 -18.78
CA SER D 260 10.93 6.54 -19.80
C SER D 260 10.83 5.06 -19.35
N PHE D 261 11.35 4.69 -18.18
CA PHE D 261 11.09 3.36 -17.67
C PHE D 261 9.69 3.32 -17.08
N GLN D 262 8.89 2.39 -17.55
CA GLN D 262 7.48 2.36 -17.14
C GLN D 262 7.35 2.31 -15.63
N ALA D 263 8.26 1.59 -14.93
CA ALA D 263 8.15 1.52 -13.45
C ALA D 263 8.17 2.90 -12.84
N VAL D 264 9.01 3.78 -13.38
CA VAL D 264 9.12 5.13 -12.86
C VAL D 264 7.87 5.91 -13.16
N GLY D 265 7.37 5.76 -14.39
CA GLY D 265 6.15 6.50 -14.79
C GLY D 265 4.94 6.09 -13.99
N GLN D 266 4.83 4.79 -13.67
CA GLN D 266 3.68 4.31 -12.86
C GLN D 266 3.73 4.95 -11.49
N ARG D 267 4.93 5.03 -10.92
CA ARG D 267 5.07 5.55 -9.56
C ARG D 267 4.85 7.04 -9.50
N LEU D 268 5.34 7.75 -10.47
CA LEU D 268 5.06 9.17 -10.56
C LEU D 268 3.62 9.45 -10.84
N ALA D 269 2.95 8.63 -11.64
CA ALA D 269 1.49 8.80 -11.80
C ALA D 269 0.73 8.62 -10.47
N ASP D 270 1.11 7.58 -9.69
CA ASP D 270 0.49 7.39 -8.39
C ASP D 270 0.73 8.62 -7.52
N GLY D 271 1.90 9.21 -7.62
CA GLY D 271 2.22 10.52 -6.99
C GLY D 271 1.31 11.65 -7.41
N TYR D 272 1.00 11.77 -8.70
CA TYR D 272 0.05 12.75 -9.19
C TYR D 272 -1.29 12.49 -8.56
N ILE D 273 -1.68 11.21 -8.48
CA ILE D 273 -2.98 10.86 -7.91
C ILE D 273 -3.06 11.26 -6.47
N ASP D 274 -2.03 10.97 -5.68
CA ASP D 274 -2.01 11.35 -4.28
C ASP D 274 -2.05 12.85 -4.08
N VAL D 275 -1.24 13.59 -4.84
CA VAL D 275 -1.23 15.01 -4.77
C VAL D 275 -2.57 15.58 -5.18
N LYS D 276 -3.17 15.02 -6.23
CA LYS D 276 -4.49 15.46 -6.63
C LYS D 276 -5.56 15.20 -5.52
N GLY D 277 -5.46 14.06 -4.83
CA GLY D 277 -6.33 13.77 -3.74
C GLY D 277 -6.24 14.80 -2.63
N LEU D 278 -5.02 15.14 -2.33
CA LEU D 278 -4.76 16.18 -1.34
C LEU D 278 -5.39 17.55 -1.81
N ARG D 279 -5.13 17.89 -3.08
CA ARG D 279 -5.64 19.15 -3.62
CA ARG D 279 -5.64 19.13 -3.67
C ARG D 279 -7.15 19.17 -3.51
N LEU D 280 -7.80 18.09 -3.91
CA LEU D 280 -9.27 18.05 -3.82
C LEU D 280 -9.88 18.11 -2.43
N THR D 281 -9.32 17.31 -1.49
CA THR D 281 -9.85 17.32 -0.16
C THR D 281 -9.53 18.63 0.50
N LEU D 282 -8.35 19.19 0.27
CA LEU D 282 -8.06 20.53 0.78
C LEU D 282 -9.09 21.56 0.29
N THR D 283 -9.39 21.48 -1.02
CA THR D 283 -10.38 22.38 -1.58
C THR D 283 -11.71 22.29 -0.85
N GLN D 284 -12.20 21.08 -0.63
CA GLN D 284 -13.48 20.93 0.07
C GLN D 284 -13.40 21.46 1.47
N ALA D 285 -12.33 21.09 2.15
CA ALA D 285 -12.23 21.46 3.55
C ALA D 285 -12.16 23.02 3.71
N ALA D 286 -11.36 23.68 2.85
CA ALA D 286 -11.21 25.14 2.88
C ALA D 286 -12.54 25.83 2.54
N TRP D 287 -13.23 25.35 1.52
CA TRP D 287 -14.52 25.86 1.21
C TRP D 287 -15.45 25.72 2.41
N ARG D 288 -15.47 24.56 3.06
CA ARG D 288 -16.33 24.34 4.24
C ARG D 288 -16.04 25.24 5.40
N VAL D 289 -14.75 25.45 5.66
CA VAL D 289 -14.33 26.29 6.78
C VAL D 289 -14.69 27.74 6.47
N ALA D 290 -14.53 28.15 5.20
CA ALA D 290 -14.94 29.50 4.80
C ALA D 290 -16.46 29.73 4.99
N GLU D 291 -17.26 28.68 4.77
CA GLU D 291 -18.70 28.66 4.99
C GLU D 291 -19.13 29.10 6.38
N ASP D 292 -18.65 28.46 7.46
CA ASP D 292 -18.89 29.00 8.80
C ASP D 292 -17.97 30.19 9.02
N PRO D 302 -19.55 18.20 10.68
CA PRO D 302 -19.31 19.60 10.46
C PRO D 302 -18.15 19.76 9.45
N ALA D 303 -17.50 20.90 9.48
CA ALA D 303 -16.26 21.08 8.76
C ALA D 303 -15.13 20.17 9.31
N ASP D 304 -15.19 19.84 10.61
CA ASP D 304 -14.18 19.03 11.31
C ASP D 304 -13.81 17.73 10.56
N ILE D 305 -14.81 16.96 10.12
CA ILE D 305 -14.56 15.72 9.42
C ILE D 305 -13.90 15.98 8.05
N ASP D 306 -14.37 16.97 7.33
CA ASP D 306 -13.79 17.34 6.02
C ASP D 306 -12.33 17.78 6.15
N VAL D 307 -12.04 18.52 7.18
CA VAL D 307 -10.71 18.95 7.46
C VAL D 307 -9.82 17.74 7.87
N ALA D 308 -10.31 16.80 8.69
CA ALA D 308 -9.52 15.57 9.04
C ALA D 308 -9.30 14.70 7.78
N THR D 309 -10.25 14.70 6.85
CA THR D 309 -10.09 14.00 5.60
C THR D 309 -8.91 14.59 4.81
N ALA D 310 -8.82 15.90 4.72
CA ALA D 310 -7.72 16.49 3.99
C ALA D 310 -6.42 16.32 4.76
N GLY D 311 -6.46 16.46 6.07
CA GLY D 311 -5.25 16.18 6.92
C GLY D 311 -4.69 14.74 6.75
N PHE D 312 -5.60 13.76 6.68
CA PHE D 312 -5.20 12.43 6.35
C PHE D 312 -4.44 12.42 5.03
N TRP D 313 -4.99 13.03 4.01
CA TRP D 313 -4.35 13.11 2.71
C TRP D 313 -2.98 13.81 2.71
N ALA D 314 -2.84 14.84 3.51
CA ALA D 314 -1.53 15.54 3.64
C ALA D 314 -0.48 14.59 4.23
N ALA D 315 -0.89 13.77 5.20
CA ALA D 315 0.06 12.85 5.83
C ALA D 315 0.38 11.70 4.92
N GLU D 316 -0.67 11.19 4.25
CA GLU D 316 -0.54 10.02 3.40
C GLU D 316 0.19 10.27 2.10
N ALA D 317 -0.25 11.30 1.38
CA ALA D 317 0.50 11.74 0.24
C ALA D 317 1.90 12.16 0.68
N GLY D 318 1.97 12.78 1.82
CA GLY D 318 3.26 13.21 2.30
C GLY D 318 4.28 12.08 2.38
N HIS D 319 3.90 10.97 3.02
CA HIS D 319 4.75 9.82 3.12
C HIS D 319 5.13 9.25 1.80
N ARG D 320 4.14 9.01 0.99
CA ARG D 320 4.44 8.33 -0.30
C ARG D 320 5.18 9.22 -1.28
N VAL D 321 4.70 10.44 -1.44
CA VAL D 321 5.34 11.38 -2.36
C VAL D 321 6.73 11.79 -1.95
N ALA D 322 6.96 12.04 -0.67
CA ALA D 322 8.30 12.35 -0.20
C ALA D 322 9.23 11.21 -0.58
N HIS D 323 8.81 9.96 -0.39
CA HIS D 323 9.72 8.85 -0.66
C HIS D 323 9.98 8.74 -2.11
N THR D 324 8.93 8.95 -2.90
CA THR D 324 9.07 8.90 -4.35
C THR D 324 10.08 9.95 -4.83
N ILE D 325 9.96 11.14 -4.30
CA ILE D 325 10.84 12.22 -4.72
C ILE D 325 12.33 11.84 -4.52
N VAL D 326 12.66 11.25 -3.37
CA VAL D 326 14.03 10.88 -3.07
C VAL D 326 14.49 9.68 -3.90
N HIS D 327 13.63 8.66 -4.02
CA HIS D 327 14.04 7.44 -4.67
C HIS D 327 14.31 7.70 -6.15
N VAL D 328 13.43 8.42 -6.77
CA VAL D 328 13.62 8.66 -8.22
C VAL D 328 14.79 9.61 -8.51
N HIS D 329 15.10 10.48 -7.57
CA HIS D 329 16.31 11.29 -7.74
C HIS D 329 17.60 10.55 -7.49
N GLY D 330 17.56 9.47 -6.72
CA GLY D 330 18.78 8.78 -6.32
C GLY D 330 19.63 9.62 -5.42
N GLY D 331 20.96 9.59 -5.62
CA GLY D 331 21.87 10.33 -4.75
C GLY D 331 21.64 11.80 -4.64
N VAL D 332 21.28 12.44 -5.77
CA VAL D 332 20.90 13.82 -5.83
C VAL D 332 19.78 14.13 -4.84
N GLY D 333 18.97 13.15 -4.53
CA GLY D 333 17.83 13.38 -3.62
C GLY D 333 18.24 13.50 -2.17
N VAL D 334 19.43 13.04 -1.82
CA VAL D 334 19.94 13.20 -0.45
C VAL D 334 21.12 14.23 -0.32
N ASP D 335 21.72 14.62 -1.46
CA ASP D 335 22.91 15.48 -1.47
C ASP D 335 22.48 16.88 -1.04
N THR D 336 23.05 17.39 0.04
CA THR D 336 22.61 18.69 0.52
C THR D 336 23.07 19.85 -0.38
N ASP D 337 23.85 19.60 -1.42
CA ASP D 337 24.15 20.64 -2.42
C ASP D 337 22.97 20.89 -3.34
N HIS D 338 21.93 20.06 -3.25
CA HIS D 338 20.76 20.18 -4.10
C HIS D 338 19.58 20.50 -3.23
N PRO D 339 18.56 21.15 -3.81
CA PRO D 339 17.39 21.54 -3.05
C PRO D 339 16.42 20.39 -2.74
N VAL D 340 16.51 19.30 -3.46
CA VAL D 340 15.54 18.20 -3.39
C VAL D 340 15.34 17.72 -1.92
N HIS D 341 16.45 17.47 -1.21
CA HIS D 341 16.36 16.85 0.11
C HIS D 341 15.42 17.57 1.04
N ARG D 342 15.37 18.88 0.95
CA ARG D 342 14.57 19.66 1.96
C ARG D 342 13.09 19.39 1.78
N TYR D 343 12.65 18.94 0.59
CA TYR D 343 11.23 18.59 0.38
C TYR D 343 10.81 17.37 1.15
N PHE D 344 11.71 16.41 1.23
CA PHE D 344 11.47 15.25 2.12
C PHE D 344 11.36 15.67 3.60
N LEU D 345 12.30 16.48 4.03
CA LEU D 345 12.34 16.86 5.44
C LEU D 345 11.04 17.64 5.82
N ALA D 346 10.64 18.58 4.97
CA ALA D 346 9.48 19.43 5.25
C ALA D 346 8.20 18.56 5.19
N ALA D 347 8.09 17.67 4.20
CA ALA D 347 6.95 16.78 4.12
C ALA D 347 6.78 15.90 5.38
N LYS D 348 7.88 15.38 5.88
CA LYS D 348 7.87 14.52 7.04
C LYS D 348 7.55 15.32 8.30
N GLN D 349 8.13 16.47 8.45
CA GLN D 349 7.82 17.30 9.66
C GLN D 349 6.30 17.50 9.74
N THR D 350 5.66 17.84 8.62
CA THR D 350 4.21 18.15 8.64
C THR D 350 3.39 16.89 8.79
N GLU D 351 3.79 15.78 8.13
CA GLU D 351 3.13 14.50 8.34
C GLU D 351 2.93 14.23 9.81
N PHE D 352 4.01 14.26 10.58
CA PHE D 352 3.82 13.98 12.00
C PHE D 352 3.28 15.13 12.84
N ALA D 353 3.46 16.39 12.40
CA ALA D 353 2.81 17.50 13.09
C ALA D 353 1.29 17.34 13.01
N LEU D 354 0.77 16.68 11.95
CA LEU D 354 -0.62 16.37 11.86
C LEU D 354 -1.10 15.20 12.70
N GLY D 355 -0.23 14.55 13.46
CA GLY D 355 -0.57 13.32 14.10
C GLY D 355 -0.46 12.09 13.20
N GLY D 356 0.04 12.23 11.99
CA GLY D 356 0.16 11.12 11.11
C GLY D 356 -1.22 10.83 10.45
N ALA D 357 -1.17 9.98 9.44
CA ALA D 357 -2.38 9.51 8.79
C ALA D 357 -3.32 8.89 9.82
N THR D 358 -2.80 8.09 10.73
CA THR D 358 -3.61 7.45 11.73
C THR D 358 -4.28 8.43 12.68
N GLY D 359 -3.60 9.48 13.14
CA GLY D 359 -4.25 10.48 14.00
C GLY D 359 -5.47 11.07 13.29
N GLN D 360 -5.33 11.42 12.02
CA GLN D 360 -6.41 12.04 11.33
C GLN D 360 -7.56 11.04 11.16
N LEU D 361 -7.23 9.78 10.82
CA LEU D 361 -8.28 8.78 10.66
C LEU D 361 -8.99 8.55 11.98
N ARG D 362 -8.28 8.58 13.07
CA ARG D 362 -8.90 8.40 14.36
C ARG D 362 -9.98 9.44 14.63
N ARG D 363 -9.76 10.68 14.23
CA ARG D 363 -10.76 11.73 14.42
C ARG D 363 -12.00 11.46 13.56
N ILE D 364 -11.76 11.10 12.33
CA ILE D 364 -12.85 10.68 11.44
C ILE D 364 -13.64 9.52 12.05
N GLY D 365 -12.93 8.49 12.50
CA GLY D 365 -13.60 7.25 12.94
C GLY D 365 -14.49 7.53 14.16
N ARG D 366 -14.04 8.39 15.05
CA ARG D 366 -14.83 8.79 16.24
C ARG D 366 -16.16 9.41 15.82
N GLU D 367 -16.11 10.32 14.84
CA GLU D 367 -17.32 10.95 14.32
C GLU D 367 -18.22 9.86 13.72
N LEU D 368 -17.67 8.95 12.90
CA LEU D 368 -18.48 7.85 12.28
C LEU D 368 -19.10 6.90 13.30
N ALA D 369 -18.39 6.68 14.43
CA ALA D 369 -18.91 5.91 15.52
C ALA D 369 -20.03 6.65 16.27
N GLU D 370 -19.79 7.91 16.59
CA GLU D 370 -20.72 8.68 17.48
C GLU D 370 -22.01 9.16 16.81
N THR D 371 -21.93 9.66 15.59
CA THR D 371 -23.07 10.12 14.87
C THR D 371 -23.79 8.97 14.17
N PRO D 372 -25.10 8.91 14.37
CA PRO D 372 -25.79 7.75 13.77
C PRO D 372 -25.72 7.82 12.25
N ALA D 373 -25.54 6.67 11.63
CA ALA D 373 -25.36 6.58 10.20
C ALA D 373 -26.68 6.91 9.47
#